data_5KKL
#
_entry.id   5KKL
#
_cell.length_a   86.254
_cell.length_b   80.559
_cell.length_c   133.220
_cell.angle_alpha   90.00
_cell.angle_beta   107.42
_cell.angle_gamma   90.00
#
_symmetry.space_group_name_H-M   'P 1 21 1'
#
loop_
_entity.id
_entity.type
_entity.pdbx_description
1 polymer 'putative polycomb protein Eed'
2 polymer 'Putative uncharacterized protein,Histone H3.1 peptide,Zinc finger domain-containing protein'
3 polymer ALA-ALA-ARG-M3L-SER-ALA-PRO-ALA
4 non-polymer 'ZINC ION'
5 non-polymer S-ADENOSYLMETHIONINE
#
loop_
_entity_poly.entity_id
_entity_poly.type
_entity_poly.pdbx_seq_one_letter_code
_entity_poly.pdbx_strand_id
1 'polypeptide(L)'
;MASAWSHPQFEKGGGSGGGSGGSAWSHPQFEKLEVLFQGPMPASDSAEWELPRLRTSFIFQDDYKYLGDDGSVSQDLAEF
FDVKFYPYSPPGAPPVFAATSKKHAVICRLTQTTDKDANPCEIIQLIRDDGNEANCASCWSKDPITDQPLLCIAGNEGNV
KVYNVTEGKLYRTLVGHGGGINDLATSPANPYIIASASDDTTIRIWSLAPEHEKQPCVCILGGEGHSYDLLSVAFHDNGR
YVLSAGHDQVINLWALPEFPNEHMEIPIVIYYPHFSSSEIHNNLVDCVAFYGDLILSRACHEDTIVLWRIEGFSSDDPIP
GPLDAPTPTDMTKQTRSYFTPTVSPQSRPAMFTRLAQFHTPDCGVQFFMRFRMYHVPGKHPILAFANAKSKTFFWDLARF
GEYARFMADLKEAQQSYNGRVVVVDQGQGISLAQAQQVHGPGVGVVMKPAWLVPKRVKKAPGAAGSGSGTAANGGHNNNN
NNNNNNNNNNHETGSQRSFSATNNLSNSGRDKESASMVSASPDPDSPFGFSRETLQAWADMYDLSNPVGLIKAHRSLAID
GAFVGRQVGWSPEGEWCVVVGNGNRALIYQRWGKERGLGSGTPGA
;
A
2 'polypeptide(L)'
;SNHHHHHHATPKNTEWTVDKIASALSVLAEEVPQNHSRLVNFLLEETEKRAPQPRHLSKTDPFAHMKSKAIDANRPRPEG
VPTMDVKFKQHSGEYGKSRNSGRRFQYPVVCIKPDREPVPPYRFHHAEIRKNILALNSQLNFVPHLRDVDPNSAEEQKYS
AWLMDLENLDSKSGFKIQPRSQKIAKRAQAEYAATLAPYLEPWLRKLNIEGCTKSNLIRFMASQPESDDSMTPQQKSNLL
DTYSDDMGSPQAVRNASMFTEAWDRVFNDQSKLRRVALRDILMLDKNVEPIFDNKRAKDAPGSQKPPDEALMQKVIDALG
SYTTLGCLICFSHDCEHGEIERDNQKRCFSLEEIGGLMPSLRRKWAAQIEQRQKTEGGSANAPPAHPPCRNECYRIHGTG
DPNQQVPPWSENEVGTLEWMFATIGYSQTLRPECFVGAILGRPCWDVHRKLQELDLRLPPVEPRTIPKQKSLPWYDRRKK
QLMSDWADATITHEHAVRELFAPCHHDGPCTAANGCPCASAGTHPVLCERFCLCTAEECPLKFTGCACHSSGKTCLQRQR
EGRPCICVQLNRECDPTLCKGCGARERADPENAYDEVLHSTGCQNVALQRGAAKAVVLGKSQLEACGYGLFAAEDIEEGE
FVIEYTGELISHDEGVRREHRRGDVFDEENKVSYLFTLLEQEGIWVDAAIYGNLSRYINHATDGNIMPKIMYVNHEWRIK
FTAIKDIKAGEELFFNYGDNFPNLTKKLVERNEQSGAETTPQQPKRANGLVPAGSEVTKAARMSAPKKPLRRPKRRPLLV
PKTTQPLFDPLSKVQLLPGQPLPQHPIDDSWLLLKHRDNLQDFIDLRPEEKEFLQEWDAFILRRHISSEQYLPRYFLRFV
REKADWLVSKRSRGEEFSKLVATLLARRVLPERVVIEATQVLNDARGRLREQGGVIEG
;
B
3 'polypeptide(L)' TKAAR(M3L)SAPAT D
#
# COMPACT_ATOMS: atom_id res chain seq x y z
N ASP A 45 14.06 24.76 -41.60
CA ASP A 45 12.79 25.49 -41.61
C ASP A 45 11.63 24.54 -41.23
N SER A 46 11.23 23.65 -42.17
CA SER A 46 10.20 22.64 -41.99
C SER A 46 10.87 21.33 -41.48
N ALA A 47 12.22 21.37 -41.29
CA ALA A 47 13.05 20.27 -40.80
C ALA A 47 12.67 19.83 -39.39
N GLU A 48 12.12 20.75 -38.56
CA GLU A 48 11.66 20.45 -37.19
C GLU A 48 10.52 19.42 -37.19
N TRP A 49 9.79 19.34 -38.32
CA TRP A 49 8.67 18.41 -38.47
C TRP A 49 9.05 17.02 -38.98
N GLU A 50 10.29 16.80 -39.43
CA GLU A 50 10.65 15.49 -39.97
C GLU A 50 10.74 14.44 -38.86
N LEU A 51 10.46 13.18 -39.23
CA LEU A 51 10.47 12.03 -38.33
C LEU A 51 11.48 11.01 -38.84
N PRO A 52 12.06 10.16 -37.96
CA PRO A 52 13.07 9.19 -38.42
C PRO A 52 12.67 8.25 -39.56
N ARG A 53 13.70 7.80 -40.28
CA ARG A 53 13.65 6.86 -41.40
C ARG A 53 14.78 5.89 -41.16
N LEU A 54 14.55 4.60 -41.42
CA LEU A 54 15.51 3.50 -41.25
C LEU A 54 16.81 3.75 -42.00
N ARG A 55 17.95 3.63 -41.28
CA ARG A 55 19.30 3.86 -41.79
C ARG A 55 20.16 2.59 -41.79
N THR A 56 20.60 2.13 -40.60
CA THR A 56 21.47 0.97 -40.41
C THR A 56 20.74 -0.08 -39.58
N SER A 57 21.03 -1.37 -39.79
CA SER A 57 20.45 -2.46 -39.03
C SER A 57 21.44 -3.60 -38.92
N PHE A 58 21.81 -3.96 -37.68
CA PHE A 58 22.76 -5.05 -37.47
C PHE A 58 22.15 -6.23 -36.71
N ILE A 59 22.58 -7.43 -37.10
CA ILE A 59 22.17 -8.71 -36.51
C ILE A 59 23.40 -9.23 -35.79
N PHE A 60 23.44 -9.04 -34.47
CA PHE A 60 24.53 -9.53 -33.65
C PHE A 60 24.34 -11.07 -33.52
N GLN A 61 25.44 -11.85 -33.51
CA GLN A 61 25.35 -13.32 -33.43
C GLN A 61 24.63 -13.80 -32.17
N ASP A 62 24.17 -15.07 -32.15
CA ASP A 62 23.47 -15.65 -30.99
C ASP A 62 24.45 -15.86 -29.82
N ASP A 63 24.20 -15.13 -28.71
CA ASP A 63 25.03 -15.17 -27.51
C ASP A 63 24.49 -16.13 -26.42
N TYR A 64 23.17 -16.41 -26.42
CA TYR A 64 22.53 -17.33 -25.47
C TYR A 64 22.17 -18.59 -26.26
N LYS A 65 23.07 -19.60 -26.22
CA LYS A 65 22.97 -20.85 -26.98
C LYS A 65 22.68 -22.07 -26.09
N TYR A 66 21.66 -21.94 -25.23
CA TYR A 66 21.17 -22.99 -24.33
C TYR A 66 19.70 -23.27 -24.69
N LEU A 67 19.39 -24.53 -25.06
CA LEU A 67 18.06 -24.99 -25.46
C LEU A 67 17.15 -25.26 -24.27
N ASP A 76 14.17 -18.13 -23.60
CA ASP A 76 15.09 -19.15 -24.07
C ASP A 76 16.06 -18.61 -25.14
N LEU A 77 15.55 -17.96 -26.20
CA LEU A 77 16.35 -17.42 -27.30
C LEU A 77 17.02 -16.08 -26.96
N ALA A 78 18.23 -15.85 -27.53
CA ALA A 78 19.03 -14.64 -27.33
C ALA A 78 18.36 -13.44 -27.94
N GLU A 79 18.13 -12.42 -27.13
CA GLU A 79 17.45 -11.18 -27.53
C GLU A 79 18.18 -9.97 -26.91
N PHE A 80 18.07 -8.80 -27.55
CA PHE A 80 18.64 -7.57 -27.02
C PHE A 80 17.52 -6.92 -26.22
N PHE A 81 17.65 -6.86 -24.88
CA PHE A 81 16.63 -6.31 -23.98
C PHE A 81 16.74 -4.82 -23.67
N ASP A 82 17.96 -4.24 -23.68
CA ASP A 82 18.08 -2.82 -23.32
C ASP A 82 19.11 -2.00 -24.12
N VAL A 83 18.60 -0.90 -24.69
CA VAL A 83 19.39 0.09 -25.43
C VAL A 83 19.34 1.42 -24.66
N LYS A 84 20.52 2.03 -24.37
CA LYS A 84 20.63 3.30 -23.63
C LYS A 84 21.81 4.15 -24.12
N PHE A 85 21.56 5.43 -24.47
CA PHE A 85 22.61 6.37 -24.89
C PHE A 85 23.25 7.00 -23.65
N TYR A 86 24.58 7.28 -23.71
CA TYR A 86 25.30 7.91 -22.60
C TYR A 86 24.85 9.39 -22.48
N PRO A 87 24.31 9.77 -21.30
CA PRO A 87 23.74 11.12 -21.15
C PRO A 87 24.65 12.22 -20.58
N TYR A 88 25.88 11.89 -20.16
CA TYR A 88 26.77 12.85 -19.53
C TYR A 88 27.89 13.41 -20.45
N SER A 89 27.91 13.04 -21.74
CA SER A 89 28.91 13.57 -22.69
C SER A 89 28.58 15.04 -23.06
N PRO A 90 29.60 15.92 -23.30
CA PRO A 90 29.31 17.33 -23.63
C PRO A 90 28.49 17.57 -24.90
N PRO A 91 27.88 18.76 -25.12
CA PRO A 91 27.03 18.94 -26.32
C PRO A 91 27.81 18.86 -27.63
N GLY A 92 27.29 18.06 -28.55
CA GLY A 92 27.88 17.86 -29.86
C GLY A 92 28.69 16.58 -30.01
N ALA A 93 29.18 16.03 -28.88
CA ALA A 93 29.97 14.80 -28.87
C ALA A 93 29.24 13.67 -29.64
N PRO A 94 29.94 12.89 -30.50
CA PRO A 94 29.26 11.79 -31.23
C PRO A 94 28.56 10.84 -30.26
N PRO A 95 27.21 10.64 -30.40
CA PRO A 95 26.47 9.81 -29.43
C PRO A 95 26.95 8.36 -29.28
N VAL A 96 27.14 7.93 -28.01
CA VAL A 96 27.60 6.59 -27.63
C VAL A 96 26.51 5.88 -26.84
N PHE A 97 26.07 4.69 -27.31
CA PHE A 97 25.02 3.90 -26.65
C PHE A 97 25.46 2.48 -26.31
N ALA A 98 24.78 1.87 -25.30
CA ALA A 98 25.02 0.50 -24.86
C ALA A 98 23.80 -0.38 -25.16
N ALA A 99 24.07 -1.58 -25.70
CA ALA A 99 23.04 -2.57 -26.03
C ALA A 99 23.28 -3.84 -25.23
N THR A 100 22.27 -4.24 -24.45
CA THR A 100 22.34 -5.39 -23.56
C THR A 100 21.60 -6.60 -24.14
N SER A 101 22.36 -7.69 -24.40
CA SER A 101 21.82 -8.97 -24.85
C SER A 101 21.74 -9.82 -23.58
N LYS A 102 21.41 -11.13 -23.68
CA LYS A 102 21.30 -11.94 -22.48
C LYS A 102 22.63 -12.13 -21.70
N LYS A 103 23.80 -12.00 -22.37
CA LYS A 103 25.13 -12.18 -21.74
C LYS A 103 26.22 -11.19 -22.20
N HIS A 104 25.85 -10.22 -23.06
CA HIS A 104 26.80 -9.23 -23.56
C HIS A 104 26.34 -7.78 -23.48
N ALA A 105 27.31 -6.85 -23.57
CA ALA A 105 27.13 -5.40 -23.59
C ALA A 105 27.92 -4.82 -24.80
N VAL A 106 27.19 -4.37 -25.83
CA VAL A 106 27.72 -3.80 -27.07
C VAL A 106 27.74 -2.27 -26.93
N ILE A 107 28.91 -1.64 -27.13
CA ILE A 107 29.04 -0.18 -27.01
C ILE A 107 29.42 0.40 -28.37
N CYS A 108 28.54 1.27 -28.91
CA CYS A 108 28.66 1.88 -30.25
C CYS A 108 28.75 3.38 -30.24
N ARG A 109 29.45 3.95 -31.25
CA ARG A 109 29.55 5.39 -31.48
C ARG A 109 28.89 5.69 -32.83
N LEU A 110 27.99 6.68 -32.87
CA LEU A 110 27.35 7.05 -34.12
C LEU A 110 27.85 8.40 -34.60
N THR A 111 28.31 8.45 -35.87
CA THR A 111 28.83 9.67 -36.50
C THR A 111 28.13 9.84 -37.85
N GLN A 112 27.42 10.97 -38.04
CA GLN A 112 26.68 11.26 -39.28
C GLN A 112 27.59 11.26 -40.51
N THR A 113 27.16 10.57 -41.58
CA THR A 113 27.96 10.43 -42.81
C THR A 113 27.28 11.02 -44.03
N THR A 114 28.11 11.47 -44.99
CA THR A 114 27.69 12.05 -46.27
C THR A 114 27.34 10.96 -47.32
N ASP A 115 27.90 9.74 -47.16
CA ASP A 115 27.68 8.60 -48.05
C ASP A 115 26.61 7.65 -47.48
N LYS A 116 25.61 7.30 -48.33
CA LYS A 116 24.47 6.42 -48.00
C LYS A 116 24.82 4.91 -47.98
N ASP A 117 26.07 4.54 -48.36
CA ASP A 117 26.57 3.17 -48.38
C ASP A 117 27.49 2.86 -47.17
N ALA A 118 27.86 3.93 -46.43
CA ALA A 118 28.72 3.89 -45.24
C ALA A 118 27.96 3.56 -43.97
N ASN A 119 28.64 2.93 -43.01
CA ASN A 119 28.09 2.50 -41.72
C ASN A 119 28.53 3.48 -40.61
N PRO A 120 27.57 4.29 -40.06
CA PRO A 120 27.91 5.27 -39.02
C PRO A 120 28.29 4.67 -37.68
N CYS A 121 27.81 3.45 -37.45
CA CYS A 121 28.01 2.69 -36.23
C CYS A 121 29.40 2.04 -36.18
N GLU A 122 30.04 2.13 -35.02
CA GLU A 122 31.37 1.55 -34.77
C GLU A 122 31.43 1.02 -33.34
N ILE A 123 31.54 -0.31 -33.20
CA ILE A 123 31.59 -0.94 -31.88
C ILE A 123 32.98 -0.69 -31.29
N ILE A 124 33.01 0.24 -30.32
CA ILE A 124 34.22 0.71 -29.66
C ILE A 124 34.58 -0.15 -28.43
N GLN A 125 33.61 -0.97 -27.91
CA GLN A 125 33.76 -1.88 -26.77
C GLN A 125 32.69 -2.99 -26.75
N LEU A 126 33.09 -4.25 -26.43
CA LEU A 126 32.23 -5.43 -26.34
C LEU A 126 32.61 -6.30 -25.12
N ILE A 127 31.75 -6.27 -24.10
CA ILE A 127 31.95 -6.98 -22.83
C ILE A 127 31.04 -8.22 -22.72
N ARG A 128 31.53 -9.27 -22.05
CA ARG A 128 30.80 -10.50 -21.80
C ARG A 128 30.75 -10.73 -20.29
N ASP A 129 29.53 -10.78 -19.73
CA ASP A 129 29.36 -11.07 -18.31
C ASP A 129 29.53 -12.58 -18.11
N ASP A 130 30.73 -12.97 -17.62
CA ASP A 130 31.07 -14.37 -17.37
C ASP A 130 30.42 -14.88 -16.10
N GLY A 131 29.23 -15.44 -16.26
CA GLY A 131 28.43 -16.01 -15.19
C GLY A 131 27.34 -16.92 -15.71
N ASN A 132 26.29 -17.11 -14.91
CA ASN A 132 25.12 -17.90 -15.28
C ASN A 132 23.91 -16.98 -15.41
N GLU A 133 24.12 -15.67 -15.13
CA GLU A 133 23.10 -14.62 -15.20
C GLU A 133 22.72 -14.27 -16.65
N ALA A 134 21.39 -14.15 -16.89
CA ALA A 134 20.79 -13.75 -18.14
C ALA A 134 20.30 -12.32 -17.89
N ASN A 135 21.11 -11.35 -18.32
CA ASN A 135 20.89 -9.92 -18.14
C ASN A 135 19.72 -9.38 -18.98
N CYS A 136 19.16 -8.19 -18.60
CA CYS A 136 18.04 -7.50 -19.28
C CYS A 136 17.88 -6.01 -18.89
N ALA A 137 18.34 -5.62 -17.69
CA ALA A 137 18.24 -4.23 -17.21
C ALA A 137 19.59 -3.54 -17.35
N SER A 138 19.59 -2.25 -17.69
CA SER A 138 20.80 -1.48 -17.84
C SER A 138 20.58 0.01 -17.67
N CYS A 139 21.60 0.69 -17.13
CA CYS A 139 21.62 2.15 -16.99
C CYS A 139 23.04 2.65 -16.92
N TRP A 140 23.23 3.94 -17.24
CA TRP A 140 24.53 4.61 -17.23
C TRP A 140 24.74 5.38 -15.94
N SER A 141 26.00 5.56 -15.54
CA SER A 141 26.41 6.32 -14.34
C SER A 141 27.80 6.95 -14.59
N LYS A 142 28.42 7.58 -13.56
CA LYS A 142 29.74 8.22 -13.66
C LYS A 142 30.57 7.85 -12.44
N ASP A 143 31.90 7.71 -12.60
CA ASP A 143 32.79 7.42 -11.47
C ASP A 143 32.77 8.69 -10.59
N PRO A 144 32.31 8.57 -9.31
CA PRO A 144 32.22 9.76 -8.45
C PRO A 144 33.50 10.56 -8.31
N ILE A 145 34.65 9.88 -8.46
CA ILE A 145 35.98 10.46 -8.34
C ILE A 145 36.59 10.88 -9.69
N THR A 146 36.72 9.94 -10.64
CA THR A 146 37.37 10.19 -11.93
C THR A 146 36.43 10.68 -13.04
N ASP A 147 35.09 10.59 -12.83
CA ASP A 147 34.05 10.98 -13.80
C ASP A 147 34.09 10.14 -15.09
N GLN A 148 34.69 8.95 -15.03
CA GLN A 148 34.74 8.04 -16.17
C GLN A 148 33.39 7.29 -16.29
N PRO A 149 32.86 7.05 -17.52
CA PRO A 149 31.56 6.38 -17.65
C PRO A 149 31.49 5.02 -16.98
N LEU A 150 30.31 4.72 -16.39
CA LEU A 150 29.99 3.47 -15.73
C LEU A 150 28.71 2.89 -16.30
N LEU A 151 28.69 1.58 -16.53
CA LEU A 151 27.53 0.90 -17.09
C LEU A 151 27.02 -0.15 -16.13
N CYS A 152 25.76 0.02 -15.69
CA CYS A 152 25.08 -0.91 -14.77
C CYS A 152 24.34 -1.96 -15.56
N ILE A 153 24.51 -3.22 -15.17
CA ILE A 153 23.87 -4.35 -15.84
C ILE A 153 23.33 -5.29 -14.75
N ALA A 154 22.04 -5.66 -14.87
CA ALA A 154 21.36 -6.57 -13.95
C ALA A 154 20.58 -7.62 -14.73
N GLY A 155 20.42 -8.80 -14.12
CA GLY A 155 19.71 -9.90 -14.75
C GLY A 155 18.88 -10.75 -13.82
N ASN A 156 18.83 -12.08 -14.10
CA ASN A 156 18.03 -13.05 -13.37
C ASN A 156 18.68 -13.56 -12.07
N GLU A 157 19.89 -13.08 -11.71
CA GLU A 157 20.58 -13.52 -10.48
C GLU A 157 20.30 -12.58 -9.29
N GLY A 158 20.11 -11.29 -9.58
CA GLY A 158 19.78 -10.29 -8.57
C GLY A 158 20.86 -9.30 -8.19
N ASN A 159 21.94 -9.22 -8.97
CA ASN A 159 23.03 -8.28 -8.65
C ASN A 159 23.20 -7.22 -9.72
N VAL A 160 23.55 -6.00 -9.31
CA VAL A 160 23.79 -4.93 -10.29
C VAL A 160 25.29 -4.88 -10.52
N LYS A 161 25.72 -5.05 -11.76
CA LYS A 161 27.12 -5.09 -12.13
C LYS A 161 27.53 -3.79 -12.82
N VAL A 162 28.39 -2.99 -12.12
CA VAL A 162 28.91 -1.68 -12.58
C VAL A 162 30.23 -1.89 -13.34
N TYR A 163 30.23 -1.64 -14.67
CA TYR A 163 31.40 -1.84 -15.51
C TYR A 163 32.08 -0.55 -15.92
N ASN A 164 33.41 -0.51 -15.74
CA ASN A 164 34.25 0.61 -16.16
C ASN A 164 34.54 0.40 -17.66
N VAL A 165 33.56 0.78 -18.51
CA VAL A 165 33.51 0.61 -19.97
C VAL A 165 34.79 1.04 -20.69
N THR A 166 35.34 2.22 -20.35
CA THR A 166 36.53 2.78 -21.00
C THR A 166 37.81 1.96 -20.74
N GLU A 167 37.90 1.34 -19.55
CA GLU A 167 39.06 0.53 -19.15
C GLU A 167 38.84 -0.98 -19.35
N GLY A 168 37.59 -1.39 -19.56
CA GLY A 168 37.20 -2.78 -19.73
C GLY A 168 37.36 -3.59 -18.45
N LYS A 169 37.07 -2.96 -17.29
CA LYS A 169 37.17 -3.57 -15.96
C LYS A 169 35.84 -3.44 -15.23
N LEU A 170 35.67 -4.18 -14.12
CA LEU A 170 34.48 -4.12 -13.28
C LEU A 170 34.74 -3.12 -12.14
N TYR A 171 33.88 -2.11 -12.02
CA TYR A 171 33.97 -1.10 -10.97
C TYR A 171 33.55 -1.72 -9.64
N ARG A 172 32.26 -2.13 -9.53
CA ARG A 172 31.69 -2.72 -8.33
C ARG A 172 30.41 -3.54 -8.62
N THR A 173 29.87 -4.20 -7.58
CA THR A 173 28.65 -5.02 -7.61
C THR A 173 27.72 -4.64 -6.47
N LEU A 174 26.44 -4.43 -6.81
CA LEU A 174 25.40 -4.06 -5.87
C LEU A 174 24.58 -5.28 -5.47
N VAL A 175 24.86 -5.78 -4.26
CA VAL A 175 24.23 -6.97 -3.68
C VAL A 175 23.18 -6.59 -2.60
N GLY A 176 22.11 -7.39 -2.50
CA GLY A 176 21.01 -7.18 -1.57
C GLY A 176 19.67 -7.73 -2.00
N HIS A 177 19.29 -7.55 -3.30
CA HIS A 177 18.02 -8.01 -3.87
C HIS A 177 17.91 -9.53 -3.85
N GLY A 178 16.77 -10.05 -3.38
CA GLY A 178 16.50 -11.49 -3.24
C GLY A 178 15.80 -12.18 -4.39
N GLY A 179 15.94 -11.61 -5.57
CA GLY A 179 15.39 -12.14 -6.81
C GLY A 179 16.04 -11.42 -7.98
N GLY A 180 15.75 -11.88 -9.19
CA GLY A 180 16.26 -11.25 -10.41
C GLY A 180 15.72 -9.84 -10.60
N ILE A 181 16.57 -8.94 -11.13
CA ILE A 181 16.26 -7.53 -11.42
C ILE A 181 15.78 -7.41 -12.87
N ASN A 182 14.65 -6.70 -13.10
CA ASN A 182 14.05 -6.54 -14.43
C ASN A 182 14.24 -5.15 -15.04
N ASP A 183 14.38 -4.09 -14.19
CA ASP A 183 14.61 -2.73 -14.69
C ASP A 183 15.58 -1.93 -13.80
N LEU A 184 16.40 -1.09 -14.44
CA LEU A 184 17.36 -0.18 -13.82
C LEU A 184 17.11 1.22 -14.35
N ALA A 185 17.17 2.24 -13.46
CA ALA A 185 16.97 3.66 -13.84
C ALA A 185 17.85 4.61 -13.00
N THR A 186 18.43 5.62 -13.67
CA THR A 186 19.33 6.58 -13.01
C THR A 186 18.62 7.91 -12.73
N SER A 187 18.79 8.42 -11.49
CA SER A 187 18.20 9.69 -11.08
C SER A 187 18.67 10.83 -11.98
N PRO A 188 17.74 11.55 -12.63
CA PRO A 188 18.14 12.67 -13.49
C PRO A 188 18.79 13.77 -12.65
N ALA A 189 18.36 13.89 -11.39
CA ALA A 189 18.86 14.85 -10.41
C ALA A 189 20.25 14.50 -9.84
N ASN A 190 20.64 13.22 -9.84
CA ASN A 190 21.91 12.76 -9.27
C ASN A 190 22.46 11.53 -10.03
N PRO A 191 23.61 11.66 -10.74
CA PRO A 191 24.12 10.51 -11.53
C PRO A 191 24.61 9.31 -10.75
N TYR A 192 24.68 9.41 -9.41
CA TYR A 192 25.16 8.31 -8.56
C TYR A 192 24.00 7.51 -7.97
N ILE A 193 22.74 8.00 -8.12
CA ILE A 193 21.53 7.33 -7.64
C ILE A 193 21.01 6.36 -8.73
N ILE A 194 20.74 5.10 -8.33
CA ILE A 194 20.25 4.03 -9.19
C ILE A 194 19.06 3.36 -8.52
N ALA A 195 17.96 3.22 -9.26
CA ALA A 195 16.78 2.50 -8.79
C ALA A 195 16.70 1.12 -9.50
N SER A 196 16.55 0.04 -8.71
CA SER A 196 16.40 -1.31 -9.26
C SER A 196 15.07 -1.92 -8.85
N ALA A 197 14.36 -2.52 -9.84
CA ALA A 197 13.07 -3.21 -9.71
C ALA A 197 13.33 -4.69 -9.86
N SER A 198 13.03 -5.46 -8.80
CA SER A 198 13.29 -6.90 -8.77
C SER A 198 12.06 -7.80 -8.55
N ASP A 199 12.23 -9.10 -8.83
CA ASP A 199 11.23 -10.14 -8.67
C ASP A 199 10.88 -10.35 -7.20
N ASP A 200 11.70 -9.77 -6.29
CA ASP A 200 11.47 -9.85 -4.84
C ASP A 200 10.33 -8.89 -4.44
N THR A 201 9.69 -8.30 -5.46
CA THR A 201 8.59 -7.33 -5.47
C THR A 201 9.01 -5.97 -4.92
N THR A 202 10.30 -5.79 -4.55
CA THR A 202 10.80 -4.52 -3.98
C THR A 202 11.67 -3.68 -4.95
N ILE A 203 11.89 -2.39 -4.58
CA ILE A 203 12.74 -1.42 -5.28
C ILE A 203 13.83 -1.02 -4.30
N ARG A 204 15.10 -1.17 -4.71
CA ARG A 204 16.23 -0.73 -3.90
C ARG A 204 16.81 0.53 -4.53
N ILE A 205 17.09 1.54 -3.70
CA ILE A 205 17.69 2.80 -4.19
C ILE A 205 19.15 2.76 -3.75
N TRP A 206 20.07 2.87 -4.72
CA TRP A 206 21.52 2.77 -4.48
C TRP A 206 22.27 4.08 -4.74
N SER A 207 23.36 4.30 -4.00
CA SER A 207 24.23 5.44 -4.16
C SER A 207 25.66 5.00 -4.42
N LEU A 208 26.19 5.37 -5.58
CA LEU A 208 27.57 5.08 -5.96
C LEU A 208 28.56 6.12 -5.41
N ALA A 209 28.08 7.04 -4.53
CA ALA A 209 28.86 8.08 -3.85
C ALA A 209 29.91 7.46 -2.92
N PRO A 210 31.09 8.13 -2.75
CA PRO A 210 32.13 7.58 -1.86
C PRO A 210 31.69 7.43 -0.41
N GLU A 211 30.75 8.28 0.05
CA GLU A 211 30.18 8.22 1.39
C GLU A 211 29.27 6.99 1.60
N HIS A 212 28.83 6.34 0.49
CA HIS A 212 27.95 5.16 0.48
C HIS A 212 28.64 3.94 -0.17
N GLU A 213 29.81 3.56 0.37
CA GLU A 213 30.58 2.43 -0.18
C GLU A 213 30.34 1.16 0.58
N LYS A 214 30.43 1.22 1.92
CA LYS A 214 30.25 0.07 2.83
C LYS A 214 28.83 -0.48 2.74
N GLN A 215 27.86 0.43 2.63
CA GLN A 215 26.43 0.22 2.54
C GLN A 215 25.92 1.17 1.40
N PRO A 216 25.80 0.65 0.14
CA PRO A 216 25.37 1.51 -0.97
C PRO A 216 23.85 1.70 -1.10
N CYS A 217 23.05 0.81 -0.47
CA CYS A 217 21.59 0.88 -0.47
C CYS A 217 21.07 1.98 0.48
N VAL A 218 20.64 3.08 -0.10
CA VAL A 218 20.15 4.27 0.61
C VAL A 218 18.66 4.18 0.97
N CYS A 219 17.90 3.34 0.27
CA CYS A 219 16.46 3.27 0.46
C CYS A 219 15.84 1.95 -0.04
N ILE A 220 14.73 1.53 0.59
CA ILE A 220 13.96 0.36 0.16
C ILE A 220 12.48 0.74 0.07
N LEU A 221 11.86 0.52 -1.09
CA LEU A 221 10.42 0.77 -1.28
C LEU A 221 9.71 -0.60 -1.14
N GLY A 222 9.30 -0.89 0.08
CA GLY A 222 8.67 -2.15 0.42
C GLY A 222 7.22 -2.08 0.81
N GLY A 223 6.95 -2.48 2.05
CA GLY A 223 5.62 -2.55 2.61
C GLY A 223 4.78 -3.58 1.88
N GLU A 224 3.51 -3.26 1.64
CA GLU A 224 2.62 -4.19 0.94
C GLU A 224 2.15 -3.61 -0.41
N GLY A 225 2.74 -2.45 -0.79
CA GLY A 225 2.47 -1.71 -2.02
C GLY A 225 2.43 -2.56 -3.28
N HIS A 226 3.30 -3.59 -3.35
CA HIS A 226 3.39 -4.55 -4.45
C HIS A 226 3.31 -5.98 -3.93
N SER A 227 2.74 -6.89 -4.72
CA SER A 227 2.54 -8.28 -4.30
C SER A 227 3.21 -9.31 -5.21
N TYR A 228 3.55 -8.91 -6.44
CA TYR A 228 4.24 -9.77 -7.38
C TYR A 228 5.38 -9.00 -8.08
N ASP A 229 6.25 -9.77 -8.77
CA ASP A 229 7.43 -9.40 -9.55
C ASP A 229 7.26 -8.05 -10.29
N LEU A 230 8.18 -7.11 -10.01
CA LEU A 230 8.13 -5.78 -10.64
C LEU A 230 8.79 -5.75 -12.00
N LEU A 231 8.19 -5.04 -12.99
CA LEU A 231 8.71 -5.02 -14.35
C LEU A 231 9.25 -3.68 -14.83
N SER A 232 8.74 -2.57 -14.24
CA SER A 232 9.16 -1.22 -14.58
C SER A 232 9.37 -0.34 -13.36
N VAL A 233 10.40 0.51 -13.44
CA VAL A 233 10.82 1.53 -12.49
C VAL A 233 11.18 2.79 -13.31
N ALA A 234 10.62 3.93 -12.92
CA ALA A 234 10.80 5.19 -13.63
C ALA A 234 11.07 6.29 -12.64
N PHE A 235 11.84 7.31 -13.05
CA PHE A 235 12.17 8.47 -12.23
C PHE A 235 11.49 9.72 -12.75
N HIS A 236 11.27 10.68 -11.84
CA HIS A 236 10.78 11.99 -12.19
C HIS A 236 12.04 12.82 -12.35
N ASP A 237 12.00 13.87 -13.18
CA ASP A 237 13.17 14.70 -13.35
C ASP A 237 13.69 15.30 -12.03
N ASN A 238 12.80 15.60 -11.06
CA ASN A 238 13.24 16.12 -9.78
C ASN A 238 14.07 15.11 -8.94
N GLY A 239 14.11 13.85 -9.40
CA GLY A 239 14.80 12.76 -8.73
C GLY A 239 14.19 12.34 -7.39
N ARG A 240 13.03 12.93 -7.02
CA ARG A 240 12.33 12.66 -5.76
C ARG A 240 11.14 11.70 -5.91
N TYR A 241 10.58 11.61 -7.11
CA TYR A 241 9.47 10.71 -7.35
C TYR A 241 9.87 9.54 -8.19
N VAL A 242 9.41 8.35 -7.76
CA VAL A 242 9.65 7.10 -8.44
C VAL A 242 8.31 6.44 -8.79
N LEU A 243 8.18 5.95 -10.04
CA LEU A 243 7.06 5.16 -10.50
C LEU A 243 7.54 3.71 -10.48
N SER A 244 6.65 2.77 -10.08
CA SER A 244 6.90 1.33 -10.09
C SER A 244 5.64 0.61 -10.56
N ALA A 245 5.82 -0.47 -11.33
CA ALA A 245 4.75 -1.29 -11.88
C ALA A 245 5.27 -2.70 -12.09
N GLY A 246 4.36 -3.64 -12.33
CA GLY A 246 4.70 -5.04 -12.56
C GLY A 246 3.53 -5.96 -12.80
N HIS A 247 3.71 -7.23 -12.45
CA HIS A 247 2.73 -8.30 -12.63
C HIS A 247 1.46 -8.16 -11.83
N ASP A 248 1.53 -7.55 -10.62
CA ASP A 248 0.39 -7.34 -9.72
C ASP A 248 -0.66 -6.33 -10.26
N GLN A 249 -0.36 -5.68 -11.41
CA GLN A 249 -1.20 -4.74 -12.16
C GLN A 249 -1.30 -3.33 -11.55
N VAL A 250 -0.57 -3.11 -10.43
CA VAL A 250 -0.52 -1.87 -9.64
C VAL A 250 0.56 -0.88 -10.11
N ILE A 251 0.18 0.40 -10.26
CA ILE A 251 1.10 1.49 -10.60
C ILE A 251 1.18 2.35 -9.32
N ASN A 252 2.39 2.42 -8.74
CA ASN A 252 2.71 3.15 -7.52
C ASN A 252 3.61 4.36 -7.75
N LEU A 253 3.32 5.47 -7.09
CA LEU A 253 4.16 6.65 -7.17
C LEU A 253 4.66 6.82 -5.76
N TRP A 254 6.00 6.90 -5.59
CA TRP A 254 6.66 7.03 -4.30
C TRP A 254 7.43 8.33 -4.22
N ALA A 255 7.43 8.94 -3.03
CA ALA A 255 8.22 10.15 -2.77
C ALA A 255 9.43 9.70 -1.89
N LEU A 256 10.65 9.97 -2.38
CA LEU A 256 11.88 9.61 -1.69
C LEU A 256 12.32 10.76 -0.76
N PRO A 257 12.89 10.43 0.41
CA PRO A 257 13.39 11.49 1.29
C PRO A 257 14.75 12.01 0.80
N GLU A 258 15.32 12.94 1.58
CA GLU A 258 16.64 13.43 1.24
C GLU A 258 17.65 12.54 1.93
N PHE A 259 18.64 12.07 1.17
CA PHE A 259 19.64 11.16 1.72
C PHE A 259 20.85 11.92 2.25
N PRO A 260 21.28 11.63 3.50
CA PRO A 260 22.43 12.35 4.08
C PRO A 260 23.75 12.04 3.39
N ASN A 261 24.66 13.03 3.31
CA ASN A 261 25.99 12.82 2.74
C ASN A 261 26.92 12.26 3.84
N GLU A 262 26.59 11.02 4.27
CA GLU A 262 27.27 10.27 5.32
C GLU A 262 26.95 8.77 5.16
N HIS A 263 27.61 7.92 5.98
CA HIS A 263 27.39 6.48 5.97
C HIS A 263 26.00 6.15 6.53
N MET A 264 25.26 5.28 5.83
CA MET A 264 23.95 4.82 6.27
C MET A 264 24.04 3.40 6.78
N GLU A 265 23.87 3.20 8.10
CA GLU A 265 23.92 1.86 8.72
C GLU A 265 22.81 0.97 8.14
N ILE A 266 21.62 1.57 7.91
CA ILE A 266 20.46 0.88 7.34
C ILE A 266 19.75 1.77 6.32
N PRO A 267 19.17 1.19 5.24
CA PRO A 267 18.44 2.03 4.27
C PRO A 267 17.12 2.51 4.84
N ILE A 268 16.62 3.64 4.31
CA ILE A 268 15.32 4.16 4.71
C ILE A 268 14.24 3.31 4.05
N VAL A 269 13.44 2.61 4.86
CA VAL A 269 12.36 1.80 4.30
C VAL A 269 11.10 2.68 4.14
N ILE A 270 10.45 2.56 2.96
CA ILE A 270 9.22 3.26 2.61
C ILE A 270 8.13 2.21 2.50
N TYR A 271 7.16 2.27 3.42
CA TYR A 271 6.12 1.27 3.54
C TYR A 271 4.94 1.47 2.60
N TYR A 272 4.56 2.74 2.33
CA TYR A 272 3.41 3.06 1.47
C TYR A 272 3.77 4.01 0.35
N PRO A 273 3.18 3.83 -0.85
CA PRO A 273 3.35 4.83 -1.91
C PRO A 273 2.44 6.04 -1.64
N HIS A 274 2.68 7.15 -2.34
CA HIS A 274 1.89 8.38 -2.19
C HIS A 274 0.61 8.37 -3.10
N PHE A 275 0.64 7.53 -4.14
CA PHE A 275 -0.44 7.24 -5.09
C PHE A 275 -0.25 5.80 -5.43
N SER A 276 -1.33 5.03 -5.42
CA SER A 276 -1.33 3.62 -5.79
C SER A 276 -2.64 3.30 -6.46
N SER A 277 -2.57 2.70 -7.65
CA SER A 277 -3.77 2.31 -8.41
C SER A 277 -3.51 1.18 -9.36
N SER A 278 -4.48 0.28 -9.44
CA SER A 278 -4.46 -0.85 -10.35
C SER A 278 -5.59 -0.73 -11.39
N GLU A 279 -6.29 0.42 -11.40
CA GLU A 279 -7.45 0.66 -12.26
C GLU A 279 -7.18 1.34 -13.59
N ILE A 280 -5.92 1.74 -13.89
CA ILE A 280 -5.61 2.39 -15.17
C ILE A 280 -5.63 1.37 -16.30
N HIS A 281 -5.11 0.17 -16.03
CA HIS A 281 -5.00 -0.96 -16.96
C HIS A 281 -5.64 -2.18 -16.32
N ASN A 282 -6.19 -3.10 -17.14
CA ASN A 282 -6.81 -4.35 -16.65
C ASN A 282 -5.90 -5.57 -16.83
N ASN A 283 -4.59 -5.33 -17.04
CA ASN A 283 -3.55 -6.33 -17.29
C ASN A 283 -2.20 -5.91 -16.66
N LEU A 284 -1.18 -6.80 -16.71
CA LEU A 284 0.16 -6.54 -16.17
C LEU A 284 0.82 -5.36 -16.86
N VAL A 285 1.40 -4.44 -16.08
CA VAL A 285 2.08 -3.25 -16.61
C VAL A 285 3.59 -3.54 -16.77
N ASP A 286 4.13 -3.36 -18.00
CA ASP A 286 5.54 -3.66 -18.27
C ASP A 286 6.40 -2.42 -18.52
N CYS A 287 5.77 -1.31 -18.89
CA CYS A 287 6.51 -0.08 -19.05
C CYS A 287 5.74 1.10 -18.49
N VAL A 288 6.39 1.86 -17.61
CA VAL A 288 5.88 3.06 -16.96
C VAL A 288 6.95 4.16 -17.11
N ALA A 289 6.50 5.41 -17.30
CA ALA A 289 7.38 6.56 -17.47
C ALA A 289 6.69 7.85 -17.11
N PHE A 290 7.49 8.87 -16.76
CA PHE A 290 6.99 10.22 -16.51
C PHE A 290 7.16 11.03 -17.79
N TYR A 291 6.19 11.90 -18.07
CA TYR A 291 6.21 12.88 -19.16
C TYR A 291 5.74 14.16 -18.50
N GLY A 292 6.70 14.91 -17.94
CA GLY A 292 6.41 16.07 -17.12
C GLY A 292 5.90 15.51 -15.81
N ASP A 293 4.68 15.94 -15.42
CA ASP A 293 3.98 15.42 -14.23
C ASP A 293 2.92 14.41 -14.70
N LEU A 294 2.81 14.24 -16.04
CA LEU A 294 1.89 13.30 -16.67
C LEU A 294 2.54 11.94 -16.69
N ILE A 295 1.72 10.88 -16.73
CA ILE A 295 2.19 9.48 -16.77
C ILE A 295 1.82 8.80 -18.10
N LEU A 296 2.79 8.06 -18.64
CA LEU A 296 2.65 7.19 -19.80
C LEU A 296 2.93 5.77 -19.24
N SER A 297 2.10 4.79 -19.62
CA SER A 297 2.26 3.39 -19.23
C SER A 297 1.60 2.44 -20.22
N ARG A 298 2.08 1.19 -20.29
CA ARG A 298 1.48 0.18 -21.15
C ARG A 298 1.30 -1.17 -20.45
N ALA A 299 0.27 -1.92 -20.86
CA ALA A 299 -0.05 -3.23 -20.31
C ALA A 299 -0.21 -4.31 -21.41
N CYS A 300 -0.11 -5.58 -21.02
CA CYS A 300 -0.25 -6.72 -21.94
C CYS A 300 -1.70 -6.80 -22.48
N HIS A 301 -1.91 -7.32 -23.73
CA HIS A 301 -3.23 -7.48 -24.37
C HIS A 301 -4.07 -6.20 -24.53
N GLU A 302 -3.46 -5.01 -24.48
CA GLU A 302 -4.27 -3.79 -24.55
C GLU A 302 -4.11 -2.96 -25.83
N ASP A 303 -3.00 -3.17 -26.58
CA ASP A 303 -2.66 -2.46 -27.85
C ASP A 303 -2.54 -0.94 -27.71
N THR A 304 -2.33 -0.42 -26.51
CA THR A 304 -2.23 1.02 -26.28
C THR A 304 -1.12 1.41 -25.32
N ILE A 305 -0.66 2.66 -25.44
CA ILE A 305 0.24 3.34 -24.52
C ILE A 305 -0.67 4.43 -23.95
N VAL A 306 -0.97 4.35 -22.66
CA VAL A 306 -1.91 5.25 -22.02
C VAL A 306 -1.23 6.49 -21.40
N LEU A 307 -1.70 7.66 -21.81
CA LEU A 307 -1.30 8.95 -21.28
C LEU A 307 -2.43 9.36 -20.37
N TRP A 308 -2.11 9.40 -19.10
CA TRP A 308 -3.04 9.72 -18.03
C TRP A 308 -2.39 10.69 -17.05
N ARG A 309 -3.07 10.96 -15.92
CA ARG A 309 -2.55 11.89 -14.92
C ARG A 309 -3.16 11.72 -13.52
N ILE A 310 -2.34 11.98 -12.49
CA ILE A 310 -2.77 11.95 -11.10
C ILE A 310 -3.38 13.32 -10.85
N GLU A 311 -4.63 13.30 -10.39
CA GLU A 311 -5.38 14.50 -10.03
C GLU A 311 -4.77 15.07 -8.74
N GLY A 312 -4.33 16.33 -8.83
CA GLY A 312 -3.71 17.05 -7.73
C GLY A 312 -2.21 16.93 -7.70
N PHE A 313 -1.61 16.14 -8.61
CA PHE A 313 -0.17 15.98 -8.58
C PHE A 313 0.53 17.01 -9.41
N SER A 314 1.47 17.71 -8.74
CA SER A 314 2.32 18.73 -9.32
C SER A 314 3.68 18.68 -8.67
N SER A 315 4.71 18.55 -9.49
CA SER A 315 6.08 18.49 -9.03
C SER A 315 6.59 19.88 -8.62
N ASP A 316 5.72 20.91 -8.76
CA ASP A 316 5.99 22.30 -8.35
C ASP A 316 5.62 22.55 -6.91
N ASP A 317 4.95 21.58 -6.27
CA ASP A 317 4.51 21.66 -4.88
C ASP A 317 5.57 20.98 -3.96
N PRO A 318 5.51 21.15 -2.60
CA PRO A 318 6.53 20.50 -1.75
C PRO A 318 6.38 18.97 -1.67
N ILE A 319 7.52 18.24 -1.63
CA ILE A 319 7.55 16.77 -1.59
C ILE A 319 6.91 16.29 -0.27
N PRO A 320 5.84 15.46 -0.33
CA PRO A 320 5.20 15.02 0.92
C PRO A 320 6.09 14.10 1.75
N GLY A 321 5.80 14.06 3.05
CA GLY A 321 6.53 13.23 3.99
C GLY A 321 6.15 11.77 3.90
N PRO A 322 6.79 10.88 4.68
CA PRO A 322 6.39 9.47 4.63
C PRO A 322 5.03 9.25 5.33
N LEU A 323 4.70 10.06 6.34
CA LEU A 323 3.47 9.94 7.12
C LEU A 323 2.26 10.70 6.51
N ASP A 324 2.38 11.09 5.24
CA ASP A 324 1.35 11.78 4.50
C ASP A 324 0.71 10.79 3.53
N ALA A 325 1.44 9.70 3.24
CA ALA A 325 1.08 8.62 2.33
C ALA A 325 -0.24 7.96 2.72
N PRO A 326 -1.10 7.62 1.71
CA PRO A 326 -2.34 6.90 2.03
C PRO A 326 -2.08 5.42 2.30
N THR A 327 -2.63 4.93 3.41
CA THR A 327 -2.55 3.52 3.84
C THR A 327 -3.83 2.84 3.34
N PRO A 328 -3.79 1.52 3.02
CA PRO A 328 -5.01 0.87 2.48
C PRO A 328 -5.98 0.37 3.53
N THR A 329 -6.96 1.19 3.91
CA THR A 329 -7.93 0.81 4.95
C THR A 329 -9.06 -0.03 4.36
N ASP A 330 -9.79 0.58 3.41
CA ASP A 330 -10.87 -0.09 2.71
C ASP A 330 -10.28 -0.77 1.49
N MET A 331 -10.29 -2.11 1.53
CA MET A 331 -9.75 -2.95 0.46
C MET A 331 -10.65 -2.97 -0.78
N THR A 332 -11.94 -2.65 -0.59
CA THR A 332 -12.92 -2.54 -1.66
C THR A 332 -12.69 -1.24 -2.46
N LYS A 333 -11.42 -0.71 -2.45
CA LYS A 333 -10.96 0.50 -3.17
C LYS A 333 -9.59 0.22 -3.76
N GLN A 334 -9.51 0.18 -5.09
CA GLN A 334 -8.26 -0.14 -5.79
C GLN A 334 -7.44 1.07 -6.22
N THR A 335 -7.77 2.27 -5.70
CA THR A 335 -7.01 3.49 -5.98
C THR A 335 -7.01 4.34 -4.73
N ARG A 336 -5.84 4.88 -4.39
CA ARG A 336 -5.70 5.78 -3.26
C ARG A 336 -4.63 6.84 -3.58
N SER A 337 -4.83 8.10 -3.11
CA SER A 337 -3.91 9.18 -3.43
C SER A 337 -3.81 10.23 -2.36
N TYR A 338 -2.59 10.69 -2.12
CA TYR A 338 -2.34 11.77 -1.19
C TYR A 338 -2.80 13.10 -1.88
N PHE A 339 -2.44 13.25 -3.16
CA PHE A 339 -2.64 14.41 -3.99
C PHE A 339 -4.09 14.87 -4.24
N THR A 340 -5.08 13.99 -4.15
CA THR A 340 -6.50 14.29 -4.44
C THR A 340 -6.95 15.68 -4.01
N PRO A 341 -7.45 16.53 -4.94
CA PRO A 341 -7.94 17.86 -4.55
C PRO A 341 -9.16 17.75 -3.63
N THR A 342 -9.20 18.60 -2.59
CA THR A 342 -10.26 18.63 -1.58
C THR A 342 -11.62 19.14 -2.15
N VAL A 343 -11.59 20.16 -3.03
CA VAL A 343 -12.80 20.75 -3.62
C VAL A 343 -13.41 19.81 -4.67
N SER A 344 -14.70 19.42 -4.45
CA SER A 344 -15.50 18.54 -5.31
C SER A 344 -16.96 18.44 -4.83
N PRO A 345 -17.94 18.27 -5.76
CA PRO A 345 -19.34 18.06 -5.33
C PRO A 345 -19.63 16.57 -5.09
N GLN A 346 -18.65 15.70 -5.47
CA GLN A 346 -18.67 14.24 -5.37
C GLN A 346 -17.84 13.76 -4.16
N SER A 347 -18.46 12.92 -3.27
CA SER A 347 -17.84 12.37 -2.04
C SER A 347 -16.56 11.61 -2.34
N ARG A 348 -16.51 10.99 -3.53
CA ARG A 348 -15.37 10.29 -4.09
C ARG A 348 -14.87 11.18 -5.25
N PRO A 349 -13.84 12.02 -5.05
CA PRO A 349 -13.33 12.82 -6.19
C PRO A 349 -12.39 11.92 -7.03
N ALA A 350 -12.38 12.11 -8.39
CA ALA A 350 -11.52 11.31 -9.27
C ALA A 350 -10.04 11.51 -8.88
N MET A 351 -9.30 10.41 -8.65
CA MET A 351 -7.91 10.49 -8.21
C MET A 351 -6.92 10.54 -9.36
N PHE A 352 -7.35 10.06 -10.53
CA PHE A 352 -6.60 10.06 -11.79
C PHE A 352 -7.55 10.39 -12.93
N THR A 353 -7.01 10.65 -14.13
CA THR A 353 -7.76 10.98 -15.35
C THR A 353 -7.06 10.43 -16.58
N ARG A 354 -7.78 9.63 -17.37
CA ARG A 354 -7.27 9.04 -18.61
C ARG A 354 -7.32 10.13 -19.70
N LEU A 355 -6.17 10.51 -20.26
CA LEU A 355 -6.19 11.59 -21.24
C LEU A 355 -6.17 11.11 -22.67
N ALA A 356 -5.23 10.23 -23.02
CA ALA A 356 -5.10 9.74 -24.39
C ALA A 356 -4.53 8.36 -24.46
N GLN A 357 -4.90 7.61 -25.50
CA GLN A 357 -4.42 6.25 -25.73
C GLN A 357 -3.75 6.19 -27.10
N PHE A 358 -2.43 5.97 -27.07
CA PHE A 358 -1.58 5.88 -28.25
C PHE A 358 -1.74 4.50 -28.77
N HIS A 359 -2.33 4.39 -29.95
CA HIS A 359 -2.61 3.11 -30.52
C HIS A 359 -1.37 2.39 -31.02
N THR A 360 -0.99 1.34 -30.32
CA THR A 360 0.16 0.53 -30.64
C THR A 360 -0.35 -0.92 -30.93
N PRO A 361 -0.90 -1.14 -32.17
CA PRO A 361 -1.47 -2.45 -32.50
C PRO A 361 -0.49 -3.58 -32.74
N ASP A 362 -1.04 -4.80 -32.72
CA ASP A 362 -0.38 -6.09 -32.94
C ASP A 362 0.80 -6.30 -31.97
N CYS A 363 0.44 -6.48 -30.70
CA CYS A 363 1.32 -6.75 -29.57
C CYS A 363 0.85 -8.09 -28.98
N GLY A 364 -0.49 -8.22 -28.86
CA GLY A 364 -1.16 -9.41 -28.35
C GLY A 364 -0.76 -9.76 -26.95
N VAL A 365 -0.33 -11.02 -26.76
CA VAL A 365 0.11 -11.61 -25.49
C VAL A 365 1.57 -11.27 -25.16
N GLN A 366 2.28 -10.56 -26.06
CA GLN A 366 3.68 -10.17 -25.84
C GLN A 366 3.86 -9.08 -24.78
N PHE A 367 4.77 -9.36 -23.81
CA PHE A 367 5.13 -8.43 -22.75
C PHE A 367 6.67 -8.30 -22.58
N PHE A 368 7.08 -7.20 -21.92
CA PHE A 368 8.45 -6.73 -21.69
C PHE A 368 8.96 -5.96 -22.93
N MET A 369 8.05 -5.09 -23.45
CA MET A 369 8.22 -4.18 -24.58
C MET A 369 8.13 -2.76 -24.02
N ARG A 370 9.16 -1.95 -24.28
CA ARG A 370 9.25 -0.62 -23.71
C ARG A 370 9.33 0.47 -24.75
N PHE A 371 8.54 1.54 -24.51
CA PHE A 371 8.46 2.77 -25.28
C PHE A 371 9.49 3.75 -24.71
N ARG A 372 9.90 4.75 -25.51
CA ARG A 372 10.81 5.79 -25.04
C ARG A 372 10.50 7.09 -25.73
N MET A 373 10.34 8.16 -24.96
CA MET A 373 10.02 9.49 -25.47
C MET A 373 11.27 10.38 -25.57
N TYR A 374 11.40 11.14 -26.68
CA TYR A 374 12.49 12.10 -26.81
C TYR A 374 11.92 13.41 -26.28
N HIS A 375 12.47 13.92 -25.17
CA HIS A 375 11.94 15.13 -24.53
C HIS A 375 13.05 16.06 -24.06
N VAL A 376 13.53 16.90 -25.01
CA VAL A 376 14.63 17.84 -24.86
C VAL A 376 14.14 19.27 -25.12
N PRO A 377 14.59 20.28 -24.32
CA PRO A 377 14.17 21.67 -24.58
C PRO A 377 14.57 22.22 -25.94
N GLY A 378 13.58 22.83 -26.62
CA GLY A 378 13.76 23.43 -27.93
C GLY A 378 13.34 22.56 -29.09
N LYS A 379 13.22 21.24 -28.85
CA LYS A 379 12.83 20.29 -29.89
C LYS A 379 11.44 19.72 -29.63
N HIS A 380 10.87 19.07 -30.65
CA HIS A 380 9.57 18.42 -30.58
C HIS A 380 9.62 17.14 -29.74
N PRO A 381 8.56 16.81 -28.96
CA PRO A 381 8.57 15.55 -28.22
C PRO A 381 8.13 14.38 -29.10
N ILE A 382 9.00 13.36 -29.25
CA ILE A 382 8.63 12.22 -30.10
C ILE A 382 8.56 10.93 -29.31
N LEU A 383 7.37 10.30 -29.35
CA LEU A 383 7.11 9.02 -28.72
C LEU A 383 7.38 7.94 -29.78
N ALA A 384 8.32 7.01 -29.48
CA ALA A 384 8.70 5.89 -30.32
C ALA A 384 8.48 4.57 -29.57
N PHE A 385 7.98 3.53 -30.31
CA PHE A 385 7.70 2.18 -29.80
C PHE A 385 7.57 1.11 -30.92
N ALA A 386 8.20 -0.06 -30.74
CA ALA A 386 8.09 -1.14 -31.73
C ALA A 386 7.22 -2.28 -31.19
N ASN A 387 6.29 -2.76 -32.04
CA ASN A 387 5.34 -3.82 -31.74
C ASN A 387 5.94 -5.22 -31.90
N ALA A 388 5.14 -6.24 -31.57
CA ALA A 388 5.50 -7.65 -31.65
C ALA A 388 5.29 -8.23 -33.08
N LYS A 389 4.82 -7.40 -34.03
CA LYS A 389 4.55 -7.83 -35.41
C LYS A 389 5.29 -6.97 -36.45
N SER A 390 6.59 -6.74 -36.20
CA SER A 390 7.55 -6.03 -37.08
C SER A 390 7.03 -4.71 -37.66
N LYS A 391 6.98 -3.68 -36.78
CA LYS A 391 6.57 -2.29 -37.06
C LYS A 391 7.12 -1.41 -35.95
N THR A 392 7.67 -0.24 -36.31
CA THR A 392 8.20 0.77 -35.40
C THR A 392 7.30 1.97 -35.55
N PHE A 393 6.72 2.46 -34.44
CA PHE A 393 5.79 3.59 -34.46
C PHE A 393 6.39 4.88 -33.93
N PHE A 394 5.93 6.03 -34.47
CA PHE A 394 6.38 7.37 -34.09
C PHE A 394 5.20 8.33 -33.97
N TRP A 395 5.24 9.20 -32.95
CA TRP A 395 4.24 10.25 -32.73
C TRP A 395 4.93 11.56 -32.37
N ASP A 396 4.71 12.59 -33.17
CA ASP A 396 5.25 13.91 -32.87
C ASP A 396 4.15 14.64 -32.08
N LEU A 397 4.39 14.86 -30.78
CA LEU A 397 3.41 15.47 -29.90
C LEU A 397 3.17 16.96 -30.23
N ALA A 398 4.12 17.61 -30.97
CA ALA A 398 3.93 19.01 -31.41
C ALA A 398 2.84 19.13 -32.51
N ARG A 399 2.42 17.99 -33.10
CA ARG A 399 1.41 17.90 -34.16
C ARG A 399 -0.03 18.06 -33.70
N PHE A 400 -0.37 17.53 -32.50
CA PHE A 400 -1.72 17.61 -31.94
C PHE A 400 -2.20 19.04 -31.82
N GLY A 401 -1.39 19.85 -31.14
CA GLY A 401 -1.67 21.26 -30.91
C GLY A 401 -1.93 22.07 -32.15
N GLU A 402 -1.10 21.87 -33.19
CA GLU A 402 -1.21 22.53 -34.50
C GLU A 402 -2.52 22.12 -35.16
N TYR A 403 -2.83 20.80 -35.21
CA TYR A 403 -4.08 20.25 -35.76
C TYR A 403 -5.27 20.86 -35.04
N ALA A 404 -5.27 20.82 -33.69
CA ALA A 404 -6.33 21.40 -32.86
C ALA A 404 -6.67 22.81 -33.31
N ARG A 405 -5.64 23.70 -33.43
CA ARG A 405 -5.76 25.10 -33.85
C ARG A 405 -6.24 25.20 -35.31
N PHE A 406 -5.70 24.32 -36.18
CA PHE A 406 -6.10 24.30 -37.56
C PHE A 406 -7.61 24.00 -37.67
N MET A 407 -8.09 22.97 -36.96
CA MET A 407 -9.49 22.57 -36.98
C MET A 407 -10.43 23.58 -36.38
N ALA A 408 -9.98 24.29 -35.31
CA ALA A 408 -10.75 25.29 -34.59
C ALA A 408 -11.00 26.47 -35.48
N ASP A 409 -9.97 26.88 -36.27
CA ASP A 409 -10.04 27.98 -37.22
C ASP A 409 -10.95 27.61 -38.36
N LEU A 410 -10.78 26.38 -38.89
CA LEU A 410 -11.56 25.87 -40.01
C LEU A 410 -13.06 25.83 -39.69
N LYS A 411 -13.41 25.34 -38.48
CA LYS A 411 -14.76 25.27 -37.94
C LYS A 411 -15.35 26.69 -37.90
N GLU A 412 -14.62 27.63 -37.26
CA GLU A 412 -15.03 29.01 -37.14
C GLU A 412 -15.26 29.68 -38.48
N ALA A 413 -14.37 29.44 -39.45
CA ALA A 413 -14.47 30.00 -40.80
C ALA A 413 -15.69 29.45 -41.55
N GLN A 414 -15.95 28.13 -41.43
CA GLN A 414 -17.07 27.43 -42.06
C GLN A 414 -18.40 28.02 -41.63
N GLN A 415 -18.54 28.35 -40.34
CA GLN A 415 -19.73 28.96 -39.78
C GLN A 415 -19.85 30.39 -40.28
N SER A 416 -18.77 31.19 -40.14
CA SER A 416 -18.71 32.60 -40.52
C SER A 416 -18.89 32.87 -42.01
N TYR A 417 -18.47 31.95 -42.88
CA TYR A 417 -18.55 32.13 -44.34
C TYR A 417 -19.47 31.13 -45.07
N ASN A 418 -20.27 30.34 -44.31
CA ASN A 418 -21.22 29.37 -44.85
C ASN A 418 -20.54 28.33 -45.77
N GLY A 419 -19.47 27.72 -45.26
CA GLY A 419 -18.71 26.72 -46.00
C GLY A 419 -17.79 27.23 -47.09
N ARG A 420 -17.89 28.53 -47.48
CA ARG A 420 -17.03 29.13 -48.51
C ARG A 420 -15.67 29.48 -47.88
N VAL A 421 -14.85 28.45 -47.65
CA VAL A 421 -13.52 28.52 -47.03
C VAL A 421 -12.47 27.88 -47.95
N VAL A 422 -11.37 28.61 -48.21
CA VAL A 422 -10.22 28.10 -48.93
C VAL A 422 -9.05 27.96 -47.96
N VAL A 423 -8.39 26.79 -47.96
CA VAL A 423 -7.29 26.45 -47.08
C VAL A 423 -5.96 26.47 -47.84
N VAL A 424 -5.01 27.32 -47.41
CA VAL A 424 -3.68 27.43 -48.04
C VAL A 424 -2.55 27.11 -47.06
N ASP A 425 -1.59 26.25 -47.48
CA ASP A 425 -0.44 25.81 -46.67
C ASP A 425 0.55 26.95 -46.29
N GLN A 426 1.42 26.71 -45.28
CA GLN A 426 2.44 27.67 -44.85
C GLN A 426 3.70 27.48 -45.70
N GLY A 427 3.92 28.42 -46.63
CA GLY A 427 5.02 28.42 -47.58
C GLY A 427 4.57 28.76 -48.99
N ILE A 430 3.29 32.89 -48.95
CA ILE A 430 1.96 33.52 -49.09
C ILE A 430 1.43 33.95 -47.71
N SER A 431 1.00 35.22 -47.61
CA SER A 431 0.43 35.76 -46.38
C SER A 431 -1.08 35.48 -46.34
N LEU A 432 -1.67 35.54 -45.12
CA LEU A 432 -3.11 35.37 -44.91
C LEU A 432 -3.80 36.53 -45.63
N ALA A 433 -3.35 37.78 -45.36
CA ALA A 433 -3.85 39.02 -45.98
C ALA A 433 -3.54 39.05 -47.49
N GLN A 434 -2.61 38.18 -47.96
CA GLN A 434 -2.23 38.04 -49.38
C GLN A 434 -3.21 37.07 -50.06
N ALA A 435 -3.46 35.91 -49.40
CA ALA A 435 -4.36 34.85 -49.85
C ALA A 435 -5.81 35.37 -49.87
N GLN A 436 -6.16 36.21 -48.87
CA GLN A 436 -7.46 36.83 -48.71
C GLN A 436 -7.78 37.79 -49.88
N GLN A 437 -6.75 38.44 -50.47
CA GLN A 437 -6.94 39.36 -51.60
C GLN A 437 -7.27 38.64 -52.89
N VAL A 438 -6.73 37.41 -53.05
CA VAL A 438 -6.95 36.58 -54.24
C VAL A 438 -8.43 36.16 -54.36
N HIS A 439 -9.04 35.76 -53.21
CA HIS A 439 -10.44 35.30 -53.14
C HIS A 439 -11.42 36.38 -52.68
N GLY A 440 -10.86 37.51 -52.23
CA GLY A 440 -11.61 38.67 -51.76
C GLY A 440 -12.41 38.42 -50.49
N PRO A 441 -13.31 39.37 -50.13
CA PRO A 441 -14.15 39.13 -48.93
C PRO A 441 -15.29 38.17 -49.31
N GLY A 442 -15.88 37.54 -48.31
CA GLY A 442 -16.95 36.58 -48.57
C GLY A 442 -16.42 35.18 -48.79
N VAL A 443 -15.09 35.02 -48.75
CA VAL A 443 -14.39 33.74 -48.80
C VAL A 443 -13.42 33.72 -47.58
N GLY A 444 -13.57 32.72 -46.74
CA GLY A 444 -12.71 32.55 -45.59
C GLY A 444 -11.41 31.88 -46.01
N VAL A 445 -10.30 32.23 -45.33
CA VAL A 445 -8.98 31.66 -45.64
C VAL A 445 -8.38 31.15 -44.37
N VAL A 446 -8.03 29.86 -44.34
CA VAL A 446 -7.40 29.23 -43.18
C VAL A 446 -6.04 28.69 -43.59
N MET A 447 -5.02 28.92 -42.74
CA MET A 447 -3.65 28.47 -42.95
C MET A 447 -3.53 27.05 -42.42
N LYS A 448 -3.09 26.10 -43.28
CA LYS A 448 -2.94 24.69 -42.91
C LYS A 448 -1.47 24.25 -42.77
N PRO A 449 -1.05 23.68 -41.60
CA PRO A 449 0.34 23.18 -41.49
C PRO A 449 0.73 22.25 -42.64
N ALA A 450 1.85 22.56 -43.31
CA ALA A 450 2.42 21.86 -44.47
C ALA A 450 2.45 20.33 -44.40
N TRP A 451 2.69 19.75 -43.20
CA TRP A 451 2.73 18.30 -42.97
C TRP A 451 1.34 17.63 -42.97
N LEU A 452 0.24 18.44 -43.02
CA LEU A 452 -1.12 17.89 -43.08
C LEU A 452 -1.40 17.54 -44.54
N VAL A 453 -1.57 16.24 -44.84
CA VAL A 453 -1.76 15.81 -46.23
C VAL A 453 -3.10 15.08 -46.44
N PRO A 454 -3.78 15.32 -47.59
CA PRO A 454 -5.06 14.65 -47.86
C PRO A 454 -4.96 13.16 -48.31
N LYS A 455 -5.98 12.66 -49.05
CA LYS A 455 -6.04 11.29 -49.54
C LYS A 455 -6.51 11.18 -51.01
N MET A 517 -17.35 17.63 -36.46
CA MET A 517 -17.74 19.02 -36.16
C MET A 517 -17.51 19.96 -37.35
N VAL A 518 -16.60 19.58 -38.26
CA VAL A 518 -16.25 20.31 -39.48
C VAL A 518 -16.93 19.59 -40.68
N SER A 519 -17.70 20.33 -41.49
CA SER A 519 -18.40 19.75 -42.62
C SER A 519 -17.46 19.41 -43.80
N ALA A 520 -17.62 18.20 -44.38
CA ALA A 520 -16.84 17.73 -45.52
C ALA A 520 -17.43 18.27 -46.83
N SER A 521 -16.60 18.35 -47.90
CA SER A 521 -17.04 18.83 -49.22
C SER A 521 -18.19 17.95 -49.77
N PRO A 522 -19.14 18.49 -50.58
CA PRO A 522 -20.23 17.63 -51.10
C PRO A 522 -19.74 16.66 -52.20
N ASP A 523 -19.33 17.21 -53.35
CA ASP A 523 -18.79 16.46 -54.47
C ASP A 523 -17.24 16.61 -54.49
N PRO A 524 -16.45 15.72 -55.16
CA PRO A 524 -14.99 15.88 -55.13
C PRO A 524 -14.43 17.07 -55.93
N ASP A 525 -15.20 17.60 -56.91
CA ASP A 525 -14.78 18.72 -57.73
C ASP A 525 -15.04 20.09 -57.06
N SER A 526 -15.66 20.09 -55.86
CA SER A 526 -16.01 21.28 -55.07
C SER A 526 -14.76 22.08 -54.68
N PRO A 527 -14.79 23.44 -54.83
CA PRO A 527 -13.61 24.25 -54.49
C PRO A 527 -13.31 24.37 -53.00
N PHE A 528 -14.29 24.02 -52.16
CA PHE A 528 -14.14 24.11 -50.72
C PHE A 528 -14.28 22.78 -50.06
N GLY A 529 -13.56 22.63 -48.96
CA GLY A 529 -13.59 21.45 -48.10
C GLY A 529 -12.82 20.25 -48.59
N PHE A 530 -12.54 19.35 -47.63
CA PHE A 530 -11.83 18.09 -47.82
C PHE A 530 -12.84 16.95 -47.79
N SER A 531 -12.46 15.77 -48.32
CA SER A 531 -13.32 14.59 -48.33
C SER A 531 -13.52 14.06 -46.92
N ARG A 532 -14.64 13.35 -46.66
CA ARG A 532 -14.91 12.75 -45.35
C ARG A 532 -13.73 11.83 -44.98
N GLU A 533 -13.18 11.14 -46.00
CA GLU A 533 -12.04 10.23 -45.94
C GLU A 533 -10.74 10.93 -45.52
N THR A 534 -10.50 12.18 -46.01
CA THR A 534 -9.32 12.96 -45.65
C THR A 534 -9.40 13.41 -44.18
N LEU A 535 -10.54 14.00 -43.80
CA LEU A 535 -10.81 14.49 -42.46
C LEU A 535 -10.72 13.35 -41.42
N GLN A 536 -11.30 12.17 -41.75
CA GLN A 536 -11.30 10.97 -40.90
C GLN A 536 -9.88 10.45 -40.70
N ALA A 537 -9.07 10.43 -41.78
CA ALA A 537 -7.67 10.02 -41.76
C ALA A 537 -6.89 10.92 -40.80
N TRP A 538 -7.13 12.24 -40.88
CA TRP A 538 -6.51 13.26 -40.04
C TRP A 538 -6.90 13.06 -38.56
N ALA A 539 -8.23 12.93 -38.29
CA ALA A 539 -8.80 12.74 -36.95
C ALA A 539 -8.16 11.55 -36.28
N ASP A 540 -8.09 10.42 -37.00
CA ASP A 540 -7.50 9.16 -36.54
C ASP A 540 -6.07 9.30 -36.03
N MET A 541 -5.30 10.27 -36.54
CA MET A 541 -3.92 10.49 -36.07
C MET A 541 -3.75 11.63 -35.08
N TYR A 542 -4.58 12.72 -35.15
CA TYR A 542 -4.32 13.87 -34.30
C TYR A 542 -5.46 14.34 -33.37
N ASP A 543 -6.60 13.66 -33.36
CA ASP A 543 -7.71 14.05 -32.48
C ASP A 543 -7.50 13.55 -31.06
N LEU A 544 -7.73 14.42 -30.08
CA LEU A 544 -7.56 14.10 -28.66
C LEU A 544 -8.84 14.28 -27.83
N SER A 545 -10.04 14.30 -28.46
CA SER A 545 -11.31 14.48 -27.75
C SER A 545 -11.79 13.22 -27.02
N ASN A 546 -11.19 12.05 -27.34
CA ASN A 546 -11.60 10.82 -26.73
C ASN A 546 -10.52 10.15 -25.90
N PRO A 547 -10.74 10.14 -24.57
CA PRO A 547 -9.80 9.49 -23.66
C PRO A 547 -9.64 8.01 -23.95
N VAL A 548 -10.68 7.41 -24.56
CA VAL A 548 -10.70 5.98 -24.82
C VAL A 548 -10.61 5.73 -26.33
N GLY A 549 -10.14 6.76 -27.03
CA GLY A 549 -9.89 6.69 -28.47
C GLY A 549 -8.55 6.06 -28.76
N LEU A 550 -8.29 5.75 -30.03
CA LEU A 550 -7.01 5.16 -30.41
C LEU A 550 -6.28 6.08 -31.40
N ILE A 551 -5.17 6.70 -30.96
CA ILE A 551 -4.38 7.60 -31.81
C ILE A 551 -3.44 6.77 -32.72
N LYS A 552 -3.71 6.78 -34.04
CA LYS A 552 -2.89 6.11 -35.06
C LYS A 552 -1.49 6.77 -35.13
N ALA A 553 -0.43 5.96 -35.30
CA ALA A 553 0.95 6.43 -35.39
C ALA A 553 1.13 7.37 -36.56
N HIS A 554 1.81 8.50 -36.31
CA HIS A 554 2.14 9.56 -37.26
C HIS A 554 3.11 9.06 -38.34
N ARG A 555 3.91 8.04 -37.98
CA ARG A 555 4.83 7.31 -38.84
C ARG A 555 4.91 5.89 -38.32
N SER A 556 4.61 4.95 -39.18
CA SER A 556 4.60 3.54 -38.87
C SER A 556 5.49 2.82 -39.90
N LEU A 557 6.74 2.56 -39.50
CA LEU A 557 7.76 1.93 -40.35
C LEU A 557 7.86 0.42 -40.15
N ALA A 558 7.63 -0.36 -41.23
CA ALA A 558 7.71 -1.84 -41.18
C ALA A 558 9.13 -2.35 -40.99
N ILE A 559 9.26 -3.62 -40.57
CA ILE A 559 10.53 -4.29 -40.31
C ILE A 559 10.57 -5.61 -41.09
N ASP A 560 11.75 -5.98 -41.62
CA ASP A 560 11.94 -7.24 -42.35
C ASP A 560 12.04 -8.43 -41.37
N GLY A 561 11.30 -9.50 -41.65
CA GLY A 561 11.28 -10.71 -40.82
C GLY A 561 10.64 -10.52 -39.45
N ALA A 562 10.41 -11.64 -38.73
CA ALA A 562 9.80 -11.63 -37.40
C ALA A 562 10.61 -10.85 -36.37
N PHE A 563 10.00 -9.76 -35.85
CA PHE A 563 10.62 -8.85 -34.89
C PHE A 563 9.68 -8.35 -33.79
N VAL A 564 10.10 -8.58 -32.54
CA VAL A 564 9.42 -8.15 -31.32
C VAL A 564 10.32 -7.09 -30.67
N GLY A 565 9.82 -5.87 -30.62
CA GLY A 565 10.51 -4.72 -30.04
C GLY A 565 10.68 -4.87 -28.54
N ARG A 566 11.83 -4.42 -28.01
CA ARG A 566 12.13 -4.54 -26.59
C ARG A 566 12.38 -3.21 -25.90
N GLN A 567 13.28 -2.37 -26.46
CA GLN A 567 13.62 -1.07 -25.89
C GLN A 567 13.93 -0.05 -26.99
N VAL A 568 13.69 1.24 -26.69
CA VAL A 568 13.93 2.36 -27.58
C VAL A 568 14.90 3.36 -26.91
N GLY A 569 15.72 4.02 -27.73
CA GLY A 569 16.72 4.98 -27.29
C GLY A 569 16.98 6.10 -28.27
N TRP A 570 16.89 7.34 -27.80
CA TRP A 570 17.16 8.50 -28.61
C TRP A 570 18.53 9.09 -28.28
N SER A 571 19.22 9.64 -29.30
CA SER A 571 20.51 10.31 -29.13
C SER A 571 20.24 11.69 -28.50
N PRO A 572 21.12 12.23 -27.62
CA PRO A 572 20.83 13.54 -26.98
C PRO A 572 20.26 14.65 -27.88
N GLU A 573 20.63 14.71 -29.19
CA GLU A 573 20.12 15.76 -30.09
C GLU A 573 18.95 15.27 -30.99
N GLY A 574 18.43 14.07 -30.68
CA GLY A 574 17.29 13.42 -31.34
C GLY A 574 17.43 13.13 -32.82
N GLU A 575 18.69 13.00 -33.28
CA GLU A 575 19.04 12.71 -34.69
C GLU A 575 19.06 11.21 -34.97
N TRP A 576 19.24 10.39 -33.89
CA TRP A 576 19.29 8.91 -33.92
C TRP A 576 18.27 8.26 -32.97
N CYS A 577 17.55 7.25 -33.49
CA CYS A 577 16.60 6.45 -32.73
C CYS A 577 16.92 4.93 -32.93
N VAL A 578 17.43 4.29 -31.87
CA VAL A 578 17.79 2.88 -31.89
C VAL A 578 16.70 2.07 -31.19
N VAL A 579 16.20 1.05 -31.89
CA VAL A 579 15.19 0.11 -31.40
C VAL A 579 15.87 -1.27 -31.44
N VAL A 580 15.74 -2.07 -30.36
CA VAL A 580 16.35 -3.40 -30.21
C VAL A 580 15.30 -4.52 -29.93
N GLY A 581 15.62 -5.76 -30.32
CA GLY A 581 14.72 -6.91 -30.11
C GLY A 581 15.25 -8.32 -30.32
N ASN A 582 14.32 -9.26 -30.56
CA ASN A 582 14.54 -10.71 -30.73
C ASN A 582 15.56 -11.09 -31.81
N GLY A 583 16.33 -12.14 -31.51
CA GLY A 583 17.37 -12.66 -32.38
C GLY A 583 18.61 -11.78 -32.41
N ASN A 584 18.85 -11.02 -31.29
CA ASN A 584 19.96 -10.06 -31.06
C ASN A 584 20.08 -8.99 -32.18
N ARG A 585 18.95 -8.34 -32.48
CA ARG A 585 18.87 -7.32 -33.52
C ARG A 585 18.75 -5.89 -32.97
N ALA A 586 19.25 -4.92 -33.75
CA ALA A 586 19.21 -3.49 -33.46
C ALA A 586 18.99 -2.72 -34.76
N LEU A 587 17.90 -1.93 -34.81
CA LEU A 587 17.49 -1.12 -35.95
C LEU A 587 17.71 0.37 -35.67
N ILE A 588 18.68 0.97 -36.40
CA ILE A 588 19.07 2.38 -36.28
C ILE A 588 18.28 3.22 -37.27
N TYR A 589 17.53 4.20 -36.74
CA TYR A 589 16.71 5.14 -37.52
C TYR A 589 17.34 6.51 -37.39
N GLN A 590 17.40 7.24 -38.52
CA GLN A 590 18.04 8.55 -38.55
C GLN A 590 17.10 9.68 -38.96
N ARG A 591 17.39 10.89 -38.46
CA ARG A 591 16.73 12.16 -38.75
C ARG A 591 17.81 13.20 -38.98
N TRP A 592 17.50 14.22 -39.81
CA TRP A 592 18.40 15.33 -40.16
C TRP A 592 19.74 14.79 -40.68
N GLY A 593 19.65 13.89 -41.66
CA GLY A 593 20.81 13.25 -42.29
C GLY A 593 21.69 14.19 -43.07
N LYS A 594 22.97 13.79 -43.22
CA LYS A 594 24.01 14.52 -43.96
C LYS A 594 24.24 13.92 -45.37
N GLU A 595 23.40 12.93 -45.78
CA GLU A 595 23.50 12.22 -47.06
C GLU A 595 23.31 13.15 -48.25
N ARG A 596 24.22 13.06 -49.24
CA ARG A 596 24.22 13.92 -50.43
C ARG A 596 23.75 13.19 -51.69
N TRP B 16 -42.60 20.74 -21.98
CA TRP B 16 -41.44 19.86 -21.76
C TRP B 16 -41.81 18.38 -21.84
N THR B 17 -41.00 17.58 -22.57
CA THR B 17 -41.20 16.13 -22.71
C THR B 17 -39.85 15.41 -22.84
N VAL B 18 -39.80 14.13 -22.42
CA VAL B 18 -38.64 13.21 -22.40
C VAL B 18 -37.81 13.30 -23.68
N ASP B 19 -38.48 13.23 -24.83
CA ASP B 19 -37.86 13.31 -26.16
C ASP B 19 -37.21 14.68 -26.43
N LYS B 20 -37.81 15.78 -25.90
CA LYS B 20 -37.32 17.16 -26.05
C LYS B 20 -36.16 17.47 -25.09
N ILE B 21 -36.21 16.91 -23.86
CA ILE B 21 -35.17 17.09 -22.85
C ILE B 21 -33.90 16.40 -23.38
N ALA B 22 -34.05 15.14 -23.86
CA ALA B 22 -32.97 14.32 -24.40
C ALA B 22 -32.28 14.97 -25.59
N SER B 23 -33.00 15.84 -26.33
CA SER B 23 -32.47 16.58 -27.46
C SER B 23 -31.50 17.64 -26.96
N ALA B 24 -31.89 18.37 -25.89
CA ALA B 24 -31.10 19.44 -25.27
C ALA B 24 -29.83 18.90 -24.68
N LEU B 25 -29.91 17.75 -24.00
CA LEU B 25 -28.77 17.09 -23.37
C LEU B 25 -27.73 16.71 -24.41
N SER B 26 -28.15 16.22 -25.58
CA SER B 26 -27.31 15.83 -26.70
C SER B 26 -26.44 16.97 -27.22
N VAL B 27 -26.99 18.20 -27.24
CA VAL B 27 -26.24 19.37 -27.68
C VAL B 27 -25.29 19.84 -26.55
N LEU B 28 -25.74 19.75 -25.30
CA LEU B 28 -24.94 20.12 -24.14
C LEU B 28 -23.80 19.12 -23.96
N ALA B 29 -24.00 17.89 -24.46
CA ALA B 29 -23.03 16.81 -24.38
C ALA B 29 -21.86 17.01 -25.32
N GLU B 30 -22.05 17.74 -26.45
CA GLU B 30 -20.93 17.92 -27.39
C GLU B 30 -19.87 18.89 -26.83
N GLU B 31 -20.11 19.42 -25.63
CA GLU B 31 -19.21 20.28 -24.85
C GLU B 31 -18.10 19.37 -24.33
N VAL B 32 -18.48 18.21 -23.73
CA VAL B 32 -17.60 17.16 -23.16
C VAL B 32 -16.40 16.80 -24.06
N PRO B 33 -16.55 16.37 -25.34
CA PRO B 33 -15.35 16.05 -26.13
C PRO B 33 -14.55 17.27 -26.59
N GLN B 34 -15.19 18.46 -26.76
CA GLN B 34 -14.40 19.62 -27.14
C GLN B 34 -13.63 20.17 -25.95
N ASN B 35 -14.14 19.92 -24.75
CA ASN B 35 -13.50 20.31 -23.52
C ASN B 35 -12.29 19.41 -23.24
N HIS B 36 -12.42 18.10 -23.50
CA HIS B 36 -11.33 17.15 -23.29
C HIS B 36 -10.14 17.53 -24.15
N SER B 37 -10.38 17.77 -25.46
CA SER B 37 -9.38 18.16 -26.45
C SER B 37 -8.60 19.38 -26.00
N ARG B 38 -9.31 20.42 -25.51
CA ARG B 38 -8.70 21.64 -24.98
C ARG B 38 -7.75 21.26 -23.84
N LEU B 39 -8.23 20.45 -22.86
CA LEU B 39 -7.44 20.06 -21.71
C LEU B 39 -6.17 19.32 -22.09
N VAL B 40 -6.31 18.25 -22.88
CA VAL B 40 -5.20 17.40 -23.28
C VAL B 40 -4.14 18.19 -23.99
N ASN B 41 -4.55 18.98 -25.00
CA ASN B 41 -3.62 19.81 -25.75
C ASN B 41 -2.93 20.80 -24.84
N PHE B 42 -3.65 21.35 -23.85
CA PHE B 42 -3.10 22.32 -22.91
C PHE B 42 -1.96 21.69 -22.10
N LEU B 43 -2.20 20.51 -21.53
CA LEU B 43 -1.21 19.83 -20.72
C LEU B 43 -0.02 19.41 -21.59
N LEU B 44 -0.30 19.07 -22.86
CA LEU B 44 0.77 18.65 -23.77
C LEU B 44 1.71 19.77 -24.14
N GLU B 45 1.22 21.02 -24.18
CA GLU B 45 2.01 22.20 -24.51
C GLU B 45 2.80 22.60 -23.30
N GLU B 46 2.15 22.54 -22.12
CA GLU B 46 2.73 22.84 -20.82
C GLU B 46 3.90 21.94 -20.50
N THR B 47 3.83 20.63 -20.82
CA THR B 47 4.93 19.73 -20.50
C THR B 47 6.05 19.91 -21.49
N GLU B 48 5.72 20.28 -22.72
CA GLU B 48 6.70 20.52 -23.79
C GLU B 48 7.59 21.71 -23.42
N LYS B 49 6.98 22.82 -22.94
CA LYS B 49 7.66 24.04 -22.50
C LYS B 49 8.59 23.72 -21.33
N ARG B 50 8.11 22.93 -20.36
CA ARG B 50 8.91 22.61 -19.18
C ARG B 50 9.91 21.45 -19.40
N ALA B 51 10.30 21.15 -20.67
CA ALA B 51 11.26 20.08 -20.99
C ALA B 51 12.58 20.19 -20.22
N PRO B 52 13.05 19.10 -19.58
CA PRO B 52 14.28 19.16 -18.79
C PRO B 52 15.60 19.38 -19.55
N GLN B 53 16.37 20.37 -19.10
CA GLN B 53 17.69 20.69 -19.65
C GLN B 53 18.68 19.65 -19.08
N PRO B 54 19.45 18.91 -19.96
CA PRO B 54 20.37 17.88 -19.45
C PRO B 54 21.40 18.41 -18.47
N ARG B 55 21.64 17.64 -17.40
CA ARG B 55 22.53 17.97 -16.30
C ARG B 55 23.70 16.99 -16.20
N HIS B 56 24.65 17.30 -15.29
CA HIS B 56 25.84 16.53 -14.94
C HIS B 56 26.68 16.15 -16.15
N LEU B 57 26.88 17.13 -17.05
CA LEU B 57 27.65 16.89 -18.26
C LEU B 57 29.14 17.07 -17.99
N SER B 58 29.94 16.10 -18.48
CA SER B 58 31.40 16.10 -18.39
C SER B 58 31.94 17.23 -19.30
N LYS B 59 32.98 17.95 -18.85
CA LYS B 59 33.56 19.07 -19.57
C LYS B 59 34.20 18.69 -20.91
N THR B 60 34.65 17.43 -21.03
CA THR B 60 35.26 16.87 -22.25
C THR B 60 34.59 15.54 -22.57
N ASP B 61 34.71 15.06 -23.83
CA ASP B 61 34.15 13.76 -24.25
C ASP B 61 34.96 12.64 -23.58
N PRO B 62 34.33 11.80 -22.72
CA PRO B 62 35.09 10.72 -22.08
C PRO B 62 35.41 9.52 -22.97
N PHE B 63 34.59 9.28 -24.03
CA PHE B 63 34.73 8.18 -24.98
C PHE B 63 35.70 8.44 -26.13
N ALA B 64 35.97 9.72 -26.41
CA ALA B 64 36.84 10.24 -27.48
C ALA B 64 38.01 9.31 -27.92
N HIS B 65 38.86 8.89 -26.97
CA HIS B 65 40.05 8.05 -27.19
C HIS B 65 39.79 6.69 -27.88
N MET B 66 38.64 6.05 -27.60
CA MET B 66 38.26 4.73 -28.13
C MET B 66 38.03 4.70 -29.62
N LYS B 67 38.46 3.61 -30.27
CA LYS B 67 38.33 3.35 -31.71
C LYS B 67 37.67 2.00 -31.95
N SER B 68 37.20 1.74 -33.20
CA SER B 68 36.52 0.49 -33.58
C SER B 68 37.33 -0.75 -33.28
N LYS B 69 36.71 -1.72 -32.62
CA LYS B 69 37.39 -2.97 -32.24
C LYS B 69 37.51 -4.00 -33.39
N ALA B 70 36.96 -3.69 -34.60
CA ALA B 70 36.97 -4.59 -35.76
C ALA B 70 38.36 -4.94 -36.28
N VAL B 81 41.37 -15.68 -26.82
CA VAL B 81 40.45 -14.55 -26.79
C VAL B 81 39.17 -14.90 -27.58
N PRO B 82 37.95 -14.68 -27.05
CA PRO B 82 36.74 -14.99 -27.83
C PRO B 82 36.40 -13.87 -28.83
N THR B 83 35.76 -14.25 -29.94
CA THR B 83 35.36 -13.35 -31.01
C THR B 83 33.91 -13.59 -31.42
N MET B 84 33.15 -12.50 -31.64
CA MET B 84 31.74 -12.61 -32.02
C MET B 84 31.40 -11.82 -33.29
N ASP B 85 30.41 -12.35 -34.06
CA ASP B 85 29.93 -11.81 -35.35
C ASP B 85 28.86 -10.73 -35.22
N VAL B 86 28.99 -9.67 -36.07
CA VAL B 86 28.07 -8.55 -36.19
C VAL B 86 27.96 -8.24 -37.70
N LYS B 87 26.79 -8.53 -38.31
CA LYS B 87 26.52 -8.25 -39.73
C LYS B 87 25.69 -6.97 -39.90
N PHE B 88 26.29 -5.95 -40.53
CA PHE B 88 25.66 -4.65 -40.79
C PHE B 88 24.94 -4.62 -42.14
N LYS B 89 23.89 -3.78 -42.24
CA LYS B 89 23.07 -3.58 -43.44
C LYS B 89 22.63 -2.11 -43.54
N GLN B 90 22.64 -1.56 -44.78
CA GLN B 90 22.24 -0.17 -45.04
C GLN B 90 20.89 -0.08 -45.76
N HIS B 91 20.11 1.00 -45.47
CA HIS B 91 18.75 1.25 -45.97
C HIS B 91 18.56 2.68 -46.51
N SER B 92 17.66 2.84 -47.52
CA SER B 92 17.35 4.11 -48.19
C SER B 92 15.90 4.18 -48.70
N GLY B 93 15.42 5.41 -48.88
CA GLY B 93 14.08 5.68 -49.40
C GLY B 93 13.00 5.77 -48.34
N GLU B 94 11.73 5.89 -48.80
CA GLU B 94 10.56 6.00 -47.94
C GLU B 94 10.21 4.68 -47.26
N TYR B 95 10.19 3.55 -48.02
CA TYR B 95 9.88 2.23 -47.46
C TYR B 95 11.06 1.60 -46.69
N GLY B 96 12.25 2.21 -46.79
CA GLY B 96 13.46 1.76 -46.10
C GLY B 96 14.03 0.50 -46.69
N LYS B 97 14.00 0.39 -48.04
CA LYS B 97 14.51 -0.76 -48.78
C LYS B 97 16.00 -0.97 -48.54
N SER B 98 16.32 -2.17 -48.02
CA SER B 98 17.68 -2.59 -47.68
C SER B 98 18.58 -2.68 -48.89
N ARG B 99 19.56 -1.76 -49.00
CA ARG B 99 20.55 -1.81 -50.08
C ARG B 99 21.53 -2.92 -49.68
N ASN B 100 21.23 -4.17 -50.14
CA ASN B 100 21.90 -5.43 -49.80
C ASN B 100 23.43 -5.32 -49.79
N SER B 101 23.96 -5.22 -48.56
CA SER B 101 25.39 -5.12 -48.24
C SER B 101 25.59 -5.72 -46.84
N GLY B 102 25.31 -7.02 -46.72
CA GLY B 102 25.43 -7.77 -45.46
C GLY B 102 26.87 -8.01 -45.05
N ARG B 103 27.59 -6.93 -44.68
CA ARG B 103 29.00 -6.95 -44.29
C ARG B 103 29.23 -7.17 -42.79
N ARG B 104 29.78 -8.35 -42.43
CA ARG B 104 30.08 -8.74 -41.05
C ARG B 104 31.55 -8.57 -40.66
N PHE B 105 31.79 -7.99 -39.47
CA PHE B 105 33.12 -7.78 -38.90
C PHE B 105 33.26 -8.55 -37.59
N GLN B 106 34.47 -9.10 -37.34
CA GLN B 106 34.77 -9.83 -36.12
C GLN B 106 35.23 -8.86 -35.04
N TYR B 107 34.71 -9.02 -33.82
CA TYR B 107 35.03 -8.14 -32.70
C TYR B 107 35.57 -8.91 -31.48
N PRO B 108 36.65 -8.42 -30.81
CA PRO B 108 37.15 -9.12 -29.62
C PRO B 108 36.27 -8.88 -28.40
N VAL B 109 36.05 -9.93 -27.63
CA VAL B 109 35.22 -9.91 -26.44
C VAL B 109 36.10 -9.70 -25.20
N VAL B 110 35.66 -8.84 -24.26
CA VAL B 110 36.34 -8.56 -22.99
C VAL B 110 35.52 -9.22 -21.84
N CYS B 111 35.95 -10.43 -21.43
CA CYS B 111 35.28 -11.23 -20.40
C CYS B 111 35.49 -10.71 -18.99
N ILE B 112 34.40 -10.28 -18.34
CA ILE B 112 34.43 -9.72 -16.99
C ILE B 112 33.61 -10.60 -16.02
N LYS B 113 34.32 -11.52 -15.36
CA LYS B 113 33.77 -12.44 -14.35
C LYS B 113 33.48 -11.68 -13.05
N PRO B 114 32.43 -12.03 -12.27
CA PRO B 114 32.13 -11.23 -11.06
C PRO B 114 32.79 -11.77 -9.79
N ASP B 115 33.19 -10.85 -8.90
CA ASP B 115 33.84 -11.14 -7.63
C ASP B 115 32.84 -11.41 -6.49
N ARG B 116 31.65 -10.80 -6.56
CA ARG B 116 30.62 -10.92 -5.53
C ARG B 116 29.50 -11.92 -5.86
N GLU B 117 29.04 -12.66 -4.84
CA GLU B 117 27.97 -13.65 -4.93
C GLU B 117 26.66 -13.02 -4.46
N PRO B 118 25.47 -13.37 -5.04
CA PRO B 118 24.21 -12.77 -4.55
C PRO B 118 23.82 -13.33 -3.19
N VAL B 119 22.93 -12.63 -2.48
CA VAL B 119 22.44 -13.10 -1.19
C VAL B 119 21.41 -14.23 -1.40
N PRO B 120 21.11 -15.10 -0.39
CA PRO B 120 20.05 -16.12 -0.58
C PRO B 120 18.71 -15.45 -0.93
N PRO B 121 17.83 -16.12 -1.70
CA PRO B 121 16.61 -15.44 -2.14
C PRO B 121 15.58 -15.11 -1.06
N TYR B 122 14.65 -14.20 -1.41
CA TYR B 122 13.53 -13.75 -0.61
C TYR B 122 12.46 -13.02 -1.45
N ARG B 123 11.27 -12.86 -0.86
CA ARG B 123 10.12 -12.16 -1.42
C ARG B 123 9.70 -11.17 -0.39
N PHE B 124 9.34 -9.97 -0.86
CA PHE B 124 8.88 -8.86 -0.03
C PHE B 124 9.95 -8.28 0.93
N HIS B 125 9.73 -7.02 1.34
CA HIS B 125 10.62 -6.42 2.34
C HIS B 125 10.24 -7.05 3.68
N HIS B 126 11.19 -7.77 4.30
CA HIS B 126 10.94 -8.41 5.59
C HIS B 126 11.09 -7.38 6.72
N ALA B 127 9.95 -6.93 7.27
CA ALA B 127 9.87 -5.94 8.34
C ALA B 127 9.72 -6.55 9.72
N GLU B 128 10.30 -5.91 10.74
CA GLU B 128 10.21 -6.36 12.12
C GLU B 128 9.03 -5.76 12.87
N ILE B 129 8.21 -6.62 13.50
CA ILE B 129 7.06 -6.24 14.33
C ILE B 129 7.34 -6.73 15.75
N ARG B 130 7.15 -5.87 16.77
CA ARG B 130 7.38 -6.22 18.19
C ARG B 130 6.48 -7.40 18.60
N LYS B 131 5.16 -7.25 18.41
CA LYS B 131 4.12 -8.26 18.68
C LYS B 131 3.32 -8.53 17.41
N ASN B 132 2.59 -9.67 17.41
CA ASN B 132 1.69 -10.08 16.32
C ASN B 132 0.67 -8.99 16.04
N ILE B 133 0.50 -8.68 14.74
CA ILE B 133 -0.42 -7.72 14.15
C ILE B 133 -1.60 -8.43 13.46
N LEU B 134 -2.81 -7.87 13.58
CA LEU B 134 -4.02 -8.39 12.92
C LEU B 134 -3.98 -8.06 11.42
N ALA B 135 -4.44 -8.98 10.57
CA ALA B 135 -4.45 -8.81 9.12
C ALA B 135 -5.87 -9.01 8.52
N LEU B 136 -6.15 -8.34 7.37
CA LEU B 136 -7.41 -8.46 6.63
C LEU B 136 -7.37 -9.62 5.65
N ASN B 137 -8.52 -10.28 5.47
CA ASN B 137 -8.69 -11.38 4.51
C ASN B 137 -8.60 -10.72 3.15
N SER B 138 -7.76 -11.30 2.28
CA SER B 138 -7.49 -10.72 0.97
C SER B 138 -7.99 -11.56 -0.19
N GLN B 139 -8.23 -10.87 -1.33
CA GLN B 139 -8.67 -11.44 -2.59
C GLN B 139 -7.56 -11.31 -3.66
N LEU B 140 -7.60 -12.18 -4.69
CA LEU B 140 -6.67 -12.16 -5.81
C LEU B 140 -7.24 -11.18 -6.84
N ASN B 141 -6.51 -10.09 -7.10
CA ASN B 141 -6.97 -9.05 -8.02
C ASN B 141 -6.08 -8.89 -9.28
N PHE B 142 -5.23 -9.92 -9.56
CA PHE B 142 -4.33 -10.00 -10.72
C PHE B 142 -4.17 -11.45 -11.21
N VAL B 143 -3.25 -11.69 -12.15
CA VAL B 143 -2.96 -13.03 -12.68
C VAL B 143 -1.48 -13.40 -12.37
N PRO B 144 -1.22 -14.30 -11.38
CA PRO B 144 0.17 -14.68 -11.04
C PRO B 144 0.88 -15.43 -12.18
N HIS B 145 1.88 -14.77 -12.81
CA HIS B 145 2.65 -15.31 -13.94
C HIS B 145 3.87 -16.08 -13.45
N LEU B 146 3.79 -17.42 -13.61
CA LEU B 146 4.85 -18.37 -13.22
C LEU B 146 5.93 -18.42 -14.31
N ARG B 147 5.53 -18.59 -15.59
CA ARG B 147 6.41 -18.58 -16.78
C ARG B 147 5.62 -18.79 -18.09
N ASP B 148 6.33 -18.71 -19.23
CA ASP B 148 5.80 -18.82 -20.59
C ASP B 148 5.26 -20.22 -20.90
N VAL B 149 3.96 -20.31 -21.22
CA VAL B 149 3.28 -21.57 -21.56
C VAL B 149 2.97 -21.64 -23.06
N ASP B 150 3.31 -22.78 -23.70
CA ASP B 150 3.11 -23.01 -25.13
C ASP B 150 1.62 -23.20 -25.49
N PRO B 151 1.13 -22.61 -26.61
CA PRO B 151 -0.31 -22.75 -26.95
C PRO B 151 -0.71 -24.19 -27.26
N ASN B 152 -1.72 -24.70 -26.53
CA ASN B 152 -2.26 -26.06 -26.61
C ASN B 152 -1.19 -27.11 -26.28
N SER B 153 -0.72 -27.08 -25.02
CA SER B 153 0.29 -27.97 -24.44
C SER B 153 -0.05 -28.31 -22.98
N ALA B 154 0.62 -29.33 -22.41
CA ALA B 154 0.43 -29.79 -21.02
C ALA B 154 0.78 -28.71 -19.98
N GLU B 155 1.79 -27.88 -20.28
CA GLU B 155 2.27 -26.77 -19.44
C GLU B 155 1.19 -25.69 -19.31
N GLU B 156 0.45 -25.43 -20.41
CA GLU B 156 -0.67 -24.48 -20.50
C GLU B 156 -1.87 -24.98 -19.70
N GLN B 157 -2.20 -26.29 -19.82
CA GLN B 157 -3.31 -26.95 -19.12
C GLN B 157 -3.07 -27.06 -17.61
N LYS B 158 -1.78 -27.17 -17.20
CA LYS B 158 -1.34 -27.25 -15.79
C LYS B 158 -1.47 -25.86 -15.13
N TYR B 159 -1.17 -24.78 -15.89
CA TYR B 159 -1.25 -23.39 -15.44
C TYR B 159 -2.68 -22.83 -15.43
N SER B 160 -3.47 -23.09 -16.51
CA SER B 160 -4.84 -22.62 -16.63
C SER B 160 -5.81 -23.27 -15.62
N ALA B 161 -5.58 -24.56 -15.28
CA ALA B 161 -6.39 -25.29 -14.30
C ALA B 161 -6.08 -24.81 -12.89
N TRP B 162 -4.85 -24.32 -12.67
CA TRP B 162 -4.38 -23.78 -11.40
C TRP B 162 -5.07 -22.44 -11.08
N LEU B 163 -5.23 -21.57 -12.10
CA LEU B 163 -5.90 -20.27 -11.98
C LEU B 163 -7.41 -20.43 -11.72
N MET B 164 -8.03 -21.51 -12.26
CA MET B 164 -9.45 -21.83 -12.08
C MET B 164 -9.70 -22.35 -10.67
N ASP B 165 -8.66 -22.96 -10.06
CA ASP B 165 -8.67 -23.49 -8.70
C ASP B 165 -8.45 -22.34 -7.69
N LEU B 166 -7.79 -21.26 -8.12
CA LEU B 166 -7.58 -20.06 -7.31
C LEU B 166 -8.83 -19.18 -7.32
N GLU B 167 -9.65 -19.29 -8.39
CA GLU B 167 -10.93 -18.61 -8.56
C GLU B 167 -11.96 -19.29 -7.63
N ASN B 168 -11.77 -20.60 -7.37
CA ASN B 168 -12.60 -21.45 -6.52
C ASN B 168 -12.40 -21.17 -5.01
N LEU B 169 -11.21 -20.62 -4.63
CA LEU B 169 -10.88 -20.26 -3.25
C LEU B 169 -11.56 -18.95 -2.85
N ASP B 170 -11.65 -18.00 -3.81
CA ASP B 170 -12.31 -16.70 -3.68
C ASP B 170 -13.84 -16.90 -3.57
N SER B 171 -14.38 -17.90 -4.30
CA SER B 171 -15.80 -18.28 -4.34
C SER B 171 -16.27 -19.13 -3.16
N LYS B 172 -15.35 -19.92 -2.54
CA LYS B 172 -15.62 -20.80 -1.38
C LYS B 172 -16.18 -20.02 -0.17
N SER B 173 -15.66 -18.79 0.06
CA SER B 173 -16.07 -17.86 1.12
C SER B 173 -17.56 -17.42 1.01
N GLY B 174 -18.19 -17.69 -0.15
CA GLY B 174 -19.56 -17.31 -0.48
C GLY B 174 -19.66 -15.80 -0.69
N PHE B 175 -18.52 -15.19 -1.07
CA PHE B 175 -18.29 -13.76 -1.24
C PHE B 175 -18.77 -13.15 -2.58
N LYS B 176 -18.48 -11.83 -2.78
CA LYS B 176 -18.82 -11.05 -3.97
C LYS B 176 -17.96 -11.48 -5.17
N ILE B 177 -18.38 -12.60 -5.81
CA ILE B 177 -17.71 -13.19 -6.97
C ILE B 177 -18.07 -12.39 -8.24
N GLN B 178 -17.31 -11.31 -8.51
CA GLN B 178 -17.51 -10.44 -9.67
C GLN B 178 -16.65 -10.89 -10.87
N PRO B 179 -17.25 -11.44 -11.96
CA PRO B 179 -16.43 -11.89 -13.12
C PRO B 179 -15.67 -10.76 -13.81
N ARG B 180 -14.48 -11.07 -14.38
CA ARG B 180 -13.63 -10.08 -15.07
C ARG B 180 -14.35 -9.38 -16.20
N SER B 181 -15.36 -10.05 -16.80
CA SER B 181 -16.23 -9.55 -17.87
C SER B 181 -16.91 -8.25 -17.44
N GLN B 182 -17.38 -8.20 -16.17
CA GLN B 182 -18.03 -7.01 -15.63
C GLN B 182 -17.08 -6.12 -14.82
N LYS B 183 -15.90 -6.63 -14.33
CA LYS B 183 -14.91 -5.81 -13.60
C LYS B 183 -14.45 -4.65 -14.52
N ILE B 184 -14.08 -5.00 -15.77
CA ILE B 184 -13.65 -4.17 -16.89
C ILE B 184 -14.78 -3.23 -17.29
N ALA B 185 -16.02 -3.73 -17.30
CA ALA B 185 -17.22 -2.97 -17.65
C ALA B 185 -17.53 -1.95 -16.59
N LYS B 186 -17.44 -2.31 -15.30
CA LYS B 186 -17.68 -1.40 -14.18
C LYS B 186 -16.64 -0.28 -14.20
N ARG B 187 -15.34 -0.67 -14.29
CA ARG B 187 -14.18 0.23 -14.36
C ARG B 187 -14.42 1.33 -15.39
N ALA B 188 -14.78 0.90 -16.61
CA ALA B 188 -15.08 1.76 -17.73
C ALA B 188 -16.23 2.72 -17.42
N GLN B 189 -17.33 2.19 -16.84
CA GLN B 189 -18.54 2.96 -16.48
C GLN B 189 -18.23 4.02 -15.41
N ALA B 190 -17.43 3.63 -14.39
CA ALA B 190 -17.00 4.50 -13.32
C ALA B 190 -16.20 5.68 -13.89
N GLU B 191 -15.28 5.39 -14.85
CA GLU B 191 -14.46 6.39 -15.52
C GLU B 191 -15.35 7.42 -16.21
N TYR B 192 -16.41 6.95 -16.91
CA TYR B 192 -17.37 7.83 -17.60
C TYR B 192 -18.20 8.66 -16.61
N ALA B 193 -18.60 8.03 -15.47
CA ALA B 193 -19.34 8.72 -14.43
C ALA B 193 -18.51 9.87 -13.90
N ALA B 194 -17.18 9.66 -13.69
CA ALA B 194 -16.24 10.68 -13.22
C ALA B 194 -16.21 11.88 -14.17
N THR B 195 -16.27 11.60 -15.50
CA THR B 195 -16.23 12.57 -16.58
C THR B 195 -17.46 13.48 -16.57
N LEU B 196 -18.67 12.90 -16.53
CA LEU B 196 -19.93 13.62 -16.63
C LEU B 196 -20.39 14.32 -15.36
N ALA B 197 -20.00 13.78 -14.19
CA ALA B 197 -20.39 14.33 -12.89
C ALA B 197 -20.27 15.88 -12.81
N PRO B 198 -19.12 16.54 -13.17
CA PRO B 198 -19.08 18.01 -13.10
C PRO B 198 -20.10 18.75 -13.96
N TYR B 199 -20.45 18.15 -15.11
CA TYR B 199 -21.37 18.71 -16.10
C TYR B 199 -22.81 18.79 -15.67
N LEU B 200 -23.25 17.88 -14.77
CA LEU B 200 -24.64 17.82 -14.34
C LEU B 200 -25.21 19.17 -13.86
N GLU B 201 -24.61 19.80 -12.81
CA GLU B 201 -25.11 21.09 -12.29
C GLU B 201 -25.17 22.23 -13.35
N PRO B 202 -24.11 22.57 -14.13
CA PRO B 202 -24.26 23.63 -15.13
C PRO B 202 -25.27 23.32 -16.23
N TRP B 203 -25.41 22.03 -16.62
CA TRP B 203 -26.37 21.60 -17.64
C TRP B 203 -27.79 21.84 -17.13
N LEU B 204 -28.08 21.36 -15.89
CA LEU B 204 -29.35 21.55 -15.20
C LEU B 204 -29.65 23.06 -15.07
N ARG B 205 -28.62 23.82 -14.71
CA ARG B 205 -28.63 25.26 -14.54
C ARG B 205 -28.97 25.95 -15.86
N LYS B 206 -28.48 25.42 -16.99
CA LYS B 206 -28.78 25.98 -18.32
C LYS B 206 -30.23 25.68 -18.77
N LEU B 207 -30.68 24.42 -18.56
CA LEU B 207 -32.03 23.96 -18.92
C LEU B 207 -33.14 24.66 -18.10
N ASN B 208 -32.82 25.08 -16.84
CA ASN B 208 -33.69 25.76 -15.87
C ASN B 208 -35.11 25.17 -15.77
N ILE B 209 -35.20 23.82 -15.75
CA ILE B 209 -36.47 23.11 -15.66
C ILE B 209 -36.98 23.12 -14.21
N GLU B 210 -38.31 23.33 -14.03
CA GLU B 210 -38.97 23.36 -12.72
C GLU B 210 -39.05 21.94 -12.15
N GLY B 211 -38.32 21.70 -11.06
CA GLY B 211 -38.26 20.40 -10.42
C GLY B 211 -37.07 19.55 -10.86
N CYS B 212 -36.14 20.17 -11.61
CA CYS B 212 -34.92 19.50 -12.09
C CYS B 212 -33.69 20.13 -11.47
N THR B 213 -33.54 19.84 -10.17
CA THR B 213 -32.45 20.22 -9.29
C THR B 213 -31.85 18.91 -8.76
N LYS B 214 -30.51 18.86 -8.60
CA LYS B 214 -29.82 17.68 -8.12
C LYS B 214 -30.55 17.05 -6.91
N SER B 215 -30.88 17.87 -5.87
CA SER B 215 -31.61 17.43 -4.67
C SER B 215 -32.92 16.74 -5.00
N ASN B 216 -33.68 17.28 -5.97
CA ASN B 216 -34.97 16.73 -6.43
C ASN B 216 -34.77 15.46 -7.23
N LEU B 217 -33.69 15.40 -8.02
CA LEU B 217 -33.35 14.22 -8.81
C LEU B 217 -32.95 13.05 -7.91
N ILE B 218 -32.32 13.37 -6.76
CA ILE B 218 -31.92 12.43 -5.70
C ILE B 218 -33.19 12.02 -4.95
N ARG B 219 -34.12 12.99 -4.79
CA ARG B 219 -35.41 12.76 -4.13
C ARG B 219 -36.18 11.73 -4.93
N PHE B 220 -36.17 11.89 -6.29
CA PHE B 220 -36.81 10.99 -7.25
C PHE B 220 -36.15 9.61 -7.24
N MET B 221 -34.82 9.58 -7.10
CA MET B 221 -34.00 8.36 -7.08
C MET B 221 -34.40 7.42 -5.95
N ALA B 222 -34.50 7.95 -4.72
CA ALA B 222 -34.89 7.19 -3.54
C ALA B 222 -36.31 6.65 -3.68
N SER B 223 -37.24 7.49 -4.19
CA SER B 223 -38.64 7.16 -4.36
C SER B 223 -38.93 6.13 -5.48
N GLN B 224 -38.47 6.40 -6.71
CA GLN B 224 -38.70 5.49 -7.85
C GLN B 224 -37.69 4.31 -7.90
N PRO B 225 -38.14 3.02 -7.83
CA PRO B 225 -37.18 1.90 -7.89
C PRO B 225 -36.89 1.44 -9.31
N ASP B 229 -34.87 -0.93 -7.89
CA ASP B 229 -34.35 -0.85 -6.52
C ASP B 229 -32.92 -1.39 -6.41
N SER B 230 -31.99 -0.53 -6.00
CA SER B 230 -30.58 -0.84 -5.79
C SER B 230 -30.14 -0.38 -4.38
N MET B 231 -31.07 0.29 -3.66
CA MET B 231 -30.91 0.81 -2.31
C MET B 231 -31.65 -0.08 -1.34
N THR B 232 -31.19 -0.14 -0.09
CA THR B 232 -31.86 -0.88 0.97
C THR B 232 -33.07 -0.01 1.38
N PRO B 233 -34.30 -0.55 1.61
CA PRO B 233 -35.43 0.32 2.04
C PRO B 233 -35.14 1.11 3.33
N GLN B 234 -34.12 0.65 4.12
CA GLN B 234 -33.62 1.29 5.34
C GLN B 234 -32.80 2.51 4.93
N GLN B 235 -31.87 2.33 3.94
CA GLN B 235 -31.04 3.39 3.36
C GLN B 235 -31.91 4.42 2.65
N LYS B 236 -33.02 3.96 2.04
CA LYS B 236 -34.01 4.80 1.36
C LYS B 236 -34.62 5.77 2.36
N SER B 237 -34.95 5.28 3.58
CA SER B 237 -35.53 6.07 4.66
C SER B 237 -34.57 7.19 5.08
N ASN B 238 -33.26 6.84 5.27
CA ASN B 238 -32.18 7.75 5.65
C ASN B 238 -32.01 8.90 4.66
N LEU B 239 -31.99 8.57 3.35
CA LEU B 239 -31.87 9.53 2.27
C LEU B 239 -33.09 10.46 2.24
N LEU B 240 -34.27 9.90 2.55
CA LEU B 240 -35.53 10.64 2.61
C LEU B 240 -35.74 11.32 3.97
N ASP B 241 -34.80 11.13 4.93
CA ASP B 241 -34.81 11.79 6.23
C ASP B 241 -33.94 13.05 6.14
N THR B 242 -32.78 12.94 5.43
CA THR B 242 -31.82 14.00 5.13
C THR B 242 -32.54 15.00 4.24
N TYR B 243 -32.99 14.53 3.07
CA TYR B 243 -33.80 15.32 2.14
C TYR B 243 -35.24 15.08 2.61
N SER B 244 -36.23 15.59 1.87
CA SER B 244 -37.62 15.32 2.25
C SER B 244 -38.22 14.38 1.22
N ASP B 245 -39.52 14.11 1.31
CA ASP B 245 -40.26 13.33 0.32
C ASP B 245 -40.92 14.36 -0.59
N ASP B 246 -40.98 15.63 -0.09
CA ASP B 246 -41.57 16.81 -0.71
C ASP B 246 -40.81 17.29 -1.93
N MET B 247 -41.48 17.22 -3.08
CA MET B 247 -40.96 17.62 -4.39
C MET B 247 -42.07 18.14 -5.32
N GLY B 248 -43.25 18.46 -4.74
CA GLY B 248 -44.41 19.00 -5.46
C GLY B 248 -44.16 20.36 -6.11
N SER B 249 -44.96 20.81 -7.10
CA SER B 249 -46.20 20.34 -7.73
C SER B 249 -46.16 18.94 -8.43
N PRO B 250 -47.32 18.37 -8.88
CA PRO B 250 -47.29 17.08 -9.57
C PRO B 250 -46.73 17.15 -11.01
N GLN B 251 -46.57 18.38 -11.54
CA GLN B 251 -45.99 18.62 -12.85
C GLN B 251 -44.47 18.70 -12.68
N ALA B 252 -44.01 19.24 -11.53
CA ALA B 252 -42.59 19.34 -11.19
C ALA B 252 -41.98 17.94 -11.01
N VAL B 253 -42.78 16.99 -10.47
CA VAL B 253 -42.35 15.60 -10.30
C VAL B 253 -42.37 14.88 -11.65
N ARG B 254 -43.21 15.37 -12.58
CA ARG B 254 -43.28 14.82 -13.93
C ARG B 254 -41.95 15.16 -14.61
N ASN B 255 -41.50 16.43 -14.46
CA ASN B 255 -40.24 16.97 -14.97
C ASN B 255 -39.01 16.19 -14.51
N ALA B 256 -38.95 15.85 -13.20
CA ALA B 256 -37.86 15.06 -12.59
C ALA B 256 -37.88 13.61 -13.15
N SER B 257 -39.09 13.05 -13.34
CA SER B 257 -39.33 11.71 -13.88
C SER B 257 -38.94 11.64 -15.36
N MET B 258 -39.13 12.76 -16.08
CA MET B 258 -38.83 12.91 -17.49
C MET B 258 -37.31 13.01 -17.73
N PHE B 259 -36.61 13.84 -16.93
CA PHE B 259 -35.16 14.07 -17.01
C PHE B 259 -34.34 12.79 -16.81
N THR B 260 -34.70 11.96 -15.81
CA THR B 260 -34.02 10.70 -15.52
C THR B 260 -34.08 9.76 -16.72
N GLU B 261 -35.26 9.67 -17.36
CA GLU B 261 -35.52 8.84 -18.53
C GLU B 261 -34.81 9.41 -19.74
N ALA B 262 -34.85 10.75 -19.90
CA ALA B 262 -34.18 11.47 -20.99
C ALA B 262 -32.68 11.29 -20.92
N TRP B 263 -32.08 11.38 -19.70
CA TRP B 263 -30.64 11.23 -19.47
C TRP B 263 -30.20 9.83 -19.80
N ASP B 264 -30.98 8.83 -19.38
CA ASP B 264 -30.62 7.44 -19.62
C ASP B 264 -30.67 7.09 -21.09
N ARG B 265 -31.53 7.76 -21.85
CA ARG B 265 -31.62 7.58 -23.30
C ARG B 265 -30.30 8.06 -23.97
N VAL B 266 -29.69 9.14 -23.43
CA VAL B 266 -28.47 9.77 -23.96
C VAL B 266 -27.17 9.15 -23.43
N PHE B 267 -27.06 8.96 -22.12
CA PHE B 267 -25.81 8.49 -21.50
C PHE B 267 -25.85 7.04 -21.00
N ASN B 268 -27.04 6.43 -20.90
CA ASN B 268 -27.13 5.05 -20.45
C ASN B 268 -27.61 4.09 -21.56
N ASP B 269 -27.09 4.29 -22.80
CA ASP B 269 -27.39 3.45 -23.94
C ASP B 269 -26.80 2.03 -23.69
N GLN B 270 -27.70 1.06 -23.39
CA GLN B 270 -27.41 -0.34 -23.04
C GLN B 270 -26.49 -1.09 -24.03
N SER B 271 -26.40 -0.62 -25.28
CA SER B 271 -25.53 -1.19 -26.32
C SER B 271 -24.07 -0.67 -26.22
N LYS B 272 -23.81 0.32 -25.32
CA LYS B 272 -22.50 0.95 -25.16
C LYS B 272 -21.74 0.55 -23.88
N LEU B 273 -20.40 0.60 -23.99
CA LEU B 273 -19.39 0.30 -22.95
C LEU B 273 -19.21 1.52 -22.02
N ARG B 274 -19.14 2.74 -22.63
CA ARG B 274 -19.08 4.05 -21.98
C ARG B 274 -20.56 4.42 -21.79
N ARG B 275 -21.14 3.86 -20.73
CA ARG B 275 -22.54 3.91 -20.33
C ARG B 275 -22.59 4.37 -18.86
N VAL B 276 -23.64 5.13 -18.47
CA VAL B 276 -23.83 5.61 -17.09
C VAL B 276 -25.24 6.21 -16.88
N ALA B 277 -25.99 5.61 -15.92
CA ALA B 277 -27.33 6.04 -15.54
C ALA B 277 -27.20 7.24 -14.63
N LEU B 278 -28.21 8.12 -14.61
CA LEU B 278 -28.22 9.29 -13.74
C LEU B 278 -28.08 8.89 -12.26
N ARG B 279 -28.67 7.72 -11.90
CA ARG B 279 -28.63 7.10 -10.57
C ARG B 279 -27.18 6.97 -10.12
N ASP B 280 -26.27 6.55 -11.02
CA ASP B 280 -24.85 6.34 -10.73
C ASP B 280 -24.10 7.63 -10.46
N ILE B 281 -24.49 8.73 -11.13
CA ILE B 281 -23.90 10.04 -10.93
C ILE B 281 -24.32 10.55 -9.55
N LEU B 282 -25.62 10.53 -9.24
CA LEU B 282 -26.16 10.95 -7.96
C LEU B 282 -25.61 10.12 -6.83
N MET B 283 -25.26 8.86 -7.10
CA MET B 283 -24.75 7.97 -6.08
C MET B 283 -23.38 8.36 -5.55
N LEU B 284 -22.61 9.15 -6.33
CA LEU B 284 -21.30 9.60 -5.87
C LEU B 284 -21.31 11.04 -5.36
N ASP B 285 -22.50 11.69 -5.31
CA ASP B 285 -22.65 13.06 -4.79
C ASP B 285 -22.27 13.09 -3.32
N LYS B 286 -21.59 14.16 -2.87
CA LYS B 286 -21.13 14.30 -1.49
C LYS B 286 -22.24 14.17 -0.45
N ASN B 287 -23.48 14.56 -0.76
CA ASN B 287 -24.58 14.52 0.21
C ASN B 287 -25.36 13.22 0.18
N VAL B 288 -25.00 12.35 -0.77
CA VAL B 288 -25.68 11.07 -1.01
C VAL B 288 -24.81 9.92 -0.51
N GLU B 289 -23.58 9.77 -1.06
CA GLU B 289 -22.63 8.69 -0.75
C GLU B 289 -22.46 8.36 0.78
N PRO B 290 -22.42 9.31 1.76
CA PRO B 290 -22.26 8.91 3.18
C PRO B 290 -23.45 8.17 3.83
N ILE B 291 -24.51 7.85 3.06
CA ILE B 291 -25.67 7.06 3.50
C ILE B 291 -25.37 5.56 3.25
N PHE B 292 -24.61 5.28 2.17
CA PHE B 292 -24.17 3.95 1.72
C PHE B 292 -22.65 3.89 1.97
N ASP B 293 -22.29 3.66 3.23
CA ASP B 293 -20.93 3.69 3.73
C ASP B 293 -20.29 2.32 3.99
N ASN B 294 -21.00 1.44 4.74
CA ASN B 294 -20.61 0.08 5.14
C ASN B 294 -19.24 0.03 5.89
N LYS B 295 -18.93 1.10 6.67
CA LYS B 295 -17.72 1.24 7.51
C LYS B 295 -18.16 1.87 8.86
N ARG B 296 -19.00 1.11 9.61
CA ARG B 296 -19.59 1.55 10.88
C ARG B 296 -19.03 0.83 12.09
N ALA B 297 -18.66 1.61 13.12
CA ALA B 297 -18.13 1.21 14.41
C ALA B 297 -19.24 0.70 15.34
N LYS B 298 -20.19 1.59 15.68
CA LYS B 298 -21.32 1.29 16.57
C LYS B 298 -22.47 0.59 15.84
N GLU B 309 -34.80 3.26 33.45
CA GLU B 309 -33.94 4.42 33.73
C GLU B 309 -33.59 5.18 32.46
N ALA B 310 -34.11 6.43 32.36
CA ALA B 310 -33.89 7.32 31.22
C ALA B 310 -32.54 8.03 31.32
N LEU B 311 -32.11 8.34 32.57
CA LEU B 311 -30.82 8.97 32.91
C LEU B 311 -29.69 8.06 32.44
N MET B 312 -29.78 6.75 32.79
CA MET B 312 -28.80 5.73 32.42
C MET B 312 -28.71 5.56 30.89
N GLN B 313 -29.87 5.49 30.20
CA GLN B 313 -29.97 5.34 28.75
C GLN B 313 -29.08 6.38 28.05
N LYS B 314 -29.16 7.65 28.50
CA LYS B 314 -28.39 8.78 27.99
C LYS B 314 -26.87 8.55 28.12
N VAL B 315 -26.44 7.94 29.26
CA VAL B 315 -25.02 7.63 29.58
C VAL B 315 -24.50 6.55 28.62
N ILE B 316 -25.30 5.50 28.41
CA ILE B 316 -25.01 4.36 27.54
C ILE B 316 -24.69 4.85 26.14
N ASP B 317 -25.55 5.75 25.60
CA ASP B 317 -25.40 6.38 24.27
C ASP B 317 -24.16 7.26 24.19
N ALA B 318 -23.89 8.02 25.28
CA ALA B 318 -22.77 8.95 25.40
C ALA B 318 -21.40 8.28 25.41
N LEU B 319 -21.31 7.06 26.00
CA LEU B 319 -20.04 6.32 26.08
C LEU B 319 -19.85 5.32 24.92
N GLY B 320 -20.92 5.07 24.16
CA GLY B 320 -20.97 4.17 23.01
C GLY B 320 -19.69 3.77 22.30
N SER B 321 -18.89 4.74 21.83
CA SER B 321 -17.65 4.52 21.09
C SER B 321 -16.57 3.82 21.90
N TYR B 322 -16.45 4.20 23.17
CA TYR B 322 -15.48 3.68 24.13
C TYR B 322 -15.81 2.23 24.51
N THR B 323 -17.09 1.96 24.78
CA THR B 323 -17.61 0.64 25.13
C THR B 323 -17.58 -0.37 23.92
N THR B 324 -17.58 0.16 22.68
CA THR B 324 -17.58 -0.61 21.44
C THR B 324 -16.19 -0.88 20.85
N LEU B 325 -15.29 0.10 20.85
CA LEU B 325 -13.98 -0.07 20.22
C LEU B 325 -12.84 -0.34 21.17
N GLY B 326 -12.91 0.27 22.36
CA GLY B 326 -11.90 0.20 23.41
C GLY B 326 -11.55 -1.21 23.82
N CYS B 327 -10.27 -1.59 23.60
CA CYS B 327 -9.76 -2.92 23.91
C CYS B 327 -9.72 -3.23 25.39
N LEU B 328 -10.09 -4.46 25.76
CA LEU B 328 -10.05 -4.87 27.14
C LEU B 328 -8.63 -5.34 27.50
N ILE B 329 -7.81 -5.66 26.47
CA ILE B 329 -6.45 -6.16 26.67
C ILE B 329 -5.41 -5.04 26.67
N CYS B 330 -5.35 -4.27 25.56
CA CYS B 330 -4.35 -3.23 25.32
C CYS B 330 -4.87 -1.77 25.50
N PHE B 331 -6.20 -1.60 25.71
CA PHE B 331 -6.91 -0.34 25.95
C PHE B 331 -6.97 0.59 24.73
N SER B 332 -6.63 0.09 23.54
CA SER B 332 -6.66 0.88 22.30
C SER B 332 -8.00 0.72 21.58
N HIS B 333 -8.37 1.70 20.76
CA HIS B 333 -9.61 1.69 20.00
C HIS B 333 -9.40 1.15 18.57
N ASP B 334 -8.12 0.89 18.25
CA ASP B 334 -7.65 0.25 17.02
C ASP B 334 -6.41 -0.49 17.38
N CYS B 335 -6.52 -1.81 17.38
CA CYS B 335 -5.43 -2.68 17.78
C CYS B 335 -5.42 -3.99 17.01
N GLU B 336 -4.59 -4.94 17.47
CA GLU B 336 -4.44 -6.23 16.85
C GLU B 336 -5.29 -7.29 17.54
N HIS B 337 -6.29 -6.85 18.35
CA HIS B 337 -7.23 -7.72 19.07
C HIS B 337 -8.64 -7.60 18.50
N GLY B 338 -9.35 -8.71 18.47
CA GLY B 338 -10.70 -8.73 17.95
C GLY B 338 -10.81 -9.61 16.72
N GLU B 339 -12.04 -9.96 16.35
CA GLU B 339 -12.34 -10.82 15.22
C GLU B 339 -12.54 -10.04 13.94
N ILE B 340 -11.92 -10.52 12.86
CA ILE B 340 -12.13 -10.02 11.50
C ILE B 340 -13.11 -11.04 10.87
N GLU B 341 -14.38 -10.62 10.65
CA GLU B 341 -15.41 -11.47 10.06
C GLU B 341 -15.11 -11.67 8.58
N ARG B 342 -15.72 -12.69 7.94
CA ARG B 342 -15.50 -13.01 6.51
C ARG B 342 -15.56 -11.76 5.60
N ASP B 343 -16.50 -10.83 5.90
CA ASP B 343 -16.72 -9.54 5.21
C ASP B 343 -15.73 -8.44 5.62
N ASN B 344 -14.59 -8.81 6.24
CA ASN B 344 -13.47 -7.96 6.71
C ASN B 344 -13.86 -6.92 7.80
N GLN B 345 -15.04 -7.11 8.45
CA GLN B 345 -15.51 -6.21 9.51
C GLN B 345 -15.03 -6.68 10.89
N LYS B 346 -14.50 -5.73 11.68
CA LYS B 346 -13.93 -6.02 12.99
C LYS B 346 -14.95 -5.99 14.12
N ARG B 347 -14.88 -7.01 14.97
CA ARG B 347 -15.66 -7.20 16.19
C ARG B 347 -14.59 -7.14 17.29
N CYS B 348 -14.38 -5.93 17.86
CA CYS B 348 -13.33 -5.69 18.88
C CYS B 348 -13.55 -6.43 20.17
N PHE B 349 -12.46 -6.61 20.90
CA PHE B 349 -12.48 -7.21 22.22
C PHE B 349 -12.75 -6.05 23.18
N SER B 350 -14.02 -5.66 23.24
CA SER B 350 -14.50 -4.52 24.00
C SER B 350 -15.63 -4.90 24.95
N LEU B 351 -16.12 -3.93 25.75
CA LEU B 351 -17.23 -4.14 26.68
C LEU B 351 -18.45 -4.73 26.04
N GLU B 352 -18.74 -4.39 24.77
CA GLU B 352 -19.88 -4.92 24.01
C GLU B 352 -19.80 -6.46 23.85
N GLU B 353 -18.59 -7.02 23.95
CA GLU B 353 -18.37 -8.47 23.91
C GLU B 353 -18.89 -9.12 25.22
N ILE B 354 -18.89 -8.36 26.34
CA ILE B 354 -19.33 -8.84 27.66
C ILE B 354 -20.52 -7.99 28.24
N GLY B 355 -21.55 -7.81 27.41
CA GLY B 355 -22.81 -7.15 27.75
C GLY B 355 -22.85 -5.63 27.75
N GLY B 356 -21.76 -5.00 27.33
CA GLY B 356 -21.64 -3.54 27.32
C GLY B 356 -21.40 -2.98 28.70
N LEU B 357 -21.69 -1.67 28.89
CA LEU B 357 -21.49 -0.97 30.15
C LEU B 357 -22.26 -1.56 31.37
N MET B 358 -23.58 -1.73 31.20
CA MET B 358 -24.52 -2.12 32.24
C MET B 358 -24.13 -3.33 33.12
N PRO B 359 -23.73 -4.52 32.64
CA PRO B 359 -23.42 -5.62 33.57
C PRO B 359 -22.17 -5.40 34.43
N SER B 360 -21.10 -4.86 33.79
CA SER B 360 -19.82 -4.55 34.41
C SER B 360 -19.97 -3.46 35.47
N LEU B 361 -20.81 -2.45 35.17
CA LEU B 361 -21.12 -1.33 36.07
C LEU B 361 -22.09 -1.73 37.20
N ARG B 362 -23.18 -2.47 36.90
CA ARG B 362 -24.15 -2.91 37.91
C ARG B 362 -23.44 -3.66 39.03
N ARG B 363 -22.42 -4.47 38.66
CA ARG B 363 -21.58 -5.24 39.58
C ARG B 363 -20.68 -4.33 40.41
N LYS B 364 -20.19 -3.21 39.80
CA LYS B 364 -19.34 -2.22 40.48
C LYS B 364 -20.13 -1.60 41.65
N TRP B 365 -21.38 -1.14 41.35
CA TRP B 365 -22.32 -0.54 42.29
C TRP B 365 -22.61 -1.52 43.45
N ALA B 366 -22.80 -2.81 43.11
CA ALA B 366 -23.06 -3.91 44.05
C ALA B 366 -21.86 -4.09 44.97
N ALA B 367 -20.63 -4.08 44.40
CA ALA B 367 -19.36 -4.19 45.12
C ALA B 367 -19.17 -2.99 46.04
N GLN B 368 -19.62 -1.80 45.58
CA GLN B 368 -19.54 -0.54 46.30
C GLN B 368 -20.49 -0.49 47.49
N ILE B 369 -21.78 -0.89 47.31
CA ILE B 369 -22.79 -0.89 48.39
C ILE B 369 -22.46 -1.94 49.48
N GLU B 370 -21.71 -3.00 49.12
CA GLU B 370 -21.28 -4.06 50.03
C GLU B 370 -20.10 -3.62 50.91
N GLN B 371 -19.12 -2.89 50.32
CA GLN B 371 -17.93 -2.34 51.01
C GLN B 371 -18.36 -1.25 52.01
N ARG B 372 -19.50 -0.58 51.72
CA ARG B 372 -20.17 0.48 52.49
C ARG B 372 -20.58 -0.05 53.90
N GLN B 373 -20.93 -1.35 53.99
CA GLN B 373 -21.33 -2.03 55.22
C GLN B 373 -20.19 -2.11 56.25
N LYS B 374 -18.94 -2.30 55.76
CA LYS B 374 -17.73 -2.39 56.60
C LYS B 374 -17.46 -1.05 57.30
N THR B 375 -17.63 0.07 56.55
CA THR B 375 -17.42 1.43 57.06
C THR B 375 -18.70 1.95 57.70
N PRO B 387 -10.36 15.25 50.94
CA PRO B 387 -9.19 15.58 50.11
C PRO B 387 -9.31 16.96 49.45
N PRO B 388 -8.29 17.83 49.55
CA PRO B 388 -8.40 19.17 48.92
C PRO B 388 -7.73 19.29 47.55
N CYS B 389 -8.26 20.15 46.65
CA CYS B 389 -7.67 20.39 45.32
C CYS B 389 -7.34 21.89 45.09
N ARG B 390 -6.70 22.23 43.94
CA ARG B 390 -6.29 23.59 43.59
C ARG B 390 -7.48 24.55 43.44
N ASN B 391 -8.40 24.31 42.49
CA ASN B 391 -9.58 25.16 42.32
C ASN B 391 -10.71 24.72 43.29
N GLU B 392 -10.83 25.45 44.44
CA GLU B 392 -11.76 25.29 45.59
C GLU B 392 -11.94 23.81 46.00
N CYS B 393 -13.16 23.41 46.46
CA CYS B 393 -13.55 22.03 46.86
C CYS B 393 -14.96 21.98 47.49
N TYR B 394 -15.11 21.29 48.66
CA TYR B 394 -16.37 21.11 49.39
C TYR B 394 -16.24 21.51 50.85
N ARG B 395 -15.12 21.14 51.49
CA ARG B 395 -14.83 21.45 52.89
C ARG B 395 -14.55 22.95 53.09
N ILE B 396 -14.16 23.65 52.00
CA ILE B 396 -13.87 25.09 52.00
C ILE B 396 -15.02 25.93 51.40
N HIS B 397 -15.67 25.44 50.33
CA HIS B 397 -16.82 26.12 49.70
C HIS B 397 -17.94 25.12 49.42
N GLY B 398 -19.17 25.48 49.78
CA GLY B 398 -20.35 24.65 49.54
C GLY B 398 -20.76 24.70 48.08
N THR B 399 -21.78 25.53 47.79
CA THR B 399 -22.27 25.77 46.43
C THR B 399 -21.76 27.14 45.97
N GLY B 400 -20.72 27.62 46.64
CA GLY B 400 -20.11 28.92 46.42
C GLY B 400 -20.87 30.00 47.16
N ASP B 401 -21.24 31.07 46.46
CA ASP B 401 -21.99 32.18 47.03
C ASP B 401 -23.50 31.98 46.78
N PRO B 402 -24.39 32.24 47.78
CA PRO B 402 -25.83 32.03 47.57
C PRO B 402 -26.43 32.78 46.36
N ASN B 403 -26.00 34.03 46.14
CA ASN B 403 -26.46 34.86 45.01
C ASN B 403 -25.27 35.37 44.17
N GLN B 404 -24.63 34.44 43.44
CA GLN B 404 -23.50 34.71 42.56
C GLN B 404 -23.86 34.41 41.10
N GLN B 405 -23.52 35.34 40.18
CA GLN B 405 -23.79 35.21 38.74
C GLN B 405 -22.97 34.05 38.16
N VAL B 406 -23.67 33.02 37.61
CA VAL B 406 -23.07 31.83 37.02
C VAL B 406 -23.49 31.68 35.55
N PRO B 407 -22.53 31.49 34.61
CA PRO B 407 -22.91 31.34 33.19
C PRO B 407 -23.74 30.08 32.93
N PRO B 408 -24.72 30.11 32.00
CA PRO B 408 -25.54 28.92 31.74
C PRO B 408 -24.78 27.71 31.18
N TRP B 409 -25.08 26.53 31.74
CA TRP B 409 -24.49 25.25 31.37
C TRP B 409 -25.24 24.68 30.18
N SER B 410 -24.49 24.22 29.16
CA SER B 410 -25.07 23.62 27.95
C SER B 410 -25.31 22.11 28.13
N GLU B 411 -26.02 21.49 27.16
CA GLU B 411 -26.35 20.07 27.12
C GLU B 411 -25.12 19.18 27.29
N ASN B 412 -23.98 19.57 26.68
CA ASN B 412 -22.71 18.86 26.75
C ASN B 412 -22.12 18.88 28.16
N GLU B 413 -22.31 19.99 28.91
CA GLU B 413 -21.80 20.17 30.26
C GLU B 413 -22.61 19.35 31.26
N VAL B 414 -23.96 19.31 31.09
CA VAL B 414 -24.86 18.52 31.94
C VAL B 414 -24.61 17.01 31.70
N GLY B 415 -24.25 16.67 30.46
CA GLY B 415 -23.91 15.32 30.04
C GLY B 415 -22.69 14.78 30.77
N THR B 416 -21.63 15.61 30.87
CA THR B 416 -20.36 15.30 31.56
C THR B 416 -20.60 15.07 33.05
N LEU B 417 -21.55 15.80 33.65
CA LEU B 417 -21.96 15.65 35.06
C LEU B 417 -22.66 14.30 35.24
N GLU B 418 -23.60 13.97 34.33
CA GLU B 418 -24.40 12.73 34.29
C GLU B 418 -23.53 11.46 34.22
N TRP B 419 -22.75 11.25 33.13
CA TRP B 419 -21.93 10.05 32.95
C TRP B 419 -20.83 9.87 34.03
N MET B 420 -20.26 10.98 34.56
CA MET B 420 -19.23 10.84 35.59
C MET B 420 -19.84 10.39 36.91
N PHE B 421 -21.04 10.91 37.25
CA PHE B 421 -21.75 10.53 38.48
C PHE B 421 -22.14 9.04 38.45
N ALA B 422 -22.55 8.54 37.26
CA ALA B 422 -22.96 7.15 37.04
C ALA B 422 -21.80 6.14 37.16
N THR B 423 -20.65 6.43 36.52
CA THR B 423 -19.49 5.53 36.50
C THR B 423 -18.76 5.50 37.85
N ILE B 424 -18.83 6.59 38.64
CA ILE B 424 -18.23 6.63 39.97
C ILE B 424 -19.22 5.98 40.98
N GLY B 425 -20.51 6.31 40.83
CA GLY B 425 -21.64 5.78 41.57
C GLY B 425 -21.58 5.81 43.08
N TYR B 426 -21.81 4.64 43.71
CA TYR B 426 -21.86 4.43 45.16
C TYR B 426 -20.46 4.37 45.81
N SER B 427 -19.57 5.32 45.46
CA SER B 427 -18.21 5.41 45.99
C SER B 427 -18.12 5.96 47.41
N GLN B 428 -17.00 5.68 48.10
CA GLN B 428 -16.70 6.15 49.45
C GLN B 428 -15.76 7.36 49.37
N THR B 429 -14.58 7.18 48.73
CA THR B 429 -13.52 8.18 48.60
C THR B 429 -13.73 9.16 47.45
N LEU B 430 -13.69 8.66 46.20
CA LEU B 430 -13.81 9.47 44.98
C LEU B 430 -15.12 10.24 44.89
N ARG B 431 -15.02 11.53 44.53
CA ARG B 431 -16.14 12.46 44.35
C ARG B 431 -16.06 13.02 42.93
N PRO B 432 -17.17 13.00 42.15
CA PRO B 432 -17.11 13.45 40.75
C PRO B 432 -16.76 14.91 40.54
N GLU B 433 -17.35 15.79 41.33
CA GLU B 433 -17.26 17.25 41.26
C GLU B 433 -15.85 17.80 41.04
N CYS B 434 -14.84 17.27 41.76
CA CYS B 434 -13.44 17.69 41.61
C CYS B 434 -12.95 17.40 40.19
N PHE B 435 -13.16 16.16 39.71
CA PHE B 435 -12.75 15.75 38.37
C PHE B 435 -13.56 16.43 37.27
N VAL B 436 -14.92 16.49 37.40
CA VAL B 436 -15.79 17.17 36.41
C VAL B 436 -15.39 18.66 36.33
N GLY B 437 -14.98 19.23 37.49
CA GLY B 437 -14.50 20.59 37.62
C GLY B 437 -13.23 20.82 36.81
N ALA B 438 -12.28 19.86 36.87
CA ALA B 438 -11.02 19.90 36.14
C ALA B 438 -11.26 19.69 34.64
N ILE B 439 -12.31 18.93 34.28
CA ILE B 439 -12.67 18.63 32.89
C ILE B 439 -13.40 19.82 32.23
N LEU B 440 -14.49 20.31 32.86
CA LEU B 440 -15.30 21.41 32.33
C LEU B 440 -14.63 22.79 32.48
N GLY B 441 -13.61 22.88 33.33
CA GLY B 441 -12.91 24.12 33.61
C GLY B 441 -13.58 24.90 34.72
N ARG B 442 -14.89 24.66 34.91
CA ARG B 442 -15.78 25.29 35.89
C ARG B 442 -15.28 25.12 37.35
N PRO B 443 -15.44 26.17 38.20
CA PRO B 443 -15.02 26.03 39.61
C PRO B 443 -15.76 24.88 40.30
N CYS B 444 -15.05 24.15 41.19
CA CYS B 444 -15.55 22.98 41.90
C CYS B 444 -16.94 23.17 42.57
N TRP B 445 -17.26 24.40 43.06
CA TRP B 445 -18.54 24.69 43.72
C TRP B 445 -19.72 24.76 42.71
N ASP B 446 -19.44 24.95 41.41
CA ASP B 446 -20.47 24.96 40.36
C ASP B 446 -21.07 23.56 40.21
N VAL B 447 -20.22 22.52 40.30
CA VAL B 447 -20.61 21.11 40.18
C VAL B 447 -21.40 20.64 41.41
N HIS B 448 -21.15 21.23 42.59
CA HIS B 448 -22.08 21.05 43.71
C HIS B 448 -23.44 21.68 43.48
N ARG B 449 -23.48 22.93 42.99
CA ARG B 449 -24.72 23.66 42.75
C ARG B 449 -25.58 22.97 41.71
N LYS B 450 -24.97 22.56 40.58
CA LYS B 450 -25.67 21.88 39.50
C LYS B 450 -26.13 20.48 39.89
N LEU B 451 -25.33 19.78 40.73
CA LEU B 451 -25.66 18.44 41.21
C LEU B 451 -26.91 18.45 42.11
N GLN B 452 -27.09 19.52 42.91
CA GLN B 452 -28.26 19.73 43.77
C GLN B 452 -29.45 20.16 42.92
N GLU B 453 -29.20 21.02 41.89
CA GLU B 453 -30.18 21.55 40.95
C GLU B 453 -30.97 20.46 40.23
N LEU B 454 -30.27 19.43 39.71
CA LEU B 454 -30.88 18.33 38.96
C LEU B 454 -31.25 17.12 39.82
N ASP B 455 -30.84 17.12 41.12
CA ASP B 455 -31.08 16.06 42.11
C ASP B 455 -30.78 14.67 41.54
N LEU B 456 -29.49 14.38 41.36
CA LEU B 456 -29.04 13.11 40.79
C LEU B 456 -29.24 11.95 41.76
N ARG B 457 -29.95 10.92 41.28
CA ARG B 457 -30.24 9.70 42.02
C ARG B 457 -29.90 8.52 41.12
N LEU B 458 -29.11 7.57 41.66
CA LEU B 458 -28.69 6.38 40.94
C LEU B 458 -29.86 5.41 40.79
N PRO B 459 -29.82 4.44 39.86
CA PRO B 459 -30.65 3.26 40.06
C PRO B 459 -30.16 2.41 41.23
N PRO B 460 -31.07 1.82 42.02
CA PRO B 460 -30.61 0.96 43.13
C PRO B 460 -30.13 -0.40 42.63
N VAL B 461 -29.32 -1.10 43.45
CA VAL B 461 -28.80 -2.43 43.12
C VAL B 461 -29.29 -3.47 44.14
N GLU B 462 -30.00 -4.48 43.61
CA GLU B 462 -30.60 -5.60 44.37
C GLU B 462 -29.54 -6.43 45.13
N PRO B 463 -29.85 -6.97 46.34
CA PRO B 463 -28.84 -7.77 47.06
C PRO B 463 -28.50 -9.07 46.34
N ARG B 464 -27.43 -9.02 45.53
CA ARG B 464 -26.92 -10.11 44.68
C ARG B 464 -26.13 -11.19 45.45
N THR B 465 -26.64 -11.61 46.63
CA THR B 465 -26.02 -12.63 47.48
C THR B 465 -26.29 -14.04 46.89
N ILE B 466 -25.56 -14.39 45.80
CA ILE B 466 -25.70 -15.66 45.07
C ILE B 466 -25.26 -16.84 45.97
N PRO B 467 -26.11 -17.90 46.14
CA PRO B 467 -25.75 -19.01 47.05
C PRO B 467 -24.43 -19.72 46.76
N LYS B 468 -23.88 -20.36 47.81
CA LYS B 468 -22.62 -21.10 47.79
C LYS B 468 -22.65 -22.33 46.88
N GLN B 469 -21.57 -22.50 46.09
CA GLN B 469 -21.35 -23.60 45.17
C GLN B 469 -20.18 -24.42 45.69
N LYS B 470 -20.17 -25.74 45.48
CA LYS B 470 -19.03 -26.54 45.95
C LYS B 470 -17.86 -26.50 44.96
N SER B 471 -16.63 -26.66 45.50
CA SER B 471 -15.38 -26.66 44.74
C SER B 471 -15.31 -27.83 43.77
N LEU B 472 -14.66 -27.61 42.63
CA LEU B 472 -14.49 -28.60 41.57
C LEU B 472 -13.60 -29.73 42.01
N PRO B 473 -13.96 -30.99 41.66
CA PRO B 473 -13.13 -32.15 42.08
C PRO B 473 -11.68 -32.16 41.60
N TRP B 474 -11.34 -31.35 40.59
CA TRP B 474 -10.00 -31.31 39.99
C TRP B 474 -9.22 -29.99 40.15
N TYR B 475 -9.87 -28.91 40.63
CA TYR B 475 -9.22 -27.61 40.78
C TYR B 475 -9.63 -26.87 42.06
N ASP B 476 -8.63 -26.55 42.89
CA ASP B 476 -8.80 -25.79 44.12
C ASP B 476 -8.39 -24.34 43.82
N ARG B 477 -9.36 -23.41 43.78
CA ARG B 477 -9.13 -21.98 43.48
C ARG B 477 -8.59 -21.22 44.71
N ARG B 478 -8.84 -21.78 45.92
CA ARG B 478 -8.46 -21.24 47.23
C ARG B 478 -6.99 -21.56 47.54
N LYS B 479 -6.56 -22.81 47.31
CA LYS B 479 -5.19 -23.25 47.53
C LYS B 479 -4.32 -23.13 46.27
N LYS B 480 -4.94 -22.72 45.15
CA LYS B 480 -4.32 -22.49 43.83
C LYS B 480 -3.53 -23.71 43.30
N GLN B 481 -4.22 -24.84 43.01
CA GLN B 481 -3.59 -26.08 42.51
C GLN B 481 -4.53 -27.02 41.72
N LEU B 482 -3.93 -27.92 40.89
CA LEU B 482 -4.63 -28.91 40.07
C LEU B 482 -4.48 -30.30 40.69
N MET B 483 -5.60 -31.03 40.86
CA MET B 483 -5.62 -32.39 41.45
C MET B 483 -6.43 -33.37 40.58
N SER B 484 -6.41 -34.66 40.97
CA SER B 484 -7.15 -35.75 40.31
C SER B 484 -6.84 -35.86 38.81
N ASP B 485 -7.85 -36.24 37.98
CA ASP B 485 -7.77 -36.43 36.53
C ASP B 485 -7.91 -35.09 35.77
N TRP B 486 -7.46 -33.97 36.36
CA TRP B 486 -7.58 -32.61 35.81
C TRP B 486 -7.28 -32.50 34.30
N ALA B 487 -6.20 -33.16 33.80
CA ALA B 487 -5.80 -33.12 32.39
C ALA B 487 -6.85 -33.70 31.46
N ASP B 488 -7.65 -34.64 31.98
CA ASP B 488 -8.75 -35.28 31.27
C ASP B 488 -10.04 -34.48 31.49
N ALA B 489 -10.23 -33.96 32.73
CA ALA B 489 -11.41 -33.18 33.16
C ALA B 489 -11.65 -31.94 32.34
N THR B 490 -10.58 -31.13 32.07
CA THR B 490 -10.56 -29.82 31.37
C THR B 490 -9.73 -29.82 30.07
N ILE B 491 -9.79 -28.69 29.34
CA ILE B 491 -9.01 -28.42 28.11
C ILE B 491 -8.33 -27.03 28.12
N THR B 492 -8.27 -26.33 29.30
CA THR B 492 -7.63 -25.02 29.49
C THR B 492 -6.19 -25.02 28.95
N HIS B 493 -5.40 -26.05 29.32
CA HIS B 493 -4.01 -26.27 28.95
C HIS B 493 -3.81 -26.72 27.49
N GLU B 494 -4.80 -27.41 26.90
CA GLU B 494 -4.76 -27.89 25.52
C GLU B 494 -5.23 -26.79 24.58
N HIS B 495 -4.32 -25.93 24.13
CA HIS B 495 -4.68 -24.80 23.25
C HIS B 495 -5.02 -25.22 21.84
N ALA B 496 -4.44 -26.34 21.36
CA ALA B 496 -4.66 -26.91 20.03
C ALA B 496 -6.13 -27.31 19.77
N VAL B 497 -6.88 -27.63 20.83
CA VAL B 497 -8.28 -28.03 20.74
C VAL B 497 -9.25 -26.98 21.29
N ARG B 498 -8.73 -25.81 21.70
CA ARG B 498 -9.54 -24.73 22.27
C ARG B 498 -10.21 -23.86 21.22
N GLU B 499 -11.50 -23.55 21.44
CA GLU B 499 -12.32 -22.68 20.58
C GLU B 499 -12.63 -21.38 21.31
N LEU B 500 -12.26 -20.26 20.72
CA LEU B 500 -12.47 -18.94 21.31
C LEU B 500 -13.96 -18.67 21.48
N PHE B 501 -14.33 -18.03 22.59
CA PHE B 501 -15.70 -17.62 22.91
C PHE B 501 -15.59 -16.35 23.72
N ALA B 502 -16.69 -15.58 23.79
CA ALA B 502 -16.71 -14.37 24.60
C ALA B 502 -16.73 -14.75 26.10
N PRO B 503 -15.97 -14.05 26.98
CA PRO B 503 -15.99 -14.40 28.42
C PRO B 503 -17.43 -14.33 28.97
N CYS B 504 -17.81 -15.24 29.89
CA CYS B 504 -19.18 -15.30 30.42
C CYS B 504 -19.59 -14.01 31.15
N HIS B 505 -20.81 -13.51 30.83
CA HIS B 505 -21.36 -12.29 31.40
C HIS B 505 -22.79 -12.45 31.99
N HIS B 506 -23.27 -13.71 32.10
CA HIS B 506 -24.57 -14.05 32.71
C HIS B 506 -24.56 -13.64 34.20
N ASP B 507 -25.72 -13.40 34.80
CA ASP B 507 -25.78 -13.01 36.23
C ASP B 507 -25.84 -14.21 37.21
N GLY B 508 -26.26 -15.38 36.72
CA GLY B 508 -26.37 -16.58 37.53
C GLY B 508 -25.08 -17.35 37.75
N PRO B 509 -25.14 -18.61 38.28
CA PRO B 509 -23.90 -19.39 38.49
C PRO B 509 -23.19 -19.83 37.20
N CYS B 510 -21.90 -20.18 37.30
CA CYS B 510 -21.12 -20.62 36.14
C CYS B 510 -21.24 -22.14 35.86
N THR B 511 -22.47 -22.62 35.62
CA THR B 511 -22.72 -24.05 35.32
C THR B 511 -23.30 -24.20 33.91
N ALA B 512 -23.53 -25.45 33.45
CA ALA B 512 -24.11 -25.73 32.15
C ALA B 512 -25.60 -25.39 32.14
N ALA B 513 -26.30 -25.65 33.29
CA ALA B 513 -27.72 -25.38 33.51
C ALA B 513 -28.06 -23.89 33.38
N ASN B 514 -27.15 -23.01 33.85
CA ASN B 514 -27.34 -21.57 33.76
C ASN B 514 -26.86 -21.06 32.39
N GLY B 515 -26.10 -21.90 31.68
CA GLY B 515 -25.59 -21.60 30.34
C GLY B 515 -24.26 -20.88 30.29
N CYS B 516 -23.34 -21.21 31.22
CA CYS B 516 -22.01 -20.60 31.19
C CYS B 516 -21.18 -21.27 30.08
N PRO B 517 -20.66 -20.47 29.09
CA PRO B 517 -19.91 -21.07 27.97
C PRO B 517 -18.58 -21.71 28.38
N CYS B 518 -17.89 -21.09 29.35
CA CYS B 518 -16.64 -21.59 29.91
C CYS B 518 -16.80 -23.06 30.30
N ALA B 519 -17.91 -23.38 30.99
CA ALA B 519 -18.27 -24.71 31.44
C ALA B 519 -19.02 -25.60 30.42
N SER B 520 -19.86 -25.01 29.54
CA SER B 520 -20.70 -25.82 28.64
C SER B 520 -20.40 -25.77 27.15
N ALA B 521 -19.92 -24.63 26.63
CA ALA B 521 -19.69 -24.47 25.18
C ALA B 521 -18.66 -25.42 24.56
N GLY B 522 -17.60 -25.72 25.29
CA GLY B 522 -16.54 -26.61 24.80
C GLY B 522 -16.85 -28.08 24.99
N THR B 523 -15.91 -28.96 24.59
CA THR B 523 -16.05 -30.43 24.77
C THR B 523 -15.87 -30.78 26.23
N HIS B 524 -15.14 -29.94 26.98
CA HIS B 524 -14.86 -30.03 28.42
C HIS B 524 -14.95 -28.62 29.00
N PRO B 525 -15.12 -28.45 30.33
CA PRO B 525 -15.12 -27.08 30.90
C PRO B 525 -13.73 -26.44 30.85
N VAL B 526 -13.66 -25.12 30.97
CA VAL B 526 -12.41 -24.37 31.01
C VAL B 526 -12.47 -23.36 32.13
N LEU B 527 -11.34 -23.15 32.79
CA LEU B 527 -11.21 -22.18 33.87
C LEU B 527 -11.67 -20.78 33.42
N CYS B 528 -12.45 -20.09 34.28
CA CYS B 528 -12.94 -18.74 34.02
C CYS B 528 -11.78 -17.74 34.15
N GLU B 529 -11.57 -16.90 33.14
CA GLU B 529 -10.45 -15.95 33.11
C GLU B 529 -10.83 -14.54 33.63
N ARG B 530 -9.88 -13.58 33.61
CA ARG B 530 -10.02 -12.22 34.16
C ARG B 530 -11.20 -11.39 33.63
N PHE B 531 -11.60 -11.59 32.35
CA PHE B 531 -12.67 -10.83 31.70
C PHE B 531 -14.07 -11.37 31.95
N CYS B 532 -14.19 -12.55 32.61
CA CYS B 532 -15.48 -13.15 32.99
C CYS B 532 -16.01 -12.26 34.09
N LEU B 533 -17.32 -12.01 34.11
CA LEU B 533 -17.89 -11.14 35.14
C LEU B 533 -18.02 -11.83 36.50
N CYS B 534 -17.93 -13.17 36.54
CA CYS B 534 -17.96 -13.93 37.78
C CYS B 534 -16.75 -13.59 38.66
N THR B 535 -16.94 -13.63 39.99
CA THR B 535 -15.85 -13.34 40.90
C THR B 535 -15.32 -14.65 41.53
N ALA B 536 -14.08 -14.61 42.06
CA ALA B 536 -13.40 -15.75 42.67
C ALA B 536 -14.14 -16.32 43.86
N GLU B 537 -14.86 -15.50 44.64
CA GLU B 537 -15.56 -16.02 45.81
C GLU B 537 -16.88 -16.74 45.45
N GLU B 538 -17.46 -16.46 44.27
CA GLU B 538 -18.72 -17.05 43.86
C GLU B 538 -18.61 -18.18 42.83
N CYS B 539 -17.59 -18.14 41.93
CA CYS B 539 -17.43 -19.12 40.85
C CYS B 539 -16.20 -20.05 41.01
N PRO B 540 -16.44 -21.40 41.06
CA PRO B 540 -15.32 -22.35 41.24
C PRO B 540 -14.38 -22.50 40.06
N LEU B 541 -14.74 -21.97 38.89
CA LEU B 541 -13.91 -22.04 37.70
C LEU B 541 -12.93 -20.88 37.58
N LYS B 542 -13.17 -19.77 38.32
CA LYS B 542 -12.34 -18.57 38.28
C LYS B 542 -10.86 -18.83 38.60
N PHE B 543 -9.98 -18.64 37.58
CA PHE B 543 -8.53 -18.79 37.70
C PHE B 543 -8.02 -17.68 38.61
N THR B 544 -7.27 -18.06 39.65
CA THR B 544 -6.81 -17.14 40.69
C THR B 544 -5.27 -16.88 40.74
N GLY B 545 -4.52 -17.50 39.85
CA GLY B 545 -3.06 -17.33 39.74
C GLY B 545 -2.29 -18.44 40.40
N CYS B 546 -0.97 -18.25 40.57
CA CYS B 546 -0.11 -19.24 41.24
C CYS B 546 0.29 -18.80 42.63
N ALA B 547 0.30 -19.78 43.57
CA ALA B 547 0.67 -19.61 44.99
C ALA B 547 2.20 -19.62 45.18
N CYS B 548 2.94 -19.74 44.04
CA CYS B 548 4.40 -19.77 43.90
C CYS B 548 5.13 -18.63 44.57
N HIS B 549 6.20 -18.98 45.31
CA HIS B 549 7.12 -18.07 46.00
C HIS B 549 8.39 -18.84 46.36
N SER B 550 9.55 -18.20 46.11
CA SER B 550 10.88 -18.75 46.40
C SER B 550 11.91 -17.62 46.53
N SER B 551 12.95 -17.83 47.38
CA SER B 551 14.06 -16.89 47.57
C SER B 551 14.92 -16.91 46.31
N GLY B 552 14.97 -18.07 45.64
CA GLY B 552 15.65 -18.30 44.38
C GLY B 552 14.68 -18.14 43.23
N LYS B 553 14.80 -18.98 42.18
CA LYS B 553 13.91 -18.94 41.01
C LYS B 553 12.69 -19.80 41.27
N THR B 554 11.51 -19.30 40.92
CA THR B 554 10.26 -20.05 41.06
C THR B 554 9.50 -19.98 39.73
N CYS B 555 8.32 -20.66 39.63
CA CYS B 555 7.49 -20.76 38.42
C CYS B 555 8.28 -21.34 37.23
N LEU B 556 9.00 -22.43 37.53
CA LEU B 556 9.89 -23.16 36.63
C LEU B 556 9.24 -24.41 36.07
N GLN B 557 9.72 -24.84 34.87
CA GLN B 557 9.25 -26.00 34.13
C GLN B 557 9.36 -27.32 34.92
N ARG B 558 10.36 -27.43 35.82
CA ARG B 558 10.56 -28.62 36.67
C ARG B 558 10.85 -28.27 38.15
N GLN B 559 9.89 -28.60 39.06
CA GLN B 559 9.98 -28.33 40.50
C GLN B 559 9.76 -29.60 41.30
N GLY B 562 9.07 -28.81 45.66
CA GLY B 562 7.95 -29.48 46.31
C GLY B 562 6.66 -29.47 45.51
N ARG B 563 5.85 -28.40 45.65
CA ARG B 563 4.58 -28.27 44.94
C ARG B 563 4.75 -27.49 43.62
N PRO B 564 4.17 -28.00 42.50
CA PRO B 564 4.36 -27.35 41.20
C PRO B 564 3.62 -26.02 40.98
N CYS B 565 4.00 -25.30 39.89
CA CYS B 565 3.42 -24.03 39.45
C CYS B 565 2.25 -24.35 38.54
N ILE B 566 1.03 -23.92 38.93
CA ILE B 566 -0.20 -24.14 38.15
C ILE B 566 -0.10 -23.52 36.74
N CYS B 567 0.53 -22.33 36.64
CA CYS B 567 0.72 -21.61 35.38
C CYS B 567 1.51 -22.43 34.38
N VAL B 568 2.59 -23.06 34.84
CA VAL B 568 3.44 -23.90 33.99
C VAL B 568 2.65 -25.12 33.50
N GLN B 569 1.87 -25.73 34.39
CA GLN B 569 1.03 -26.90 34.13
C GLN B 569 -0.12 -26.60 33.15
N LEU B 570 -0.65 -25.36 33.22
CA LEU B 570 -1.75 -24.89 32.38
C LEU B 570 -1.31 -24.26 31.04
N ASN B 571 0.00 -24.39 30.73
CA ASN B 571 0.67 -23.86 29.54
C ASN B 571 0.37 -22.38 29.34
N ARG B 572 0.64 -21.60 30.40
CA ARG B 572 0.42 -20.15 30.42
C ARG B 572 1.43 -19.39 31.26
N GLU B 573 1.67 -18.13 30.92
CA GLU B 573 2.56 -17.24 31.68
C GLU B 573 1.82 -16.74 32.92
N CYS B 574 2.53 -16.02 33.80
CA CYS B 574 1.93 -15.49 35.03
C CYS B 574 1.30 -14.12 34.83
N ASP B 575 0.10 -13.92 35.43
CA ASP B 575 -0.70 -12.68 35.37
C ASP B 575 -0.11 -11.69 36.37
N PRO B 576 0.43 -10.50 35.95
CA PRO B 576 1.01 -9.54 36.92
C PRO B 576 0.09 -9.15 38.09
N THR B 577 -1.24 -9.22 37.86
CA THR B 577 -2.25 -8.92 38.86
C THR B 577 -2.43 -10.11 39.83
N LEU B 578 -3.04 -11.20 39.32
CA LEU B 578 -3.37 -12.42 40.05
C LEU B 578 -2.17 -13.21 40.62
N CYS B 579 -1.03 -13.23 39.91
CA CYS B 579 0.17 -13.95 40.35
C CYS B 579 1.07 -13.08 41.22
N LYS B 580 0.57 -12.78 42.44
CA LYS B 580 1.26 -11.96 43.43
C LYS B 580 2.25 -12.81 44.18
N GLY B 581 3.34 -12.16 44.61
CA GLY B 581 4.43 -12.78 45.36
C GLY B 581 5.15 -13.92 44.67
N CYS B 582 5.16 -13.92 43.31
CA CYS B 582 5.82 -14.96 42.54
C CYS B 582 7.10 -14.52 41.80
N GLY B 583 7.36 -13.23 41.49
CA GLY B 583 6.54 -12.03 41.66
C GLY B 583 6.51 -11.28 40.34
N ALA B 584 5.69 -11.79 39.42
CA ALA B 584 5.49 -11.35 38.04
C ALA B 584 5.21 -9.86 37.86
N ARG B 585 4.58 -9.19 38.84
CA ARG B 585 4.24 -7.76 38.77
C ARG B 585 5.42 -6.86 38.33
N GLU B 586 6.64 -7.22 38.77
CA GLU B 586 7.90 -6.52 38.51
C GLU B 586 8.66 -7.06 37.28
N ARG B 587 8.80 -8.40 37.19
CA ARG B 587 9.52 -9.11 36.12
C ARG B 587 8.86 -9.01 34.73
N ALA B 588 7.52 -9.21 34.67
CA ALA B 588 6.72 -9.15 33.43
C ALA B 588 6.71 -7.77 32.79
N ASP B 589 7.09 -6.74 33.56
CA ASP B 589 7.19 -5.34 33.13
C ASP B 589 8.37 -5.22 32.17
N PRO B 590 8.14 -4.79 30.91
CA PRO B 590 9.24 -4.69 29.94
C PRO B 590 10.22 -3.56 30.24
N GLU B 591 9.87 -2.66 31.16
CA GLU B 591 10.77 -1.58 31.58
C GLU B 591 11.88 -2.16 32.47
N ASN B 592 11.60 -3.26 33.19
CA ASN B 592 12.55 -4.00 34.05
C ASN B 592 13.21 -5.19 33.30
N ALA B 593 13.09 -5.22 31.95
CA ALA B 593 13.54 -6.30 31.05
C ALA B 593 15.05 -6.64 31.07
N TYR B 594 15.95 -5.68 31.30
CA TYR B 594 17.37 -6.01 31.25
C TYR B 594 18.05 -5.96 32.65
N ASP B 595 17.26 -6.22 33.72
CA ASP B 595 17.68 -6.24 35.11
C ASP B 595 18.06 -7.69 35.50
N GLU B 596 19.29 -8.11 35.16
CA GLU B 596 19.80 -9.47 35.37
C GLU B 596 19.75 -9.99 36.81
N VAL B 597 19.72 -9.08 37.81
CA VAL B 597 19.63 -9.47 39.23
C VAL B 597 18.16 -9.67 39.66
N LEU B 598 17.21 -9.08 38.90
CA LEU B 598 15.78 -9.24 39.18
C LEU B 598 15.32 -10.61 38.67
N HIS B 599 15.71 -10.95 37.43
CA HIS B 599 15.36 -12.18 36.72
C HIS B 599 16.14 -13.42 37.19
N SER B 600 17.21 -13.20 37.96
CA SER B 600 18.05 -14.27 38.52
C SER B 600 17.30 -15.06 39.61
N THR B 601 16.20 -14.47 40.14
CA THR B 601 15.33 -15.06 41.16
C THR B 601 13.87 -14.76 40.79
N GLY B 602 12.96 -15.44 41.48
CA GLY B 602 11.52 -15.27 41.30
C GLY B 602 10.94 -15.89 40.05
N CYS B 603 9.84 -15.29 39.57
CA CYS B 603 9.03 -15.70 38.43
C CYS B 603 9.84 -15.87 37.15
N GLN B 604 10.01 -17.15 36.74
CA GLN B 604 10.74 -17.50 35.52
C GLN B 604 9.80 -17.71 34.33
N ASN B 605 8.48 -17.68 34.58
CA ASN B 605 7.43 -17.91 33.60
C ASN B 605 6.91 -16.65 32.90
N VAL B 606 7.65 -15.52 32.91
CA VAL B 606 7.13 -14.33 32.20
C VAL B 606 8.05 -13.91 30.99
N ALA B 607 8.69 -14.92 30.34
CA ALA B 607 9.61 -14.80 29.20
C ALA B 607 9.10 -13.98 28.03
N LEU B 608 7.87 -14.27 27.56
CA LEU B 608 7.21 -13.56 26.45
C LEU B 608 6.84 -12.15 26.86
N GLN B 609 6.43 -11.97 28.13
CA GLN B 609 6.05 -10.68 28.72
C GLN B 609 7.23 -9.71 28.91
N ARG B 610 8.44 -10.24 29.24
CA ARG B 610 9.62 -9.39 29.40
C ARG B 610 10.10 -8.92 28.03
N GLY B 611 9.88 -9.75 27.02
CA GLY B 611 10.20 -9.48 25.62
C GLY B 611 11.67 -9.27 25.35
N ALA B 612 12.53 -9.94 26.09
CA ALA B 612 13.96 -9.87 25.88
C ALA B 612 14.37 -11.24 25.32
N ALA B 613 14.79 -11.26 24.05
CA ALA B 613 15.19 -12.46 23.33
C ALA B 613 16.70 -12.56 23.29
N LYS B 614 17.24 -13.79 23.30
CA LYS B 614 18.69 -14.02 23.21
C LYS B 614 19.24 -13.45 21.90
N ALA B 615 20.49 -12.93 21.94
CA ALA B 615 21.16 -12.33 20.79
C ALA B 615 21.34 -13.32 19.66
N VAL B 616 20.85 -12.95 18.48
CA VAL B 616 20.89 -13.81 17.32
C VAL B 616 21.36 -13.06 16.04
N VAL B 617 21.84 -13.83 15.05
CA VAL B 617 22.36 -13.37 13.75
C VAL B 617 21.67 -14.06 12.61
N LEU B 618 21.52 -13.34 11.50
CA LEU B 618 20.98 -13.87 10.25
C LEU B 618 22.19 -14.35 9.45
N GLY B 619 22.05 -15.47 8.75
CA GLY B 619 23.13 -15.99 7.94
C GLY B 619 22.67 -16.92 6.84
N LYS B 620 23.64 -17.51 6.13
CA LYS B 620 23.37 -18.50 5.08
C LYS B 620 23.31 -19.85 5.76
N SER B 621 22.19 -20.58 5.61
CA SER B 621 22.01 -21.86 6.27
C SER B 621 23.01 -22.92 5.84
N GLN B 622 23.45 -23.77 6.80
CA GLN B 622 24.41 -24.86 6.59
C GLN B 622 23.86 -25.91 5.64
N LEU B 623 22.52 -26.05 5.59
CA LEU B 623 21.82 -27.02 4.75
C LEU B 623 21.88 -26.64 3.27
N GLU B 624 21.86 -27.67 2.40
CA GLU B 624 21.87 -27.55 0.94
C GLU B 624 20.62 -26.82 0.44
N ALA B 625 20.83 -25.76 -0.38
CA ALA B 625 19.79 -24.90 -0.96
C ALA B 625 18.62 -24.61 0.01
N CYS B 626 18.95 -23.94 1.12
CA CYS B 626 17.97 -23.59 2.14
C CYS B 626 17.83 -22.11 2.35
N GLY B 627 18.75 -21.34 1.78
CA GLY B 627 18.77 -19.89 1.89
C GLY B 627 19.26 -19.42 3.24
N TYR B 628 18.39 -18.74 3.99
CA TYR B 628 18.74 -18.23 5.31
C TYR B 628 18.50 -19.22 6.45
N GLY B 629 19.22 -18.98 7.53
CA GLY B 629 19.19 -19.74 8.75
C GLY B 629 19.55 -18.82 9.89
N LEU B 630 18.94 -19.03 11.05
CA LEU B 630 19.22 -18.20 12.21
C LEU B 630 20.35 -18.85 13.01
N PHE B 631 21.32 -18.01 13.41
CA PHE B 631 22.50 -18.44 14.15
C PHE B 631 22.61 -17.71 15.48
N ALA B 632 23.02 -18.44 16.55
CA ALA B 632 23.20 -17.88 17.89
C ALA B 632 24.38 -16.90 17.91
N ALA B 633 24.15 -15.68 18.44
CA ALA B 633 25.17 -14.64 18.57
C ALA B 633 25.80 -14.68 19.96
N GLU B 634 25.14 -15.40 20.88
CA GLU B 634 25.60 -15.56 22.25
C GLU B 634 25.50 -17.03 22.70
N ASP B 635 25.66 -17.30 24.00
CA ASP B 635 25.53 -18.65 24.53
C ASP B 635 24.17 -18.82 25.16
N ILE B 636 23.45 -19.86 24.75
CA ILE B 636 22.12 -20.17 25.24
C ILE B 636 22.15 -21.49 26.00
N GLU B 637 21.84 -21.45 27.31
CA GLU B 637 21.82 -22.65 28.14
C GLU B 637 20.44 -23.33 28.03
N GLU B 638 20.35 -24.61 28.36
CA GLU B 638 19.09 -25.35 28.30
C GLU B 638 17.98 -24.74 29.16
N GLY B 639 16.77 -24.73 28.61
CA GLY B 639 15.58 -24.23 29.27
C GLY B 639 15.37 -22.73 29.18
N GLU B 640 16.23 -22.02 28.43
CA GLU B 640 16.14 -20.57 28.26
C GLU B 640 15.27 -20.18 27.07
N PHE B 641 14.54 -19.07 27.19
CA PHE B 641 13.72 -18.52 26.12
C PHE B 641 14.64 -17.84 25.11
N VAL B 642 14.55 -18.27 23.84
CA VAL B 642 15.36 -17.76 22.73
C VAL B 642 14.68 -16.60 22.03
N ILE B 643 13.53 -16.87 21.38
CA ILE B 643 12.80 -15.93 20.54
C ILE B 643 11.31 -16.31 20.43
N GLU B 644 10.46 -15.32 20.12
CA GLU B 644 9.02 -15.48 19.91
C GLU B 644 8.76 -15.49 18.40
N TYR B 645 7.84 -16.35 17.93
CA TYR B 645 7.45 -16.33 16.52
C TYR B 645 6.31 -15.30 16.37
N THR B 646 6.62 -14.13 15.75
CA THR B 646 5.64 -13.08 15.46
C THR B 646 5.37 -13.04 13.95
N GLY B 647 4.18 -12.54 13.60
CA GLY B 647 3.72 -12.41 12.22
C GLY B 647 2.30 -11.87 12.18
N GLU B 648 1.62 -12.05 11.04
CA GLU B 648 0.25 -11.60 10.84
C GLU B 648 -0.77 -12.67 11.31
N LEU B 649 -1.79 -12.24 12.07
CA LEU B 649 -2.85 -13.13 12.54
C LEU B 649 -3.88 -13.28 11.45
N ILE B 650 -3.94 -14.49 10.89
CA ILE B 650 -4.81 -14.86 9.79
C ILE B 650 -5.62 -16.13 10.11
N SER B 651 -6.75 -16.33 9.40
CA SER B 651 -7.60 -17.51 9.53
C SER B 651 -6.91 -18.73 8.85
N HIS B 652 -7.46 -19.95 9.03
CA HIS B 652 -6.97 -21.16 8.35
C HIS B 652 -7.20 -20.93 6.85
N ASP B 653 -8.33 -20.27 6.51
CA ASP B 653 -8.77 -19.94 5.16
C ASP B 653 -7.83 -18.98 4.45
N GLU B 654 -7.46 -17.86 5.12
CA GLU B 654 -6.55 -16.84 4.57
C GLU B 654 -5.15 -17.42 4.28
N GLY B 655 -4.71 -18.35 5.13
CA GLY B 655 -3.44 -19.05 5.00
C GLY B 655 -3.32 -19.89 3.74
N VAL B 656 -4.40 -20.62 3.37
CA VAL B 656 -4.46 -21.45 2.16
C VAL B 656 -4.51 -20.54 0.91
N ARG B 657 -5.30 -19.44 0.98
CA ARG B 657 -5.44 -18.40 -0.05
C ARG B 657 -4.07 -17.81 -0.43
N ARG B 658 -3.23 -17.48 0.58
CA ARG B 658 -1.90 -16.92 0.41
C ARG B 658 -0.92 -17.96 -0.17
N GLU B 659 -0.96 -19.20 0.38
CA GLU B 659 -0.13 -20.34 -0.02
C GLU B 659 -0.23 -20.64 -1.51
N HIS B 660 -1.47 -20.72 -2.05
CA HIS B 660 -1.74 -21.01 -3.47
C HIS B 660 -1.60 -19.79 -4.37
N ARG B 661 -1.55 -18.58 -3.78
CA ARG B 661 -1.38 -17.32 -4.48
C ARG B 661 0.11 -17.15 -4.80
N ARG B 662 0.95 -17.20 -3.75
CA ARG B 662 2.40 -17.04 -3.78
C ARG B 662 3.16 -18.25 -4.37
N GLY B 663 2.66 -19.47 -4.07
CA GLY B 663 3.22 -20.75 -4.49
C GLY B 663 3.33 -21.04 -5.98
N ASP B 664 4.03 -22.16 -6.32
CA ASP B 664 4.29 -22.62 -7.69
C ASP B 664 3.85 -24.08 -7.94
N VAL B 665 3.31 -24.35 -9.14
CA VAL B 665 2.86 -25.66 -9.63
C VAL B 665 4.01 -26.38 -10.31
N PHE B 666 4.95 -25.61 -10.89
CA PHE B 666 6.14 -26.15 -11.56
C PHE B 666 7.27 -26.45 -10.57
N ASP B 667 7.03 -26.20 -9.26
CA ASP B 667 7.93 -26.49 -8.13
C ASP B 667 8.13 -28.02 -7.97
N LYS B 671 7.06 -22.91 -2.82
CA LYS B 671 7.25 -23.95 -1.78
C LYS B 671 7.60 -23.39 -0.39
N VAL B 672 8.20 -22.17 -0.34
CA VAL B 672 8.56 -21.50 0.91
C VAL B 672 7.27 -21.06 1.67
N SER B 673 7.23 -21.32 3.00
CA SER B 673 6.09 -20.99 3.85
C SER B 673 6.52 -20.46 5.21
N TYR B 674 5.85 -19.40 5.69
CA TYR B 674 6.10 -18.80 6.99
C TYR B 674 4.87 -18.86 7.89
N LEU B 675 3.94 -19.80 7.59
CA LEU B 675 2.72 -20.01 8.34
C LEU B 675 2.97 -20.90 9.53
N PHE B 676 2.61 -20.43 10.73
CA PHE B 676 2.74 -21.18 11.96
C PHE B 676 1.38 -21.24 12.63
N THR B 677 0.90 -22.43 12.97
CA THR B 677 -0.39 -22.60 13.64
C THR B 677 -0.34 -22.07 15.08
N LEU B 678 -1.28 -21.20 15.44
CA LEU B 678 -1.35 -20.66 16.79
C LEU B 678 -2.41 -21.44 17.58
N LEU B 679 -3.60 -21.59 17.00
CA LEU B 679 -4.73 -22.31 17.59
C LEU B 679 -5.33 -23.20 16.49
N GLU B 680 -5.00 -24.51 16.49
CA GLU B 680 -5.47 -25.42 15.43
C GLU B 680 -6.99 -25.49 15.28
N GLN B 681 -7.71 -25.58 16.42
CA GLN B 681 -9.17 -25.67 16.44
C GLN B 681 -9.86 -24.38 15.97
N GLU B 682 -9.55 -23.22 16.60
CA GLU B 682 -10.17 -21.96 16.17
C GLU B 682 -9.75 -21.58 14.74
N GLY B 683 -8.58 -22.06 14.32
CA GLY B 683 -8.05 -21.82 12.99
C GLY B 683 -7.32 -20.50 12.85
N ILE B 684 -6.53 -20.11 13.87
CA ILE B 684 -5.74 -18.89 13.80
C ILE B 684 -4.28 -19.30 13.52
N TRP B 685 -3.69 -18.68 12.49
CA TRP B 685 -2.31 -18.93 12.06
C TRP B 685 -1.54 -17.63 12.09
N VAL B 686 -0.20 -17.74 12.08
CA VAL B 686 0.74 -16.60 12.17
C VAL B 686 1.64 -16.59 10.91
N ASP B 687 1.40 -15.63 10.00
CA ASP B 687 2.20 -15.52 8.78
C ASP B 687 3.30 -14.50 8.91
N ALA B 688 4.55 -15.02 8.90
CA ALA B 688 5.77 -14.21 9.02
C ALA B 688 6.47 -13.93 7.66
N ALA B 689 5.70 -13.97 6.55
CA ALA B 689 6.17 -13.74 5.18
C ALA B 689 6.72 -12.32 4.90
N ILE B 690 6.10 -11.27 5.50
CA ILE B 690 6.51 -9.87 5.34
C ILE B 690 6.83 -9.31 6.73
N TYR B 691 5.91 -9.47 7.71
CA TYR B 691 6.06 -8.98 9.08
C TYR B 691 6.39 -10.06 10.13
N GLY B 692 7.22 -9.72 11.08
CA GLY B 692 7.60 -10.68 12.11
C GLY B 692 8.93 -10.34 12.77
N ASN B 693 9.80 -11.33 12.90
CA ASN B 693 11.14 -11.17 13.43
C ASN B 693 12.06 -12.26 12.87
N LEU B 694 13.30 -12.34 13.36
CA LEU B 694 14.33 -13.25 12.87
C LEU B 694 13.98 -14.75 13.02
N SER B 695 12.98 -15.08 13.87
CA SER B 695 12.50 -16.44 14.08
C SER B 695 11.92 -17.03 12.78
N ARG B 696 11.54 -16.15 11.85
CA ARG B 696 11.02 -16.55 10.55
C ARG B 696 12.07 -17.30 9.74
N TYR B 697 13.36 -17.14 10.05
CA TYR B 697 14.43 -17.78 9.28
C TYR B 697 14.96 -19.15 9.82
N ILE B 698 14.55 -19.59 11.04
CA ILE B 698 14.97 -20.87 11.68
C ILE B 698 14.53 -22.08 10.82
N ASN B 699 15.47 -22.99 10.48
CA ASN B 699 15.21 -24.16 9.64
C ASN B 699 14.84 -25.45 10.39
N HIS B 700 14.38 -26.46 9.64
CA HIS B 700 13.96 -27.75 10.16
C HIS B 700 15.10 -28.74 10.32
N ALA B 701 14.98 -29.57 11.38
CA ALA B 701 15.82 -30.70 11.78
C ALA B 701 15.09 -31.38 12.94
N THR B 702 14.81 -32.70 12.80
CA THR B 702 14.08 -33.52 13.79
C THR B 702 14.70 -33.37 15.18
N ASP B 703 16.04 -33.53 15.28
CA ASP B 703 16.75 -33.33 16.55
C ASP B 703 17.33 -31.91 16.59
N GLY B 704 16.42 -30.95 16.74
CA GLY B 704 16.76 -29.54 16.85
C GLY B 704 17.35 -29.20 18.19
N ASN B 705 17.72 -27.94 18.37
CA ASN B 705 18.31 -27.45 19.62
C ASN B 705 17.31 -26.60 20.40
N ILE B 706 16.21 -26.18 19.73
CA ILE B 706 15.13 -25.39 20.34
C ILE B 706 13.76 -26.02 20.08
N MET B 707 12.71 -25.51 20.78
CA MET B 707 11.35 -26.05 20.60
C MET B 707 10.19 -25.05 20.82
N PRO B 708 9.27 -24.97 19.84
CA PRO B 708 8.11 -24.06 19.99
C PRO B 708 7.03 -24.54 20.96
N LYS B 709 6.39 -23.58 21.66
CA LYS B 709 5.32 -23.84 22.61
C LYS B 709 4.28 -22.72 22.61
N ILE B 710 3.00 -23.05 22.32
CA ILE B 710 1.86 -22.12 22.35
C ILE B 710 1.59 -21.80 23.83
N MET B 711 1.58 -20.52 24.17
CA MET B 711 1.38 -20.04 25.54
C MET B 711 0.23 -19.04 25.64
N TYR B 712 -0.54 -19.16 26.71
CA TYR B 712 -1.61 -18.23 27.00
C TYR B 712 -0.95 -17.04 27.77
N VAL B 713 -0.85 -15.88 27.13
CA VAL B 713 -0.17 -14.71 27.72
C VAL B 713 -1.16 -13.54 27.89
N ASN B 714 -1.97 -13.61 28.97
CA ASN B 714 -3.00 -12.63 29.32
C ASN B 714 -4.03 -12.49 28.17
N HIS B 715 -4.77 -13.58 27.89
CA HIS B 715 -5.78 -13.69 26.85
C HIS B 715 -5.23 -13.42 25.42
N GLU B 716 -3.93 -13.73 25.23
CA GLU B 716 -3.23 -13.59 23.96
C GLU B 716 -2.49 -14.87 23.72
N TRP B 717 -2.80 -15.58 22.65
CA TRP B 717 -2.08 -16.82 22.37
C TRP B 717 -0.78 -16.47 21.63
N ARG B 718 0.38 -16.92 22.17
CA ARG B 718 1.70 -16.58 21.62
C ARG B 718 2.61 -17.81 21.48
N ILE B 719 3.48 -17.82 20.46
CA ILE B 719 4.45 -18.90 20.18
C ILE B 719 5.85 -18.58 20.77
N LYS B 720 6.36 -19.38 21.73
CA LYS B 720 7.70 -19.19 22.31
C LYS B 720 8.66 -20.30 21.93
N PHE B 721 9.94 -19.96 21.74
CA PHE B 721 10.99 -20.95 21.47
C PHE B 721 11.89 -21.04 22.70
N THR B 722 12.06 -22.26 23.23
CA THR B 722 12.87 -22.54 24.41
C THR B 722 13.98 -23.50 24.00
N ALA B 723 15.18 -23.34 24.59
CA ALA B 723 16.36 -24.20 24.33
C ALA B 723 16.22 -25.61 24.92
N ILE B 724 16.26 -26.60 24.03
CA ILE B 724 16.15 -27.99 24.43
C ILE B 724 17.55 -28.65 24.44
N LYS B 725 18.59 -27.85 24.19
CA LYS B 725 20.01 -28.22 24.17
C LYS B 725 20.87 -27.02 24.61
N ASP B 726 22.18 -27.25 24.79
CA ASP B 726 23.14 -26.20 25.12
C ASP B 726 23.67 -25.66 23.78
N ILE B 727 23.44 -24.37 23.53
CA ILE B 727 23.83 -23.69 22.28
C ILE B 727 25.00 -22.74 22.48
N LYS B 728 26.05 -22.91 21.63
CA LYS B 728 27.25 -22.06 21.60
C LYS B 728 27.09 -21.06 20.45
N ALA B 729 27.67 -19.86 20.56
CA ALA B 729 27.58 -18.84 19.51
C ALA B 729 28.15 -19.36 18.19
N GLY B 730 27.55 -18.96 17.07
CA GLY B 730 27.92 -19.38 15.72
C GLY B 730 27.20 -20.62 15.23
N GLU B 731 26.56 -21.38 16.17
CA GLU B 731 25.78 -22.59 15.85
C GLU B 731 24.45 -22.20 15.20
N GLU B 732 23.91 -23.09 14.35
CA GLU B 732 22.63 -22.87 13.68
C GLU B 732 21.46 -23.42 14.51
N LEU B 733 20.44 -22.58 14.70
CA LEU B 733 19.23 -22.91 15.44
C LEU B 733 18.27 -23.70 14.55
N PHE B 734 17.68 -24.78 15.11
CA PHE B 734 16.76 -25.71 14.43
C PHE B 734 15.66 -26.20 15.35
N PHE B 735 14.50 -26.57 14.76
CA PHE B 735 13.39 -27.17 15.50
C PHE B 735 12.60 -28.11 14.60
N ASN B 736 11.93 -29.14 15.19
CA ASN B 736 11.09 -30.05 14.44
C ASN B 736 9.77 -29.33 14.08
N TYR B 737 9.62 -29.00 12.79
CA TYR B 737 8.49 -28.28 12.21
C TYR B 737 7.11 -28.88 12.49
N GLY B 738 7.06 -30.19 12.66
CA GLY B 738 5.80 -30.87 12.92
C GLY B 738 5.33 -31.67 11.74
N ASP B 739 4.22 -32.39 11.96
CA ASP B 739 3.59 -33.31 11.00
C ASP B 739 2.48 -32.63 10.18
N ASN B 740 2.80 -31.45 9.61
CA ASN B 740 1.92 -30.64 8.75
C ASN B 740 2.69 -29.98 7.61
N PHE B 741 4.04 -29.92 7.73
CA PHE B 741 4.96 -29.40 6.71
C PHE B 741 5.44 -30.62 5.89
N PRO B 742 5.52 -30.55 4.55
CA PRO B 742 5.85 -31.75 3.77
C PRO B 742 7.35 -32.10 3.65
N ASN B 743 7.98 -31.78 2.48
CA ASN B 743 9.38 -32.10 2.17
C ASN B 743 10.37 -31.30 3.01
N LEU B 744 11.08 -32.00 3.92
CA LEU B 744 12.09 -31.41 4.82
C LEU B 744 13.26 -32.38 4.99
N THR B 745 14.43 -32.04 4.40
CA THR B 745 15.64 -32.87 4.40
C THR B 745 16.95 -32.11 4.72
N LYS B 746 17.74 -32.66 5.66
CA LYS B 746 19.05 -32.17 6.10
C LYS B 746 20.07 -32.29 4.95
N THR B 778 -7.94 -26.46 1.56
CA THR B 778 -7.72 -26.63 3.00
C THR B 778 -6.28 -27.02 3.35
N LYS B 779 -5.55 -27.66 2.41
CA LYS B 779 -4.17 -28.10 2.62
C LYS B 779 -3.15 -26.98 2.37
N ALA B 780 -2.50 -26.54 3.48
CA ALA B 780 -1.47 -25.51 3.52
C ALA B 780 -0.26 -26.03 4.34
N ALA B 781 0.98 -25.82 3.83
CA ALA B 781 2.21 -26.24 4.50
C ALA B 781 2.41 -25.34 5.71
N ARG B 782 2.18 -25.92 6.90
CA ARG B 782 2.25 -25.13 8.13
C ARG B 782 3.06 -25.76 9.23
N MET B 783 3.90 -24.94 9.85
CA MET B 783 4.72 -25.32 10.99
C MET B 783 3.78 -25.39 12.19
N SER B 784 4.06 -26.32 13.11
CA SER B 784 3.22 -26.51 14.29
C SER B 784 4.09 -26.73 15.54
N ALA B 785 3.45 -26.97 16.70
CA ALA B 785 4.09 -27.28 18.01
C ALA B 785 3.53 -28.63 18.52
N PRO B 786 4.25 -29.39 19.41
CA PRO B 786 3.69 -30.69 19.88
C PRO B 786 2.49 -30.58 20.83
N LYS B 787 1.45 -31.41 20.61
CA LYS B 787 0.22 -31.40 21.43
C LYS B 787 -0.04 -32.75 22.11
N PRO B 797 26.36 -3.93 22.63
CA PRO B 797 26.89 -4.75 23.73
C PRO B 797 27.58 -6.04 23.27
N LEU B 798 27.06 -6.64 22.18
CA LEU B 798 27.52 -7.91 21.62
C LEU B 798 28.26 -7.77 20.28
N LEU B 799 28.88 -8.87 19.83
CA LEU B 799 29.68 -8.94 18.61
C LEU B 799 29.28 -10.10 17.68
N VAL B 800 29.63 -9.99 16.39
CA VAL B 800 29.37 -10.99 15.34
C VAL B 800 30.16 -12.28 15.67
N PRO B 801 29.48 -13.44 15.83
CA PRO B 801 30.21 -14.67 16.20
C PRO B 801 31.09 -15.27 15.09
N LYS B 802 32.02 -16.15 15.52
CA LYS B 802 32.94 -16.87 14.65
C LYS B 802 32.19 -18.06 14.06
N THR B 803 31.98 -18.03 12.73
CA THR B 803 31.24 -19.04 11.97
C THR B 803 31.75 -19.22 10.55
N THR B 804 31.70 -20.47 10.08
CA THR B 804 32.11 -20.93 8.74
C THR B 804 31.23 -20.37 7.63
N GLN B 805 29.95 -20.14 7.93
CA GLN B 805 28.94 -19.64 7.01
C GLN B 805 28.84 -18.11 6.99
N PRO B 806 28.48 -17.47 5.83
CA PRO B 806 28.36 -16.01 5.81
C PRO B 806 27.11 -15.51 6.54
N LEU B 807 27.28 -14.42 7.31
CA LEU B 807 26.22 -13.76 8.09
C LEU B 807 25.90 -12.38 7.52
N PHE B 808 24.60 -12.05 7.40
CA PHE B 808 24.13 -10.79 6.83
C PHE B 808 23.32 -9.96 7.81
N ASP B 809 23.33 -8.63 7.61
CA ASP B 809 22.53 -7.67 8.35
C ASP B 809 21.07 -7.87 7.84
N PRO B 810 20.07 -7.92 8.74
CA PRO B 810 18.68 -8.14 8.27
C PRO B 810 18.09 -7.04 7.40
N LEU B 811 18.60 -5.80 7.49
CA LEU B 811 18.00 -4.74 6.69
C LEU B 811 18.79 -4.38 5.44
N SER B 812 20.07 -4.00 5.62
CA SER B 812 20.97 -3.62 4.54
C SER B 812 21.40 -4.80 3.68
N LYS B 813 21.45 -6.02 4.26
CA LYS B 813 21.86 -7.26 3.59
C LYS B 813 23.35 -7.28 3.27
N VAL B 814 24.11 -6.40 3.96
CA VAL B 814 25.55 -6.30 3.86
C VAL B 814 26.17 -7.42 4.71
N GLN B 815 27.19 -8.11 4.19
CA GLN B 815 27.82 -9.23 4.90
C GLN B 815 28.66 -8.77 6.12
N LEU B 816 28.21 -9.19 7.31
CA LEU B 816 28.87 -8.84 8.56
C LEU B 816 30.12 -9.72 8.72
N LEU B 817 31.23 -9.12 9.18
CA LEU B 817 32.49 -9.86 9.37
C LEU B 817 32.70 -10.17 10.87
N PRO B 818 33.18 -11.39 11.25
CA PRO B 818 33.30 -11.72 12.68
C PRO B 818 34.16 -10.74 13.49
N GLY B 819 33.72 -10.45 14.70
CA GLY B 819 34.37 -9.52 15.61
C GLY B 819 33.72 -8.16 15.65
N GLN B 820 33.04 -7.77 14.56
CA GLN B 820 32.33 -6.48 14.45
C GLN B 820 31.16 -6.42 15.46
N PRO B 821 30.71 -5.22 15.92
CA PRO B 821 29.58 -5.19 16.85
C PRO B 821 28.30 -5.68 16.17
N LEU B 822 27.64 -6.67 16.81
CA LEU B 822 26.41 -7.32 16.33
C LEU B 822 25.30 -6.30 16.21
N PRO B 823 24.75 -6.09 14.99
CA PRO B 823 23.69 -5.07 14.82
C PRO B 823 22.40 -5.39 15.56
N GLN B 824 21.83 -4.36 16.22
CA GLN B 824 20.59 -4.45 16.97
C GLN B 824 19.78 -3.22 16.65
N HIS B 825 19.02 -3.31 15.53
CA HIS B 825 18.19 -2.23 14.99
C HIS B 825 16.86 -2.17 15.72
N PRO B 826 16.49 -0.96 16.20
CA PRO B 826 15.24 -0.83 16.95
C PRO B 826 14.03 -0.83 16.03
N ILE B 827 12.98 -1.56 16.46
CA ILE B 827 11.72 -1.71 15.74
C ILE B 827 11.04 -0.35 15.49
N ASP B 828 10.88 -0.02 14.20
CA ASP B 828 10.20 1.17 13.71
C ASP B 828 8.71 0.79 13.54
N ASP B 829 7.85 1.43 14.34
CA ASP B 829 6.41 1.19 14.37
C ASP B 829 5.59 2.26 13.64
N SER B 830 6.21 3.38 13.28
CA SER B 830 5.56 4.52 12.62
C SER B 830 4.50 4.12 11.58
N TRP B 831 4.84 3.20 10.63
CA TRP B 831 3.94 2.75 9.56
C TRP B 831 2.70 2.03 10.13
N LEU B 832 2.90 1.27 11.22
CA LEU B 832 1.87 0.53 11.92
C LEU B 832 1.00 1.51 12.72
N LEU B 833 1.62 2.55 13.31
CA LEU B 833 0.85 3.58 14.02
C LEU B 833 -0.01 4.34 13.00
N LEU B 834 0.57 4.65 11.82
CA LEU B 834 -0.12 5.33 10.73
C LEU B 834 -1.31 4.51 10.29
N LYS B 835 -1.11 3.17 10.09
CA LYS B 835 -2.18 2.25 9.66
C LYS B 835 -3.38 2.34 10.61
N HIS B 836 -3.12 2.35 11.92
CA HIS B 836 -4.13 2.46 12.97
C HIS B 836 -4.81 3.83 13.02
N ARG B 837 -4.07 4.96 12.84
CA ARG B 837 -4.67 6.32 12.85
C ARG B 837 -5.70 6.49 11.74
N ASP B 838 -5.34 5.99 10.56
CA ASP B 838 -6.13 6.04 9.35
C ASP B 838 -7.37 5.18 9.47
N ASN B 839 -7.26 3.96 10.06
CA ASN B 839 -8.43 3.08 10.25
C ASN B 839 -9.53 3.83 10.98
N LEU B 840 -9.20 4.49 12.11
CA LEU B 840 -10.12 5.30 12.89
C LEU B 840 -10.71 6.43 12.06
N GLN B 841 -9.86 7.14 11.29
CA GLN B 841 -10.25 8.25 10.43
C GLN B 841 -11.32 7.83 9.39
N ASP B 842 -11.20 6.60 8.85
CA ASP B 842 -12.11 6.01 7.87
C ASP B 842 -13.48 5.61 8.47
N PHE B 843 -13.66 5.70 9.80
CA PHE B 843 -14.95 5.36 10.40
C PHE B 843 -15.97 6.45 10.16
N ILE B 844 -17.13 6.08 9.57
CA ILE B 844 -18.15 7.08 9.29
C ILE B 844 -18.87 7.56 10.58
N ASP B 845 -19.39 6.63 11.39
CA ASP B 845 -20.16 6.91 12.61
C ASP B 845 -19.31 7.33 13.82
N LEU B 846 -18.15 7.94 13.54
CA LEU B 846 -17.26 8.54 14.53
C LEU B 846 -17.21 10.02 14.17
N ARG B 847 -17.60 10.89 15.09
CA ARG B 847 -17.64 12.34 14.89
C ARG B 847 -16.22 12.92 14.96
N PRO B 848 -15.87 13.94 14.14
CA PRO B 848 -14.49 14.50 14.18
C PRO B 848 -13.86 14.68 15.56
N GLU B 849 -14.63 15.19 16.54
CA GLU B 849 -14.22 15.47 17.93
C GLU B 849 -13.77 14.20 18.63
N GLU B 850 -14.48 13.08 18.37
CA GLU B 850 -14.24 11.74 18.93
C GLU B 850 -12.92 11.20 18.38
N LYS B 851 -12.79 11.16 17.02
CA LYS B 851 -11.62 10.72 16.27
C LYS B 851 -10.36 11.41 16.77
N GLU B 852 -10.41 12.74 17.02
CA GLU B 852 -9.24 13.49 17.50
C GLU B 852 -8.67 12.90 18.78
N PHE B 853 -9.53 12.62 19.81
CA PHE B 853 -9.04 12.04 21.07
C PHE B 853 -8.65 10.59 20.92
N LEU B 854 -9.49 9.80 20.23
CA LEU B 854 -9.25 8.37 19.99
C LEU B 854 -7.92 8.14 19.27
N GLN B 855 -7.61 8.97 18.26
CA GLN B 855 -6.35 8.88 17.53
C GLN B 855 -5.14 9.25 18.38
N GLU B 856 -5.31 10.20 19.33
CA GLU B 856 -4.26 10.67 20.23
C GLU B 856 -3.98 9.68 21.35
N TRP B 857 -5.03 9.09 21.93
CA TRP B 857 -4.91 8.10 22.99
C TRP B 857 -4.22 6.85 22.42
N ASP B 858 -4.71 6.35 21.26
CA ASP B 858 -4.17 5.18 20.60
C ASP B 858 -2.76 5.35 20.11
N ALA B 859 -2.41 6.52 19.53
CA ALA B 859 -1.05 6.81 19.10
C ALA B 859 -0.08 6.56 20.28
N PHE B 860 -0.50 7.03 21.47
CA PHE B 860 0.24 6.92 22.72
C PHE B 860 0.26 5.51 23.25
N ILE B 861 -0.92 4.87 23.39
CA ILE B 861 -1.03 3.58 24.08
C ILE B 861 -0.52 2.36 23.27
N LEU B 862 -0.71 2.31 21.92
CA LEU B 862 -0.23 1.23 21.06
C LEU B 862 1.31 1.04 21.15
N ARG B 863 2.01 2.09 21.58
CA ARG B 863 3.46 2.09 21.75
C ARG B 863 3.89 1.29 22.99
N ARG B 864 3.01 1.22 24.02
CA ARG B 864 3.36 0.55 25.28
C ARG B 864 3.04 -0.96 25.29
N HIS B 865 2.33 -1.47 24.26
CA HIS B 865 1.94 -2.89 24.12
C HIS B 865 1.33 -3.50 25.40
N ILE B 866 0.50 -2.73 26.13
CA ILE B 866 -0.14 -3.18 27.37
C ILE B 866 -0.91 -4.49 27.13
N SER B 867 -0.78 -5.45 28.04
CA SER B 867 -1.42 -6.76 27.96
C SER B 867 -2.03 -7.13 29.33
N SER B 868 -1.62 -6.40 30.38
CA SER B 868 -2.11 -6.55 31.75
C SER B 868 -2.58 -5.19 32.27
N GLU B 869 -3.75 -5.17 32.94
CA GLU B 869 -4.36 -3.97 33.55
C GLU B 869 -3.47 -3.35 34.63
N GLN B 870 -2.51 -4.17 35.14
CA GLN B 870 -1.51 -3.87 36.16
C GLN B 870 -0.64 -2.68 35.80
N TYR B 871 -0.47 -2.41 34.50
CA TYR B 871 0.36 -1.28 34.09
C TYR B 871 -0.45 -0.12 33.47
N LEU B 872 -1.80 -0.26 33.34
CA LEU B 872 -2.61 0.85 32.82
C LEU B 872 -2.48 2.10 33.70
N PRO B 873 -2.62 2.02 35.08
CA PRO B 873 -2.51 3.24 35.90
C PRO B 873 -1.25 4.06 35.62
N ARG B 874 -0.07 3.40 35.59
CA ARG B 874 1.22 4.02 35.27
C ARG B 874 1.14 4.79 33.95
N TYR B 875 0.82 4.06 32.86
CA TYR B 875 0.72 4.57 31.51
C TYR B 875 -0.40 5.57 31.31
N PHE B 876 -1.42 5.57 32.19
CA PHE B 876 -2.52 6.51 32.13
C PHE B 876 -2.05 7.86 32.64
N LEU B 877 -1.26 7.83 33.73
CA LEU B 877 -0.72 9.03 34.35
C LEU B 877 0.30 9.70 33.47
N ARG B 878 1.07 8.91 32.69
CA ARG B 878 2.04 9.43 31.73
C ARG B 878 1.31 10.22 30.62
N PHE B 879 0.15 9.72 30.16
CA PHE B 879 -0.67 10.36 29.12
C PHE B 879 -1.29 11.65 29.64
N VAL B 880 -1.90 11.60 30.84
CA VAL B 880 -2.55 12.76 31.43
C VAL B 880 -1.50 13.85 31.79
N ARG B 881 -0.21 13.46 31.91
CA ARG B 881 0.90 14.37 32.18
C ARG B 881 1.48 14.94 30.86
N GLU B 882 1.86 14.06 29.91
CA GLU B 882 2.46 14.44 28.62
C GLU B 882 1.53 15.29 27.74
N LYS B 883 0.22 14.99 27.74
CA LYS B 883 -0.77 15.67 26.90
C LYS B 883 -1.59 16.68 27.71
N ALA B 884 -1.20 16.95 28.99
CA ALA B 884 -1.87 17.87 29.92
C ALA B 884 -2.26 19.20 29.30
N ASP B 885 -1.34 19.84 28.58
CA ASP B 885 -1.55 21.13 27.91
C ASP B 885 -2.50 21.01 26.72
N TRP B 886 -2.42 19.89 25.97
CA TRP B 886 -3.25 19.56 24.79
C TRP B 886 -4.71 19.35 25.19
N LEU B 887 -4.92 18.66 26.35
CA LEU B 887 -6.21 18.32 26.94
C LEU B 887 -7.03 19.52 27.44
N VAL B 888 -6.35 20.53 28.05
CA VAL B 888 -7.01 21.74 28.56
C VAL B 888 -7.39 22.72 27.42
N SER B 889 -6.55 22.80 26.38
CA SER B 889 -6.69 23.67 25.20
C SER B 889 -7.99 23.51 24.36
N LYS B 890 -8.75 22.42 24.53
CA LYS B 890 -10.00 22.26 23.78
C LYS B 890 -11.15 21.73 24.62
N ARG B 891 -12.38 22.15 24.26
CA ARG B 891 -13.63 21.77 24.94
C ARG B 891 -13.93 20.30 24.70
N SER B 892 -13.82 19.86 23.42
CA SER B 892 -14.09 18.48 23.02
C SER B 892 -13.15 17.48 23.71
N ARG B 893 -11.85 17.82 23.76
CA ARG B 893 -10.79 16.99 24.32
C ARG B 893 -11.00 16.61 25.76
N GLY B 894 -11.54 17.51 26.57
CA GLY B 894 -11.84 17.25 27.98
C GLY B 894 -13.00 16.27 28.11
N GLU B 895 -14.09 16.57 27.37
CA GLU B 895 -15.33 15.79 27.28
C GLU B 895 -15.01 14.35 26.85
N GLU B 896 -14.24 14.20 25.76
CA GLU B 896 -13.84 12.90 25.22
C GLU B 896 -12.97 12.15 26.22
N PHE B 897 -11.97 12.83 26.81
CA PHE B 897 -11.08 12.25 27.82
C PHE B 897 -11.86 11.69 29.00
N SER B 898 -12.90 12.43 29.48
CA SER B 898 -13.75 11.99 30.58
C SER B 898 -14.53 10.73 30.24
N LYS B 899 -14.96 10.57 28.96
CA LYS B 899 -15.70 9.38 28.50
C LYS B 899 -14.82 8.14 28.66
N LEU B 900 -13.53 8.26 28.26
CA LEU B 900 -12.52 7.21 28.39
C LEU B 900 -12.32 6.85 29.86
N VAL B 901 -12.16 7.87 30.73
CA VAL B 901 -11.97 7.75 32.17
C VAL B 901 -13.17 7.06 32.83
N ALA B 902 -14.40 7.40 32.37
CA ALA B 902 -15.68 6.82 32.83
C ALA B 902 -15.75 5.32 32.55
N THR B 903 -15.43 4.92 31.30
CA THR B 903 -15.44 3.53 30.85
C THR B 903 -14.45 2.69 31.69
N LEU B 904 -13.24 3.22 31.90
CA LEU B 904 -12.22 2.54 32.68
C LEU B 904 -12.59 2.42 34.17
N LEU B 905 -13.31 3.44 34.68
CA LEU B 905 -13.79 3.45 36.07
C LEU B 905 -14.90 2.42 36.24
N ALA B 906 -15.90 2.45 35.33
CA ALA B 906 -17.02 1.51 35.33
C ALA B 906 -16.50 0.07 35.33
N ARG B 907 -15.44 -0.17 34.52
CA ARG B 907 -14.76 -1.46 34.38
C ARG B 907 -13.95 -1.86 35.61
N ARG B 908 -13.74 -0.93 36.57
CA ARG B 908 -12.91 -1.11 37.79
C ARG B 908 -11.51 -1.53 37.34
N VAL B 909 -11.01 -0.84 36.30
CA VAL B 909 -9.70 -1.10 35.71
C VAL B 909 -8.76 0.07 35.98
N LEU B 910 -9.36 1.23 36.31
CA LEU B 910 -8.70 2.48 36.64
C LEU B 910 -8.98 2.80 38.11
N PRO B 911 -7.94 2.90 38.96
CA PRO B 911 -8.18 3.16 40.40
C PRO B 911 -8.73 4.55 40.71
N GLU B 912 -9.24 4.76 41.95
CA GLU B 912 -9.80 6.04 42.41
C GLU B 912 -8.69 7.10 42.53
N ARG B 913 -7.54 6.72 43.14
CA ARG B 913 -6.35 7.55 43.40
C ARG B 913 -5.74 8.18 42.14
N VAL B 914 -5.88 7.48 41.02
CA VAL B 914 -5.38 7.87 39.70
C VAL B 914 -6.31 8.94 39.09
N VAL B 915 -7.61 8.94 39.47
CA VAL B 915 -8.61 9.91 38.98
C VAL B 915 -8.36 11.29 39.61
N ILE B 916 -8.11 11.32 40.94
CA ILE B 916 -7.83 12.57 41.67
C ILE B 916 -6.44 13.12 41.34
N GLU B 917 -5.47 12.24 41.00
CA GLU B 917 -4.11 12.67 40.61
C GLU B 917 -4.21 13.35 39.24
N ALA B 918 -5.08 12.82 38.36
CA ALA B 918 -5.37 13.34 37.02
C ALA B 918 -6.12 14.67 37.16
N THR B 919 -6.92 14.84 38.25
CA THR B 919 -7.67 16.07 38.54
C THR B 919 -6.66 17.19 38.77
N GLN B 920 -5.66 16.90 39.62
CA GLN B 920 -4.59 17.80 40.03
C GLN B 920 -3.66 18.20 38.87
N VAL B 921 -3.41 17.30 37.90
CA VAL B 921 -2.51 17.63 36.79
C VAL B 921 -3.23 18.47 35.73
N LEU B 922 -4.57 18.35 35.65
CA LEU B 922 -5.40 19.09 34.68
C LEU B 922 -5.65 20.52 35.12
N ASN B 923 -5.97 20.73 36.42
CA ASN B 923 -6.21 22.08 36.93
C ASN B 923 -4.90 22.89 36.96
N ASP B 924 -3.75 22.21 37.19
CA ASP B 924 -2.42 22.84 37.18
C ASP B 924 -2.02 23.20 35.74
N ALA B 925 -2.50 22.42 34.76
CA ALA B 925 -2.27 22.68 33.34
C ALA B 925 -3.11 23.86 32.85
N ARG B 926 -4.31 24.06 33.46
CA ARG B 926 -5.23 25.16 33.14
C ARG B 926 -4.85 26.42 33.91
N GLY B 927 -4.19 26.21 35.05
CA GLY B 927 -3.67 27.26 35.91
C GLY B 927 -2.49 27.95 35.28
N ARG B 928 -1.88 27.32 34.25
CA ARG B 928 -0.75 27.82 33.49
C ARG B 928 -1.21 28.34 32.12
N LEU B 929 -2.47 28.06 31.74
CA LEU B 929 -3.07 28.50 30.48
C LEU B 929 -3.49 29.97 30.63
N ARG B 930 -4.01 30.33 31.82
CA ARG B 930 -4.40 31.70 32.11
C ARG B 930 -3.18 32.55 32.52
N GLU B 931 -2.15 31.91 33.12
CA GLU B 931 -0.89 32.57 33.52
C GLU B 931 -0.12 33.17 32.32
N GLN B 932 -0.39 32.67 31.10
CA GLN B 932 0.22 33.11 29.84
C GLN B 932 -0.67 32.72 28.62
N GLY B 933 -1.66 33.57 28.33
CA GLY B 933 -2.60 33.37 27.23
C GLY B 933 -3.33 34.64 26.82
N ALA C 3 -3.76 -15.90 -22.19
CA ALA C 3 -2.55 -16.20 -21.44
C ALA C 3 -1.33 -15.42 -21.97
N ALA C 4 -0.48 -14.86 -21.07
CA ALA C 4 0.70 -14.01 -21.35
C ALA C 4 2.02 -14.75 -21.72
N ARG C 5 2.90 -14.05 -22.47
CA ARG C 5 4.21 -14.54 -22.95
C ARG C 5 5.27 -13.42 -22.96
N SER C 7 8.88 -14.18 -23.94
CA SER C 7 9.81 -14.43 -25.02
C SER C 7 9.13 -14.52 -26.39
N ALA C 8 9.84 -14.13 -27.47
CA ALA C 8 9.33 -14.13 -28.83
C ALA C 8 9.40 -15.53 -29.48
N PRO C 9 8.35 -15.97 -30.24
CA PRO C 9 8.40 -17.31 -30.85
C PRO C 9 9.31 -17.43 -32.08
N ALA C 10 10.20 -18.44 -32.09
CA ALA C 10 11.15 -18.71 -33.19
C ALA C 10 10.70 -19.88 -34.05
#